data_3K29
# 
_entry.id   3K29 
# 
_audit_conform.dict_name       mmcif_pdbx.dic 
_audit_conform.dict_version    5.399 
_audit_conform.dict_location   http://mmcif.pdb.org/dictionaries/ascii/mmcif_pdbx.dic 
# 
loop_
_database_2.database_id 
_database_2.database_code 
_database_2.pdbx_database_accession 
_database_2.pdbx_DOI 
PDB   3K29         pdb_00003k29 10.2210/pdb3k29/pdb 
RCSB  RCSB055454   ?            ?                   
WWPDB D_1000055454 ?            ?                   
# 
loop_
_pdbx_audit_revision_history.ordinal 
_pdbx_audit_revision_history.data_content_type 
_pdbx_audit_revision_history.major_revision 
_pdbx_audit_revision_history.minor_revision 
_pdbx_audit_revision_history.revision_date 
1 'Structure model' 1 0 2009-10-13 
2 'Structure model' 1 1 2011-07-13 
3 'Structure model' 1 2 2017-11-01 
4 'Structure model' 1 3 2024-11-20 
# 
_pdbx_audit_revision_details.ordinal             1 
_pdbx_audit_revision_details.revision_ordinal    1 
_pdbx_audit_revision_details.data_content_type   'Structure model' 
_pdbx_audit_revision_details.provider            repository 
_pdbx_audit_revision_details.type                'Initial release' 
_pdbx_audit_revision_details.description         ? 
_pdbx_audit_revision_details.details             ? 
# 
loop_
_pdbx_audit_revision_group.ordinal 
_pdbx_audit_revision_group.revision_ordinal 
_pdbx_audit_revision_group.data_content_type 
_pdbx_audit_revision_group.group 
1 2 'Structure model' Advisory                    
2 2 'Structure model' 'Version format compliance' 
3 3 'Structure model' 'Refinement description'    
4 4 'Structure model' 'Data collection'           
5 4 'Structure model' 'Database references'       
6 4 'Structure model' 'Derived calculations'      
7 4 'Structure model' 'Structure summary'         
# 
loop_
_pdbx_audit_revision_category.ordinal 
_pdbx_audit_revision_category.revision_ordinal 
_pdbx_audit_revision_category.data_content_type 
_pdbx_audit_revision_category.category 
1 3 'Structure model' software                  
2 4 'Structure model' chem_comp_atom            
3 4 'Structure model' chem_comp_bond            
4 4 'Structure model' database_2                
5 4 'Structure model' pdbx_entry_details        
6 4 'Structure model' pdbx_modification_feature 
7 4 'Structure model' struct_conn               
8 4 'Structure model' struct_ref_seq_dif        
# 
loop_
_pdbx_audit_revision_item.ordinal 
_pdbx_audit_revision_item.revision_ordinal 
_pdbx_audit_revision_item.data_content_type 
_pdbx_audit_revision_item.item 
1 4 'Structure model' '_database_2.pdbx_DOI'                
2 4 'Structure model' '_database_2.pdbx_database_accession' 
3 4 'Structure model' '_struct_conn.pdbx_leaving_atom_flag' 
4 4 'Structure model' '_struct_ref_seq_dif.details'         
# 
_pdbx_database_status.entry_id                        3K29 
_pdbx_database_status.deposit_site                    RCSB 
_pdbx_database_status.process_site                    RCSB 
_pdbx_database_status.recvd_initial_deposition_date   2009-09-29 
_pdbx_database_status.status_code                     REL 
_pdbx_database_status.status_code_sf                  REL 
_pdbx_database_status.status_code_mr                  ? 
_pdbx_database_status.SG_entry                        Y 
_pdbx_database_status.pdb_format_compatible           Y 
_pdbx_database_status.status_code_cs                  ? 
_pdbx_database_status.methods_development_category    ? 
_pdbx_database_status.status_code_nmr_data            ? 
# 
_pdbx_database_related.db_name        TargetDB 
_pdbx_database_related.db_id          IDP90225 
_pdbx_database_related.details        . 
_pdbx_database_related.content_type   unspecified 
# 
loop_
_audit_author.name 
_audit_author.pdbx_ordinal 
'Lam, R.'                                                       1  
'Singer, A.'                                                    2  
'Skarina, T.'                                                   3  
'Onopriyenko, O.'                                               4  
'Bochkarev, A.'                                                 5  
'Brunzelle, J.S.'                                               6  
'Edwards, A.M.'                                                 7  
'Anderson, W.F.'                                                8  
'Chirgadze, N.Y.'                                               9  
'Savchenko, A.'                                                 10 
'Center for Structural Genomics of Infectious Diseases (CSGID)' 11 
# 
_citation.id                        primary 
_citation.title                     
'Structure and protein-protein interaction studies on Chlamydia trachomatis protein CT670 (YscO Homolog).' 
_citation.journal_abbrev            J.Bacteriol. 
_citation.journal_volume            192 
_citation.page_first                2746 
_citation.page_last                 2756 
_citation.year                      2010 
_citation.journal_id_ASTM           JOBAAY 
_citation.country                   US 
_citation.journal_id_ISSN           0021-9193 
_citation.journal_id_CSD            0767 
_citation.book_publisher            ? 
_citation.pdbx_database_id_PubMed   20348249 
_citation.pdbx_database_id_DOI      10.1128/JB.01479-09 
# 
loop_
_citation_author.citation_id 
_citation_author.name 
_citation_author.ordinal 
_citation_author.identifier_ORCID 
primary 'Lorenzini, E.'   1 ? 
primary 'Singer, A.'      2 ? 
primary 'Singh, B.'       3 ? 
primary 'Lam, R.'         4 ? 
primary 'Skarina, T.'     5 ? 
primary 'Chirgadze, N.Y.' 6 ? 
primary 'Savchenko, A.'   7 ? 
primary 'Gupta, R.S.'     8 ? 
# 
loop_
_entity.id 
_entity.type 
_entity.src_method 
_entity.pdbx_description 
_entity.formula_weight 
_entity.pdbx_number_of_molecules 
_entity.pdbx_ec 
_entity.pdbx_mutation 
_entity.pdbx_fragment 
_entity.details 
1 polymer man 'Putative uncharacterized protein' 20623.805 1  ? ? ? ? 
2 water   nat water                              18.015    51 ? ? ? ? 
# 
_entity_poly.entity_id                      1 
_entity_poly.type                           'polypeptide(L)' 
_entity_poly.nstd_linkage                   no 
_entity_poly.nstd_monomer                   yes 
_entity_poly.pdbx_seq_one_letter_code       
;G(MSE)VRYPLEPVLSIKKDRVDRAEKVVKEKRRLLELEQEKLRERESERDKVKNHY(MSE)QKIRQLREQLDDGTTSDA
ILK(MSE)KAYIKVVAIQLSEEEEKVNKQKENVLAASKELERAEVELTKRRKEEEKTRLHKEEW(MSE)KEALKEEARQE
EKEQDE(MSE)GQLLHQLHKQKQRESGEN
;
_entity_poly.pdbx_seq_one_letter_code_can   
;GMVRYPLEPVLSIKKDRVDRAEKVVKEKRRLLELEQEKLRERESERDKVKNHYMQKIRQLREQLDDGTTSDAILKMKAYI
KVVAIQLSEEEEKVNKQKENVLAASKELERAEVELTKRRKEEEKTRLHKEEWMKEALKEEARQEEKEQDEMGQLLHQLHK
QKQRESGEN
;
_entity_poly.pdbx_strand_id                 A 
_entity_poly.pdbx_target_identifier         IDP90225 
# 
_pdbx_entity_nonpoly.entity_id   2 
_pdbx_entity_nonpoly.name        water 
_pdbx_entity_nonpoly.comp_id     HOH 
# 
loop_
_entity_poly_seq.entity_id 
_entity_poly_seq.num 
_entity_poly_seq.mon_id 
_entity_poly_seq.hetero 
1 1   GLY n 
1 2   MSE n 
1 3   VAL n 
1 4   ARG n 
1 5   TYR n 
1 6   PRO n 
1 7   LEU n 
1 8   GLU n 
1 9   PRO n 
1 10  VAL n 
1 11  LEU n 
1 12  SER n 
1 13  ILE n 
1 14  LYS n 
1 15  LYS n 
1 16  ASP n 
1 17  ARG n 
1 18  VAL n 
1 19  ASP n 
1 20  ARG n 
1 21  ALA n 
1 22  GLU n 
1 23  LYS n 
1 24  VAL n 
1 25  VAL n 
1 26  LYS n 
1 27  GLU n 
1 28  LYS n 
1 29  ARG n 
1 30  ARG n 
1 31  LEU n 
1 32  LEU n 
1 33  GLU n 
1 34  LEU n 
1 35  GLU n 
1 36  GLN n 
1 37  GLU n 
1 38  LYS n 
1 39  LEU n 
1 40  ARG n 
1 41  GLU n 
1 42  ARG n 
1 43  GLU n 
1 44  SER n 
1 45  GLU n 
1 46  ARG n 
1 47  ASP n 
1 48  LYS n 
1 49  VAL n 
1 50  LYS n 
1 51  ASN n 
1 52  HIS n 
1 53  TYR n 
1 54  MSE n 
1 55  GLN n 
1 56  LYS n 
1 57  ILE n 
1 58  ARG n 
1 59  GLN n 
1 60  LEU n 
1 61  ARG n 
1 62  GLU n 
1 63  GLN n 
1 64  LEU n 
1 65  ASP n 
1 66  ASP n 
1 67  GLY n 
1 68  THR n 
1 69  THR n 
1 70  SER n 
1 71  ASP n 
1 72  ALA n 
1 73  ILE n 
1 74  LEU n 
1 75  LYS n 
1 76  MSE n 
1 77  LYS n 
1 78  ALA n 
1 79  TYR n 
1 80  ILE n 
1 81  LYS n 
1 82  VAL n 
1 83  VAL n 
1 84  ALA n 
1 85  ILE n 
1 86  GLN n 
1 87  LEU n 
1 88  SER n 
1 89  GLU n 
1 90  GLU n 
1 91  GLU n 
1 92  GLU n 
1 93  LYS n 
1 94  VAL n 
1 95  ASN n 
1 96  LYS n 
1 97  GLN n 
1 98  LYS n 
1 99  GLU n 
1 100 ASN n 
1 101 VAL n 
1 102 LEU n 
1 103 ALA n 
1 104 ALA n 
1 105 SER n 
1 106 LYS n 
1 107 GLU n 
1 108 LEU n 
1 109 GLU n 
1 110 ARG n 
1 111 ALA n 
1 112 GLU n 
1 113 VAL n 
1 114 GLU n 
1 115 LEU n 
1 116 THR n 
1 117 LYS n 
1 118 ARG n 
1 119 ARG n 
1 120 LYS n 
1 121 GLU n 
1 122 GLU n 
1 123 GLU n 
1 124 LYS n 
1 125 THR n 
1 126 ARG n 
1 127 LEU n 
1 128 HIS n 
1 129 LYS n 
1 130 GLU n 
1 131 GLU n 
1 132 TRP n 
1 133 MSE n 
1 134 LYS n 
1 135 GLU n 
1 136 ALA n 
1 137 LEU n 
1 138 LYS n 
1 139 GLU n 
1 140 GLU n 
1 141 ALA n 
1 142 ARG n 
1 143 GLN n 
1 144 GLU n 
1 145 GLU n 
1 146 LYS n 
1 147 GLU n 
1 148 GLN n 
1 149 ASP n 
1 150 GLU n 
1 151 MSE n 
1 152 GLY n 
1 153 GLN n 
1 154 LEU n 
1 155 LEU n 
1 156 HIS n 
1 157 GLN n 
1 158 LEU n 
1 159 HIS n 
1 160 LYS n 
1 161 GLN n 
1 162 LYS n 
1 163 GLN n 
1 164 ARG n 
1 165 GLU n 
1 166 SER n 
1 167 GLY n 
1 168 GLU n 
1 169 ASN n 
# 
_entity_src_gen.entity_id                          1 
_entity_src_gen.pdbx_src_id                        1 
_entity_src_gen.pdbx_alt_source_flag               sample 
_entity_src_gen.pdbx_seq_type                      ? 
_entity_src_gen.pdbx_beg_seq_num                   ? 
_entity_src_gen.pdbx_end_seq_num                   ? 
_entity_src_gen.gene_src_common_name               ? 
_entity_src_gen.gene_src_genus                     ? 
_entity_src_gen.pdbx_gene_src_gene                 'CT670, CT_670' 
_entity_src_gen.gene_src_species                   ? 
_entity_src_gen.gene_src_strain                    D/UW-3/CX 
_entity_src_gen.gene_src_tissue                    ? 
_entity_src_gen.gene_src_tissue_fraction           ? 
_entity_src_gen.gene_src_details                   ? 
_entity_src_gen.pdbx_gene_src_fragment             ? 
_entity_src_gen.pdbx_gene_src_scientific_name      'Chlamydia trachomatis' 
_entity_src_gen.pdbx_gene_src_ncbi_taxonomy_id     813 
_entity_src_gen.pdbx_gene_src_variant              ? 
_entity_src_gen.pdbx_gene_src_cell_line            ? 
_entity_src_gen.pdbx_gene_src_atcc                 ? 
_entity_src_gen.pdbx_gene_src_organ                ? 
_entity_src_gen.pdbx_gene_src_organelle            ? 
_entity_src_gen.pdbx_gene_src_cell                 ? 
_entity_src_gen.pdbx_gene_src_cellular_location    ? 
_entity_src_gen.host_org_common_name               ? 
_entity_src_gen.pdbx_host_org_scientific_name      'Escherichia coli' 
_entity_src_gen.pdbx_host_org_ncbi_taxonomy_id     562 
_entity_src_gen.host_org_genus                     ? 
_entity_src_gen.pdbx_host_org_gene                 ? 
_entity_src_gen.pdbx_host_org_organ                ? 
_entity_src_gen.host_org_species                   ? 
_entity_src_gen.pdbx_host_org_tissue               ? 
_entity_src_gen.pdbx_host_org_tissue_fraction      ? 
_entity_src_gen.pdbx_host_org_strain               'BL21(DE3)RP' 
_entity_src_gen.pdbx_host_org_variant              ? 
_entity_src_gen.pdbx_host_org_cell_line            ? 
_entity_src_gen.pdbx_host_org_atcc                 ? 
_entity_src_gen.pdbx_host_org_culture_collection   ? 
_entity_src_gen.pdbx_host_org_cell                 ? 
_entity_src_gen.pdbx_host_org_organelle            ? 
_entity_src_gen.pdbx_host_org_cellular_location    ? 
_entity_src_gen.pdbx_host_org_vector_type          PLASMID 
_entity_src_gen.pdbx_host_org_vector               ? 
_entity_src_gen.host_org_details                   ? 
_entity_src_gen.expression_system_id               ? 
_entity_src_gen.plasmid_name                       p15TvLic 
_entity_src_gen.plasmid_details                    ? 
_entity_src_gen.pdbx_description                   ? 
# 
loop_
_chem_comp.id 
_chem_comp.type 
_chem_comp.mon_nstd_flag 
_chem_comp.name 
_chem_comp.pdbx_synonyms 
_chem_comp.formula 
_chem_comp.formula_weight 
ALA 'L-peptide linking' y ALANINE          ? 'C3 H7 N O2'     89.093  
ARG 'L-peptide linking' y ARGININE         ? 'C6 H15 N4 O2 1' 175.209 
ASN 'L-peptide linking' y ASPARAGINE       ? 'C4 H8 N2 O3'    132.118 
ASP 'L-peptide linking' y 'ASPARTIC ACID'  ? 'C4 H7 N O4'     133.103 
GLN 'L-peptide linking' y GLUTAMINE        ? 'C5 H10 N2 O3'   146.144 
GLU 'L-peptide linking' y 'GLUTAMIC ACID'  ? 'C5 H9 N O4'     147.129 
GLY 'peptide linking'   y GLYCINE          ? 'C2 H5 N O2'     75.067  
HIS 'L-peptide linking' y HISTIDINE        ? 'C6 H10 N3 O2 1' 156.162 
HOH non-polymer         . WATER            ? 'H2 O'           18.015  
ILE 'L-peptide linking' y ISOLEUCINE       ? 'C6 H13 N O2'    131.173 
LEU 'L-peptide linking' y LEUCINE          ? 'C6 H13 N O2'    131.173 
LYS 'L-peptide linking' y LYSINE           ? 'C6 H15 N2 O2 1' 147.195 
MSE 'L-peptide linking' n SELENOMETHIONINE ? 'C5 H11 N O2 Se' 196.106 
PRO 'L-peptide linking' y PROLINE          ? 'C5 H9 N O2'     115.130 
SER 'L-peptide linking' y SERINE           ? 'C3 H7 N O3'     105.093 
THR 'L-peptide linking' y THREONINE        ? 'C4 H9 N O3'     119.119 
TRP 'L-peptide linking' y TRYPTOPHAN       ? 'C11 H12 N2 O2'  204.225 
TYR 'L-peptide linking' y TYROSINE         ? 'C9 H11 N O3'    181.189 
VAL 'L-peptide linking' y VALINE           ? 'C5 H11 N O2'    117.146 
# 
loop_
_pdbx_poly_seq_scheme.asym_id 
_pdbx_poly_seq_scheme.entity_id 
_pdbx_poly_seq_scheme.seq_id 
_pdbx_poly_seq_scheme.mon_id 
_pdbx_poly_seq_scheme.ndb_seq_num 
_pdbx_poly_seq_scheme.pdb_seq_num 
_pdbx_poly_seq_scheme.auth_seq_num 
_pdbx_poly_seq_scheme.pdb_mon_id 
_pdbx_poly_seq_scheme.auth_mon_id 
_pdbx_poly_seq_scheme.pdb_strand_id 
_pdbx_poly_seq_scheme.pdb_ins_code 
_pdbx_poly_seq_scheme.hetero 
A 1 1   GLY 1   0   ?   ?   ?   A . n 
A 1 2   MSE 2   1   1   MSE MSE A . n 
A 1 3   VAL 3   2   2   VAL VAL A . n 
A 1 4   ARG 4   3   3   ARG ARG A . n 
A 1 5   TYR 5   4   4   TYR TYR A . n 
A 1 6   PRO 6   5   5   PRO PRO A . n 
A 1 7   LEU 7   6   6   LEU LEU A . n 
A 1 8   GLU 8   7   7   GLU GLU A . n 
A 1 9   PRO 9   8   8   PRO PRO A . n 
A 1 10  VAL 10  9   9   VAL VAL A . n 
A 1 11  LEU 11  10  10  LEU LEU A . n 
A 1 12  SER 12  11  11  SER SER A . n 
A 1 13  ILE 13  12  12  ILE ILE A . n 
A 1 14  LYS 14  13  13  LYS LYS A . n 
A 1 15  LYS 15  14  14  LYS LYS A . n 
A 1 16  ASP 16  15  15  ASP ASP A . n 
A 1 17  ARG 17  16  16  ARG ARG A . n 
A 1 18  VAL 18  17  17  VAL VAL A . n 
A 1 19  ASP 19  18  18  ASP ASP A . n 
A 1 20  ARG 20  19  19  ARG ARG A . n 
A 1 21  ALA 21  20  20  ALA ALA A . n 
A 1 22  GLU 22  21  21  GLU GLU A . n 
A 1 23  LYS 23  22  22  LYS LYS A . n 
A 1 24  VAL 24  23  23  VAL VAL A . n 
A 1 25  VAL 25  24  24  VAL VAL A . n 
A 1 26  LYS 26  25  25  LYS LYS A . n 
A 1 27  GLU 27  26  26  GLU GLU A . n 
A 1 28  LYS 28  27  27  LYS LYS A . n 
A 1 29  ARG 29  28  28  ARG ARG A . n 
A 1 30  ARG 30  29  29  ARG ARG A . n 
A 1 31  LEU 31  30  30  LEU LEU A . n 
A 1 32  LEU 32  31  31  LEU LEU A . n 
A 1 33  GLU 33  32  32  GLU GLU A . n 
A 1 34  LEU 34  33  33  LEU LEU A . n 
A 1 35  GLU 35  34  34  GLU GLU A . n 
A 1 36  GLN 36  35  35  GLN GLN A . n 
A 1 37  GLU 37  36  36  GLU GLU A . n 
A 1 38  LYS 38  37  37  LYS LYS A . n 
A 1 39  LEU 39  38  38  LEU LEU A . n 
A 1 40  ARG 40  39  39  ARG ARG A . n 
A 1 41  GLU 41  40  40  GLU GLU A . n 
A 1 42  ARG 42  41  41  ARG ARG A . n 
A 1 43  GLU 43  42  42  GLU GLU A . n 
A 1 44  SER 44  43  43  SER SER A . n 
A 1 45  GLU 45  44  44  GLU GLU A . n 
A 1 46  ARG 46  45  45  ARG ARG A . n 
A 1 47  ASP 47  46  46  ASP ASP A . n 
A 1 48  LYS 48  47  47  LYS LYS A . n 
A 1 49  VAL 49  48  48  VAL VAL A . n 
A 1 50  LYS 50  49  49  LYS LYS A . n 
A 1 51  ASN 51  50  50  ASN ASN A . n 
A 1 52  HIS 52  51  51  HIS HIS A . n 
A 1 53  TYR 53  52  52  TYR TYR A . n 
A 1 54  MSE 54  53  53  MSE MSE A . n 
A 1 55  GLN 55  54  54  GLN GLN A . n 
A 1 56  LYS 56  55  55  LYS LYS A . n 
A 1 57  ILE 57  56  56  ILE ILE A . n 
A 1 58  ARG 58  57  57  ARG ARG A . n 
A 1 59  GLN 59  58  58  GLN GLN A . n 
A 1 60  LEU 60  59  59  LEU LEU A . n 
A 1 61  ARG 61  60  60  ARG ARG A . n 
A 1 62  GLU 62  61  61  GLU GLU A . n 
A 1 63  GLN 63  62  62  GLN GLN A . n 
A 1 64  LEU 64  63  63  LEU LEU A . n 
A 1 65  ASP 65  64  64  ASP ASP A . n 
A 1 66  ASP 66  65  65  ASP ASP A . n 
A 1 67  GLY 67  66  66  GLY GLY A . n 
A 1 68  THR 68  67  67  THR THR A . n 
A 1 69  THR 69  68  68  THR THR A . n 
A 1 70  SER 70  69  69  SER SER A . n 
A 1 71  ASP 71  70  70  ASP ASP A . n 
A 1 72  ALA 72  71  71  ALA ALA A . n 
A 1 73  ILE 73  72  72  ILE ILE A . n 
A 1 74  LEU 74  73  73  LEU LEU A . n 
A 1 75  LYS 75  74  74  LYS LYS A . n 
A 1 76  MSE 76  75  75  MSE MSE A . n 
A 1 77  LYS 77  76  76  LYS LYS A . n 
A 1 78  ALA 78  77  77  ALA ALA A . n 
A 1 79  TYR 79  78  78  TYR TYR A . n 
A 1 80  ILE 80  79  79  ILE ILE A . n 
A 1 81  LYS 81  80  80  LYS LYS A . n 
A 1 82  VAL 82  81  81  VAL VAL A . n 
A 1 83  VAL 83  82  82  VAL VAL A . n 
A 1 84  ALA 84  83  83  ALA ALA A . n 
A 1 85  ILE 85  84  84  ILE ILE A . n 
A 1 86  GLN 86  85  85  GLN GLN A . n 
A 1 87  LEU 87  86  86  LEU LEU A . n 
A 1 88  SER 88  87  87  SER SER A . n 
A 1 89  GLU 89  88  88  GLU GLU A . n 
A 1 90  GLU 90  89  89  GLU GLU A . n 
A 1 91  GLU 91  90  90  GLU GLU A . n 
A 1 92  GLU 92  91  91  GLU GLU A . n 
A 1 93  LYS 93  92  92  LYS LYS A . n 
A 1 94  VAL 94  93  93  VAL VAL A . n 
A 1 95  ASN 95  94  94  ASN ASN A . n 
A 1 96  LYS 96  95  95  LYS LYS A . n 
A 1 97  GLN 97  96  96  GLN GLN A . n 
A 1 98  LYS 98  97  97  LYS LYS A . n 
A 1 99  GLU 99  98  98  GLU GLU A . n 
A 1 100 ASN 100 99  99  ASN ASN A . n 
A 1 101 VAL 101 100 100 VAL VAL A . n 
A 1 102 LEU 102 101 101 LEU LEU A . n 
A 1 103 ALA 103 102 102 ALA ALA A . n 
A 1 104 ALA 104 103 103 ALA ALA A . n 
A 1 105 SER 105 104 104 SER SER A . n 
A 1 106 LYS 106 105 105 LYS LYS A . n 
A 1 107 GLU 107 106 106 GLU GLU A . n 
A 1 108 LEU 108 107 107 LEU LEU A . n 
A 1 109 GLU 109 108 108 GLU GLU A . n 
A 1 110 ARG 110 109 109 ARG ARG A . n 
A 1 111 ALA 111 110 110 ALA ALA A . n 
A 1 112 GLU 112 111 111 GLU GLU A . n 
A 1 113 VAL 113 112 112 VAL VAL A . n 
A 1 114 GLU 114 113 113 GLU GLU A . n 
A 1 115 LEU 115 114 114 LEU LEU A . n 
A 1 116 THR 116 115 115 THR THR A . n 
A 1 117 LYS 117 116 116 LYS LYS A . n 
A 1 118 ARG 118 117 117 ARG ARG A . n 
A 1 119 ARG 119 118 118 ARG ARG A . n 
A 1 120 LYS 120 119 119 LYS LYS A . n 
A 1 121 GLU 121 120 120 GLU GLU A . n 
A 1 122 GLU 122 121 121 GLU GLU A . n 
A 1 123 GLU 123 122 122 GLU GLU A . n 
A 1 124 LYS 124 123 123 LYS LYS A . n 
A 1 125 THR 125 124 124 THR THR A . n 
A 1 126 ARG 126 125 125 ARG ARG A . n 
A 1 127 LEU 127 126 126 LEU LEU A . n 
A 1 128 HIS 128 127 127 HIS HIS A . n 
A 1 129 LYS 129 128 128 LYS LYS A . n 
A 1 130 GLU 130 129 129 GLU GLU A . n 
A 1 131 GLU 131 130 130 GLU GLU A . n 
A 1 132 TRP 132 131 131 TRP TRP A . n 
A 1 133 MSE 133 132 132 MSE MSE A . n 
A 1 134 LYS 134 133 133 LYS LYS A . n 
A 1 135 GLU 135 134 134 GLU GLU A . n 
A 1 136 ALA 136 135 135 ALA ALA A . n 
A 1 137 LEU 137 136 136 LEU LEU A . n 
A 1 138 LYS 138 137 137 LYS LYS A . n 
A 1 139 GLU 139 138 138 GLU GLU A . n 
A 1 140 GLU 140 139 139 GLU GLU A . n 
A 1 141 ALA 141 140 140 ALA ALA A . n 
A 1 142 ARG 142 141 141 ARG ARG A . n 
A 1 143 GLN 143 142 142 GLN GLN A . n 
A 1 144 GLU 144 143 143 GLU GLU A . n 
A 1 145 GLU 145 144 144 GLU GLU A . n 
A 1 146 LYS 146 145 145 LYS LYS A . n 
A 1 147 GLU 147 146 146 GLU GLU A . n 
A 1 148 GLN 148 147 147 GLN GLN A . n 
A 1 149 ASP 149 148 148 ASP ASP A . n 
A 1 150 GLU 150 149 149 GLU GLU A . n 
A 1 151 MSE 151 150 150 MSE MSE A . n 
A 1 152 GLY 152 151 151 GLY GLY A . n 
A 1 153 GLN 153 152 152 GLN GLN A . n 
A 1 154 LEU 154 153 153 LEU LEU A . n 
A 1 155 LEU 155 154 154 LEU LEU A . n 
A 1 156 HIS 156 155 155 HIS HIS A . n 
A 1 157 GLN 157 156 156 GLN GLN A . n 
A 1 158 LEU 158 157 157 LEU LEU A . n 
A 1 159 HIS 159 158 158 HIS HIS A . n 
A 1 160 LYS 160 159 159 LYS LYS A . n 
A 1 161 GLN 161 160 160 GLN GLN A . n 
A 1 162 LYS 162 161 161 LYS LYS A . n 
A 1 163 GLN 163 162 162 GLN GLN A . n 
A 1 164 ARG 164 163 ?   ?   ?   A . n 
A 1 165 GLU 165 164 ?   ?   ?   A . n 
A 1 166 SER 166 165 ?   ?   ?   A . n 
A 1 167 GLY 167 166 ?   ?   ?   A . n 
A 1 168 GLU 168 167 ?   ?   ?   A . n 
A 1 169 ASN 169 168 ?   ?   ?   A . n 
# 
loop_
_pdbx_nonpoly_scheme.asym_id 
_pdbx_nonpoly_scheme.entity_id 
_pdbx_nonpoly_scheme.mon_id 
_pdbx_nonpoly_scheme.ndb_seq_num 
_pdbx_nonpoly_scheme.pdb_seq_num 
_pdbx_nonpoly_scheme.auth_seq_num 
_pdbx_nonpoly_scheme.pdb_mon_id 
_pdbx_nonpoly_scheme.auth_mon_id 
_pdbx_nonpoly_scheme.pdb_strand_id 
_pdbx_nonpoly_scheme.pdb_ins_code 
B 2 HOH 1  169 1  HOH HOH A . 
B 2 HOH 2  170 2  HOH HOH A . 
B 2 HOH 3  171 3  HOH HOH A . 
B 2 HOH 4  172 4  HOH HOH A . 
B 2 HOH 5  173 5  HOH HOH A . 
B 2 HOH 6  174 6  HOH HOH A . 
B 2 HOH 7  175 7  HOH HOH A . 
B 2 HOH 8  176 8  HOH HOH A . 
B 2 HOH 9  177 9  HOH HOH A . 
B 2 HOH 10 178 10 HOH HOH A . 
B 2 HOH 11 179 11 HOH HOH A . 
B 2 HOH 12 180 12 HOH HOH A . 
B 2 HOH 13 181 13 HOH HOH A . 
B 2 HOH 14 182 14 HOH HOH A . 
B 2 HOH 15 183 15 HOH HOH A . 
B 2 HOH 16 184 16 HOH HOH A . 
B 2 HOH 17 185 17 HOH HOH A . 
B 2 HOH 18 186 18 HOH HOH A . 
B 2 HOH 19 187 19 HOH HOH A . 
B 2 HOH 20 188 20 HOH HOH A . 
B 2 HOH 21 189 21 HOH HOH A . 
B 2 HOH 22 190 22 HOH HOH A . 
B 2 HOH 23 191 23 HOH HOH A . 
B 2 HOH 24 192 24 HOH HOH A . 
B 2 HOH 25 193 25 HOH HOH A . 
B 2 HOH 26 194 26 HOH HOH A . 
B 2 HOH 27 195 27 HOH HOH A . 
B 2 HOH 28 196 28 HOH HOH A . 
B 2 HOH 29 197 29 HOH HOH A . 
B 2 HOH 30 198 30 HOH HOH A . 
B 2 HOH 31 199 31 HOH HOH A . 
B 2 HOH 32 200 32 HOH HOH A . 
B 2 HOH 33 201 33 HOH HOH A . 
B 2 HOH 34 202 34 HOH HOH A . 
B 2 HOH 35 203 35 HOH HOH A . 
B 2 HOH 36 204 36 HOH HOH A . 
B 2 HOH 37 205 37 HOH HOH A . 
B 2 HOH 38 206 38 HOH HOH A . 
B 2 HOH 39 207 39 HOH HOH A . 
B 2 HOH 40 208 40 HOH HOH A . 
B 2 HOH 41 209 41 HOH HOH A . 
B 2 HOH 42 210 42 HOH HOH A . 
B 2 HOH 43 211 43 HOH HOH A . 
B 2 HOH 44 212 44 HOH HOH A . 
B 2 HOH 45 213 45 HOH HOH A . 
B 2 HOH 46 214 46 HOH HOH A . 
B 2 HOH 47 215 47 HOH HOH A . 
B 2 HOH 48 216 48 HOH HOH A . 
B 2 HOH 49 217 49 HOH HOH A . 
B 2 HOH 50 218 50 HOH HOH A . 
B 2 HOH 51 219 51 HOH HOH A . 
# 
loop_
_software.pdbx_ordinal 
_software.name 
_software.version 
_software.date 
_software.type 
_software.contact_author 
_software.contact_author_email 
_software.classification 
_software.location 
_software.language 
_software.citation_id 
1 DENZO       .               ?               package 'Zbyszek Otwinowski'  hkl@hkl-xray.com                'data reduction'  
http://www.hkl-xray.com/                     ?          ? 
2 SCALEPACK   .               ?               package 'Zbyszek Otwinowski'  hkl@hkl-xray.com                'data scaling'    
http://www.hkl-xray.com/                     ?          ? 
3 SHARP       .               ?               package 'Eric de La Fortelle' sharp-develop@globalphasing.com phasing           
http://www.globalphasing.com/sharp/          ?          ? 
4 DM          5.0             ?               program 'Kevin Cowtan'        kowtan@ysbl.york.ac.uk          phasing           
http://www.ccp4.ac.uk/dist/html/dm.html      Fortran_77 ? 
5 REFMAC      refmac_5.5.0056 24/04/2001      program 'Garib N. Murshudov'  garib@ysbl.york.ac.uk           refinement        
http://www.ccp4.ac.uk/dist/html/refmac5.html Fortran_77 ? 
6 PDB_EXTRACT 3.005           'June 11, 2008' package PDB                   help@deposit.rcsb.org           'data extraction' 
http://sw-tools.pdb.org/apps/PDB_EXTRACT/    C++        ? 
7 Blu-Ice     Max             ?               ?       ?                     ?                               'data collection' ? ? 
? 
8 HKL-2000    .               ?               ?       ?                     ?                               'data reduction'  ? ? 
? 
9 HKL-2000    .               ?               ?       ?                     ?                               'data scaling'    ? ? 
? 
# 
_cell.length_a           83.112 
_cell.length_b           23.194 
_cell.length_c           105.624 
_cell.angle_alpha        90.000 
_cell.angle_beta         107.480 
_cell.angle_gamma        90.000 
_cell.entry_id           3K29 
_cell.pdbx_unique_axis   ? 
_cell.Z_PDB              4 
_cell.length_a_esd       ? 
_cell.length_b_esd       ? 
_cell.length_c_esd       ? 
_cell.angle_alpha_esd    ? 
_cell.angle_beta_esd     ? 
_cell.angle_gamma_esd    ? 
# 
_symmetry.space_group_name_H-M             'C 1 2 1' 
_symmetry.entry_id                         3K29 
_symmetry.Int_Tables_number                5 
_symmetry.pdbx_full_space_group_name_H-M   ? 
_symmetry.cell_setting                     ? 
_symmetry.space_group_name_Hall            ? 
# 
_exptl.crystals_number   1 
_exptl.entry_id          3K29 
_exptl.method            'X-RAY DIFFRACTION' 
# 
_exptl_crystal.id                    1 
_exptl_crystal.density_Matthews      2.35 
_exptl_crystal.density_meas          ? 
_exptl_crystal.density_percent_sol   47.75 
_exptl_crystal.description           ? 
_exptl_crystal.F_000                 ? 
_exptl_crystal.preparation           ? 
# 
_exptl_crystal_grow.crystal_id      1 
_exptl_crystal_grow.method          'VAPOR DIFFUSION, SITTING DROP' 
_exptl_crystal_grow.pH              5.6 
_exptl_crystal_grow.temp            294.0 
_exptl_crystal_grow.temp_details    ? 
_exptl_crystal_grow.pdbx_details    
;0.2M ammonium dihydrogen phosphate, 20% PEG3350, 1% PEG4000, 1mM magnesium sulfate, and 25mM MES pH 5.6, VAPOR DIFFUSION, SITTING DROP, temperature 294.0K
;
_exptl_crystal_grow.pdbx_pH_range   ? 
# 
_diffrn.id                     1 
_diffrn.ambient_temp           100 
_diffrn.ambient_temp_details   ? 
_diffrn.crystal_id             1 
# 
_diffrn_detector.diffrn_id              1 
_diffrn_detector.detector               CCD 
_diffrn_detector.type                   'MARMOSAIC 225 mm CCD' 
_diffrn_detector.pdbx_collection_date   2008-06-18 
_diffrn_detector.details                'Be Lenses/Diamond Laue Mono' 
# 
_diffrn_radiation.diffrn_id                        1 
_diffrn_radiation.wavelength_id                    1 
_diffrn_radiation.pdbx_diffrn_protocol             'SINGLE WAVELENGTH' 
_diffrn_radiation.monochromator                    'Diamond [111]' 
_diffrn_radiation.pdbx_monochromatic_or_laue_m_l   M 
_diffrn_radiation.pdbx_scattering_type             x-ray 
# 
loop_
_diffrn_radiation_wavelength.id 
_diffrn_radiation_wavelength.wavelength 
_diffrn_radiation_wavelength.wt 
1 0.97921 1.0 
2 0.97942 1.0 
# 
_diffrn_source.diffrn_id                   1 
_diffrn_source.source                      SYNCHROTRON 
_diffrn_source.type                        'APS BEAMLINE 21-ID-F' 
_diffrn_source.pdbx_wavelength             ? 
_diffrn_source.pdbx_wavelength_list        0.97921,0.97942 
_diffrn_source.pdbx_synchrotron_site       APS 
_diffrn_source.pdbx_synchrotron_beamline   21-ID-F 
# 
_reflns.entry_id                     3K29 
_reflns.d_resolution_high            2.000 
_reflns.d_resolution_low             50.000 
_reflns.number_obs                   13438 
_reflns.pdbx_Rmerge_I_obs            0.067 
_reflns.pdbx_netI_over_sigmaI        14.500 
_reflns.pdbx_chi_squared             1.412 
_reflns.pdbx_redundancy              5.900 
_reflns.percent_possible_obs         99.000 
_reflns.observed_criterion_sigma_F   ? 
_reflns.observed_criterion_sigma_I   ? 
_reflns.number_all                   ? 
_reflns.pdbx_Rsym_value              ? 
_reflns.B_iso_Wilson_estimate        ? 
_reflns.R_free_details               ? 
_reflns.limit_h_max                  ? 
_reflns.limit_h_min                  ? 
_reflns.limit_k_max                  ? 
_reflns.limit_k_min                  ? 
_reflns.limit_l_max                  ? 
_reflns.limit_l_min                  ? 
_reflns.observed_criterion_F_max     ? 
_reflns.observed_criterion_F_min     ? 
_reflns.pdbx_scaling_rejects         ? 
_reflns.pdbx_ordinal                 1 
_reflns.pdbx_diffrn_id               1 
# 
loop_
_reflns_shell.d_res_high 
_reflns_shell.d_res_low 
_reflns_shell.number_measured_obs 
_reflns_shell.number_measured_all 
_reflns_shell.number_unique_obs 
_reflns_shell.Rmerge_I_obs 
_reflns_shell.meanI_over_sigI_obs 
_reflns_shell.pdbx_Rsym_value 
_reflns_shell.pdbx_chi_squared 
_reflns_shell.pdbx_redundancy 
_reflns_shell.percent_possible_obs 
_reflns_shell.number_unique_all 
_reflns_shell.percent_possible_all 
_reflns_shell.pdbx_ordinal 
_reflns_shell.pdbx_diffrn_id 
2.00 2.07  ? ? ? 0.191 ? ? 0.787 4.60 ? 1231 91.60  1  1 
2.07 2.15  ? ? ? 0.166 ? ? 0.849 5.30 ? 1323 98.90  2  1 
2.15 2.25  ? ? ? 0.135 ? ? 0.962 5.70 ? 1321 99.80  3  1 
2.25 2.37  ? ? ? 0.113 ? ? 1.062 6.00 ? 1343 100.00 4  1 
2.37 2.52  ? ? ? 0.092 ? ? 1.158 6.00 ? 1339 99.90  5  1 
2.52 2.71  ? ? ? 0.081 ? ? 1.238 6.30 ? 1342 100.00 6  1 
2.71 2.99  ? ? ? 0.075 ? ? 1.282 6.20 ? 1352 100.00 7  1 
2.99 3.42  ? ? ? 0.063 ? ? 1.279 6.30 ? 1362 99.90  8  1 
3.42 4.31  ? ? ? 0.052 ? ? 1.729 6.20 ? 1380 100.00 9  1 
4.31 50.00 ? ? ? 0.066 ? ? 3.359 5.80 ? 1445 99.70  10 1 
# 
_refine.entry_id                                 3K29 
_refine.ls_d_res_high                            2.000 
_refine.ls_d_res_low                             27.410 
_refine.pdbx_ls_sigma_F                          0.00 
_refine.pdbx_data_cutoff_high_absF               ? 
_refine.pdbx_data_cutoff_low_absF                ? 
_refine.ls_percent_reflns_obs                    98.240 
_refine.ls_number_reflns_obs                     13431 
_refine.ls_number_reflns_all                     ? 
_refine.pdbx_ls_cross_valid_method               THROUGHOUT 
_refine.pdbx_R_Free_selection_details            RANDOM 
_refine.details                                  'HYDROGENS HAVE BEEN ADDED IN THE RIDING POSITIONS U VALUES      : RESIDUAL ONLY' 
_refine.ls_R_factor_all                          ? 
_refine.ls_R_factor_obs                          0.242 
_refine.ls_R_factor_R_work                       0.240 
_refine.ls_wR_factor_R_work                      ? 
_refine.ls_R_factor_R_free                       0.285 
_refine.ls_wR_factor_R_free                      ? 
_refine.ls_percent_reflns_R_free                 4.900 
_refine.ls_number_reflns_R_free                  653 
_refine.ls_R_factor_R_free_error                 ? 
_refine.B_iso_mean                               24.037 
_refine.solvent_model_param_bsol                 ? 
_refine.solvent_model_param_ksol                 ? 
_refine.pdbx_isotropic_thermal_model             ? 
_refine.aniso_B[1][1]                            0.000 
_refine.aniso_B[2][2]                            0.000 
_refine.aniso_B[3][3]                            0.000 
_refine.aniso_B[1][2]                            0.000 
_refine.aniso_B[1][3]                            0.000 
_refine.aniso_B[2][3]                            0.000 
_refine.correlation_coeff_Fo_to_Fc               0.938 
_refine.correlation_coeff_Fo_to_Fc_free          0.910 
_refine.overall_SU_R_Cruickshank_DPI             ? 
_refine.overall_SU_R_free                        ? 
_refine.pdbx_overall_ESU_R                       0.223 
_refine.pdbx_overall_ESU_R_Free                  0.196 
_refine.overall_SU_ML                            0.145 
_refine.overall_SU_B                             11.632 
_refine.solvent_model_details                    'BABINET MODEL WITH MASK' 
_refine.pdbx_solvent_vdw_probe_radii             1.200 
_refine.pdbx_solvent_ion_probe_radii             0.800 
_refine.pdbx_solvent_shrinkage_radii             0.800 
_refine.ls_number_parameters                     ? 
_refine.ls_number_restraints                     ? 
_refine.pdbx_starting_model                      ? 
_refine.pdbx_method_to_determine_struct          MAD 
_refine.pdbx_stereochemistry_target_values       'MAXIMUM LIKELIHOOD' 
_refine.pdbx_stereochem_target_val_spec_case     ? 
_refine.overall_FOM_work_R_set                   ? 
_refine.B_iso_max                                58.67 
_refine.B_iso_min                                10.81 
_refine.occupancy_max                            1.00 
_refine.occupancy_min                            0.24 
_refine.pdbx_ls_sigma_I                          ? 
_refine.ls_redundancy_reflns_obs                 ? 
_refine.ls_R_factor_R_free_error_details         ? 
_refine.pdbx_data_cutoff_high_rms_absF           ? 
_refine.overall_FOM_free_R_set                   ? 
_refine.pdbx_overall_phase_error                 ? 
_refine.pdbx_refine_id                           'X-RAY DIFFRACTION' 
_refine.pdbx_TLS_residual_ADP_flag               'LIKELY RESIDUAL' 
_refine.pdbx_diffrn_id                           1 
_refine.pdbx_overall_SU_R_free_Cruickshank_DPI   ? 
_refine.pdbx_overall_SU_R_Blow_DPI               ? 
_refine.pdbx_overall_SU_R_free_Blow_DPI          ? 
# 
_refine_hist.pdbx_refine_id                   'X-RAY DIFFRACTION' 
_refine_hist.cycle_id                         LAST 
_refine_hist.pdbx_number_atoms_protein        1373 
_refine_hist.pdbx_number_atoms_nucleic_acid   0 
_refine_hist.pdbx_number_atoms_ligand         0 
_refine_hist.number_atoms_solvent             51 
_refine_hist.number_atoms_total               1424 
_refine_hist.d_res_high                       2.000 
_refine_hist.d_res_low                        27.410 
# 
loop_
_refine_ls_restr.type 
_refine_ls_restr.number 
_refine_ls_restr.dev_ideal 
_refine_ls_restr.dev_ideal_target 
_refine_ls_restr.weight 
_refine_ls_restr.pdbx_refine_id 
_refine_ls_restr.pdbx_restraint_function 
r_bond_refined_d       1419 0.016  0.022  ? 'X-RAY DIFFRACTION' ? 
r_angle_refined_deg    1891 1.535  1.993  ? 'X-RAY DIFFRACTION' ? 
r_dihedral_angle_1_deg 171  4.448  5.000  ? 'X-RAY DIFFRACTION' ? 
r_dihedral_angle_2_deg 79   38.264 25.063 ? 'X-RAY DIFFRACTION' ? 
r_dihedral_angle_3_deg 340  18.381 15.000 ? 'X-RAY DIFFRACTION' ? 
r_dihedral_angle_4_deg 15   17.247 15.000 ? 'X-RAY DIFFRACTION' ? 
r_chiral_restr         203  0.110  0.200  ? 'X-RAY DIFFRACTION' ? 
r_gen_planes_refined   1033 0.006  0.020  ? 'X-RAY DIFFRACTION' ? 
r_mcbond_it            824  0.839  1.500  ? 'X-RAY DIFFRACTION' ? 
r_mcangle_it           1334 1.556  2.000  ? 'X-RAY DIFFRACTION' ? 
r_scbond_it            595  3.002  3.000  ? 'X-RAY DIFFRACTION' ? 
r_scangle_it           552  5.008  4.500  ? 'X-RAY DIFFRACTION' ? 
# 
_refine_ls_shell.d_res_high                       1.993 
_refine_ls_shell.d_res_low                        2.044 
_refine_ls_shell.pdbx_total_number_of_bins_used   20 
_refine_ls_shell.percent_reflns_obs               79.510 
_refine_ls_shell.number_reflns_R_work             739 
_refine_ls_shell.R_factor_all                     ? 
_refine_ls_shell.R_factor_R_work                  0.277 
_refine_ls_shell.R_factor_R_free                  0.328 
_refine_ls_shell.percent_reflns_R_free            ? 
_refine_ls_shell.number_reflns_R_free             41 
_refine_ls_shell.R_factor_R_free_error            ? 
_refine_ls_shell.number_reflns_all                780 
_refine_ls_shell.number_reflns_obs                ? 
_refine_ls_shell.redundancy_reflns_obs            ? 
_refine_ls_shell.pdbx_refine_id                   'X-RAY DIFFRACTION' 
# 
_struct.entry_id                  3K29 
_struct.title                     'Structure of a putative YscO homolog CT670 from Chlamydia trachomatis' 
_struct.pdbx_model_details        ? 
_struct.pdbx_CASP_flag            N 
_struct.pdbx_model_type_details   ? 
# 
_struct_keywords.entry_id        3K29 
_struct_keywords.pdbx_keywords   'UNKNOWN FUNCTION' 
_struct_keywords.text            
;YscO, type III secretion apparatus, Chlamydia trachomatis, Structural Genomics, CSGID, Center for Structural Genomics of Infectious Diseases, UNKNOWN FUNCTION
;
# 
loop_
_struct_asym.id 
_struct_asym.pdbx_blank_PDB_chainid_flag 
_struct_asym.pdbx_modified 
_struct_asym.entity_id 
_struct_asym.details 
A N N 1 ? 
B N N 2 ? 
# 
_struct_ref.id                         1 
_struct_ref.db_name                    UNP 
_struct_ref.db_code                    O84677_CHLTR 
_struct_ref.pdbx_db_accession          O84677 
_struct_ref.entity_id                  1 
_struct_ref.pdbx_seq_one_letter_code   
;MVRYPLEPVLSIKKDRVDRAEKVVKEKRRLLELEQEKLRERESERDKVKNHYMQKIRQLREQLDDGTTSDAILKMKAYIK
VVAIQLSEEEEKVNKQKENVLAASKELERAEVELTKRRKEEEKTRLHKEEWMKEALKEEARQEEKEQDEMGQLLHQLHKQ
KQRESGEN
;
_struct_ref.pdbx_align_begin           1 
_struct_ref.pdbx_db_isoform            ? 
# 
_struct_ref_seq.align_id                      1 
_struct_ref_seq.ref_id                        1 
_struct_ref_seq.pdbx_PDB_id_code              3K29 
_struct_ref_seq.pdbx_strand_id                A 
_struct_ref_seq.seq_align_beg                 2 
_struct_ref_seq.pdbx_seq_align_beg_ins_code   ? 
_struct_ref_seq.seq_align_end                 169 
_struct_ref_seq.pdbx_seq_align_end_ins_code   ? 
_struct_ref_seq.pdbx_db_accession             O84677 
_struct_ref_seq.db_align_beg                  1 
_struct_ref_seq.pdbx_db_align_beg_ins_code    ? 
_struct_ref_seq.db_align_end                  168 
_struct_ref_seq.pdbx_db_align_end_ins_code    ? 
_struct_ref_seq.pdbx_auth_seq_align_beg       1 
_struct_ref_seq.pdbx_auth_seq_align_end       168 
# 
_struct_ref_seq_dif.align_id                     1 
_struct_ref_seq_dif.pdbx_pdb_id_code             3K29 
_struct_ref_seq_dif.mon_id                       GLY 
_struct_ref_seq_dif.pdbx_pdb_strand_id           A 
_struct_ref_seq_dif.seq_num                      1 
_struct_ref_seq_dif.pdbx_pdb_ins_code            ? 
_struct_ref_seq_dif.pdbx_seq_db_name             UNP 
_struct_ref_seq_dif.pdbx_seq_db_accession_code   O84677 
_struct_ref_seq_dif.db_mon_id                    ? 
_struct_ref_seq_dif.pdbx_seq_db_seq_num          ? 
_struct_ref_seq_dif.details                      'expression tag' 
_struct_ref_seq_dif.pdbx_auth_seq_num            0 
_struct_ref_seq_dif.pdbx_ordinal                 1 
# 
_pdbx_struct_assembly.id                   1 
_pdbx_struct_assembly.details              author_and_software_defined_assembly 
_pdbx_struct_assembly.method_details       PISA 
_pdbx_struct_assembly.oligomeric_details   monomeric 
_pdbx_struct_assembly.oligomeric_count     1 
# 
_pdbx_struct_assembly_gen.assembly_id       1 
_pdbx_struct_assembly_gen.oper_expression   1 
_pdbx_struct_assembly_gen.asym_id_list      A,B 
# 
_pdbx_struct_oper_list.id                   1 
_pdbx_struct_oper_list.type                 'identity operation' 
_pdbx_struct_oper_list.name                 1_555 
_pdbx_struct_oper_list.symmetry_operation   x,y,z 
_pdbx_struct_oper_list.matrix[1][1]         1.0000000000 
_pdbx_struct_oper_list.matrix[1][2]         0.0000000000 
_pdbx_struct_oper_list.matrix[1][3]         0.0000000000 
_pdbx_struct_oper_list.vector[1]            0.0000000000 
_pdbx_struct_oper_list.matrix[2][1]         0.0000000000 
_pdbx_struct_oper_list.matrix[2][2]         1.0000000000 
_pdbx_struct_oper_list.matrix[2][3]         0.0000000000 
_pdbx_struct_oper_list.vector[2]            0.0000000000 
_pdbx_struct_oper_list.matrix[3][1]         0.0000000000 
_pdbx_struct_oper_list.matrix[3][2]         0.0000000000 
_pdbx_struct_oper_list.matrix[3][3]         1.0000000000 
_pdbx_struct_oper_list.vector[3]            0.0000000000 
# 
_struct_biol.id        1 
_struct_biol.details   ? 
# 
loop_
_struct_conf.conf_type_id 
_struct_conf.id 
_struct_conf.pdbx_PDB_helix_id 
_struct_conf.beg_label_comp_id 
_struct_conf.beg_label_asym_id 
_struct_conf.beg_label_seq_id 
_struct_conf.pdbx_beg_PDB_ins_code 
_struct_conf.end_label_comp_id 
_struct_conf.end_label_asym_id 
_struct_conf.end_label_seq_id 
_struct_conf.pdbx_end_PDB_ins_code 
_struct_conf.beg_auth_comp_id 
_struct_conf.beg_auth_asym_id 
_struct_conf.beg_auth_seq_id 
_struct_conf.end_auth_comp_id 
_struct_conf.end_auth_asym_id 
_struct_conf.end_auth_seq_id 
_struct_conf.pdbx_PDB_helix_class 
_struct_conf.details 
_struct_conf.pdbx_PDB_helix_length 
HELX_P HELX_P1 1 LEU A 7  ? GLY A 67  ? LEU A 6  GLY A 66  1 ? 61 
HELX_P HELX_P2 2 THR A 69 ? GLN A 161 ? THR A 68 GLN A 160 1 ? 93 
# 
_struct_conf_type.id          HELX_P 
_struct_conf_type.criteria    ? 
_struct_conf_type.reference   ? 
# 
loop_
_struct_conn.id 
_struct_conn.conn_type_id 
_struct_conn.pdbx_leaving_atom_flag 
_struct_conn.pdbx_PDB_id 
_struct_conn.ptnr1_label_asym_id 
_struct_conn.ptnr1_label_comp_id 
_struct_conn.ptnr1_label_seq_id 
_struct_conn.ptnr1_label_atom_id 
_struct_conn.pdbx_ptnr1_label_alt_id 
_struct_conn.pdbx_ptnr1_PDB_ins_code 
_struct_conn.pdbx_ptnr1_standard_comp_id 
_struct_conn.ptnr1_symmetry 
_struct_conn.ptnr2_label_asym_id 
_struct_conn.ptnr2_label_comp_id 
_struct_conn.ptnr2_label_seq_id 
_struct_conn.ptnr2_label_atom_id 
_struct_conn.pdbx_ptnr2_label_alt_id 
_struct_conn.pdbx_ptnr2_PDB_ins_code 
_struct_conn.ptnr1_auth_asym_id 
_struct_conn.ptnr1_auth_comp_id 
_struct_conn.ptnr1_auth_seq_id 
_struct_conn.ptnr2_auth_asym_id 
_struct_conn.ptnr2_auth_comp_id 
_struct_conn.ptnr2_auth_seq_id 
_struct_conn.ptnr2_symmetry 
_struct_conn.pdbx_ptnr3_label_atom_id 
_struct_conn.pdbx_ptnr3_label_seq_id 
_struct_conn.pdbx_ptnr3_label_comp_id 
_struct_conn.pdbx_ptnr3_label_asym_id 
_struct_conn.pdbx_ptnr3_label_alt_id 
_struct_conn.pdbx_ptnr3_PDB_ins_code 
_struct_conn.details 
_struct_conn.pdbx_dist_value 
_struct_conn.pdbx_value_order 
_struct_conn.pdbx_role 
covale1 covale both ? A MSE 2   C ? ? ? 1_555 A VAL 3   N ? ? A MSE 1   A VAL 2   1_555 ? ? ? ? ? ? ? 1.337 ? ? 
covale2 covale both ? A TYR 53  C ? ? ? 1_555 A MSE 54  N ? ? A TYR 52  A MSE 53  1_555 ? ? ? ? ? ? ? 1.318 ? ? 
covale3 covale both ? A MSE 54  C ? ? ? 1_555 A GLN 55  N ? ? A MSE 53  A GLN 54  1_555 ? ? ? ? ? ? ? 1.331 ? ? 
covale4 covale both ? A LYS 75  C ? ? ? 1_555 A MSE 76  N ? ? A LYS 74  A MSE 75  1_555 ? ? ? ? ? ? ? 1.319 ? ? 
covale5 covale both ? A MSE 76  C ? ? ? 1_555 A LYS 77  N ? ? A MSE 75  A LYS 76  1_555 ? ? ? ? ? ? ? 1.344 ? ? 
covale6 covale both ? A TRP 132 C ? ? ? 1_555 A MSE 133 N ? ? A TRP 131 A MSE 132 1_555 ? ? ? ? ? ? ? 1.330 ? ? 
covale7 covale both ? A MSE 133 C ? ? ? 1_555 A LYS 134 N ? ? A MSE 132 A LYS 133 1_555 ? ? ? ? ? ? ? 1.334 ? ? 
covale8 covale both ? A GLU 150 C ? ? ? 1_555 A MSE 151 N ? ? A GLU 149 A MSE 150 1_555 ? ? ? ? ? ? ? 1.334 ? ? 
covale9 covale both ? A MSE 151 C ? ? ? 1_555 A GLY 152 N ? ? A MSE 150 A GLY 151 1_555 ? ? ? ? ? ? ? 1.337 ? ? 
# 
_struct_conn_type.id          covale 
_struct_conn_type.criteria    ? 
_struct_conn_type.reference   ? 
# 
loop_
_pdbx_modification_feature.ordinal 
_pdbx_modification_feature.label_comp_id 
_pdbx_modification_feature.label_asym_id 
_pdbx_modification_feature.label_seq_id 
_pdbx_modification_feature.label_alt_id 
_pdbx_modification_feature.modified_residue_label_comp_id 
_pdbx_modification_feature.modified_residue_label_asym_id 
_pdbx_modification_feature.modified_residue_label_seq_id 
_pdbx_modification_feature.modified_residue_label_alt_id 
_pdbx_modification_feature.auth_comp_id 
_pdbx_modification_feature.auth_asym_id 
_pdbx_modification_feature.auth_seq_id 
_pdbx_modification_feature.PDB_ins_code 
_pdbx_modification_feature.symmetry 
_pdbx_modification_feature.modified_residue_auth_comp_id 
_pdbx_modification_feature.modified_residue_auth_asym_id 
_pdbx_modification_feature.modified_residue_auth_seq_id 
_pdbx_modification_feature.modified_residue_PDB_ins_code 
_pdbx_modification_feature.modified_residue_symmetry 
_pdbx_modification_feature.comp_id_linking_atom 
_pdbx_modification_feature.modified_residue_id_linking_atom 
_pdbx_modification_feature.modified_residue_id 
_pdbx_modification_feature.ref_pcm_id 
_pdbx_modification_feature.ref_comp_id 
_pdbx_modification_feature.type 
_pdbx_modification_feature.category 
1 MSE A 2   ? . . . . MSE A 1   ? 1_555 . . . . . . . MET 1 MSE Selenomethionine 'Named protein modification' 
2 MSE A 54  ? . . . . MSE A 53  ? 1_555 . . . . . . . MET 1 MSE Selenomethionine 'Named protein modification' 
3 MSE A 76  ? . . . . MSE A 75  ? 1_555 . . . . . . . MET 1 MSE Selenomethionine 'Named protein modification' 
4 MSE A 133 ? . . . . MSE A 132 ? 1_555 . . . . . . . MET 1 MSE Selenomethionine 'Named protein modification' 
5 MSE A 151 ? . . . . MSE A 150 ? 1_555 . . . . . . . MET 1 MSE Selenomethionine 'Named protein modification' 
# 
_pdbx_entry_details.entry_id                   3K29 
_pdbx_entry_details.compound_details           ? 
_pdbx_entry_details.source_details             ? 
_pdbx_entry_details.nonpolymer_details         ? 
_pdbx_entry_details.sequence_details           ? 
_pdbx_entry_details.has_ligand_of_interest     ? 
_pdbx_entry_details.has_protein_modification   Y 
# 
loop_
_pdbx_validate_torsion.id 
_pdbx_validate_torsion.PDB_model_num 
_pdbx_validate_torsion.auth_comp_id 
_pdbx_validate_torsion.auth_asym_id 
_pdbx_validate_torsion.auth_seq_id 
_pdbx_validate_torsion.PDB_ins_code 
_pdbx_validate_torsion.label_alt_id 
_pdbx_validate_torsion.phi 
_pdbx_validate_torsion.psi 
1 1 THR A 67  ? ? -141.18 -156.21 
2 1 GLN A 160 ? ? -64.37  8.05    
# 
_pdbx_SG_project.id                    1 
_pdbx_SG_project.project_name          ? 
_pdbx_SG_project.full_name_of_center   'Center for Structural Genomics of Infectious Diseases' 
_pdbx_SG_project.initial_of_center     CSGID 
# 
loop_
_pdbx_struct_mod_residue.id 
_pdbx_struct_mod_residue.label_asym_id 
_pdbx_struct_mod_residue.label_comp_id 
_pdbx_struct_mod_residue.label_seq_id 
_pdbx_struct_mod_residue.auth_asym_id 
_pdbx_struct_mod_residue.auth_comp_id 
_pdbx_struct_mod_residue.auth_seq_id 
_pdbx_struct_mod_residue.PDB_ins_code 
_pdbx_struct_mod_residue.parent_comp_id 
_pdbx_struct_mod_residue.details 
1 A MSE 2   A MSE 1   ? MET SELENOMETHIONINE 
2 A MSE 54  A MSE 53  ? MET SELENOMETHIONINE 
3 A MSE 76  A MSE 75  ? MET SELENOMETHIONINE 
4 A MSE 133 A MSE 132 ? MET SELENOMETHIONINE 
5 A MSE 151 A MSE 150 ? MET SELENOMETHIONINE 
# 
_pdbx_struct_special_symmetry.id              1 
_pdbx_struct_special_symmetry.PDB_model_num   1 
_pdbx_struct_special_symmetry.auth_asym_id    A 
_pdbx_struct_special_symmetry.auth_comp_id    HOH 
_pdbx_struct_special_symmetry.auth_seq_id     174 
_pdbx_struct_special_symmetry.PDB_ins_code    ? 
_pdbx_struct_special_symmetry.label_asym_id   B 
_pdbx_struct_special_symmetry.label_comp_id   HOH 
_pdbx_struct_special_symmetry.label_seq_id    . 
# 
_diffrn_reflns.diffrn_id                   1 
_diffrn_reflns.pdbx_d_res_high             2.030 
_diffrn_reflns.pdbx_d_res_low              50.000 
_diffrn_reflns.pdbx_number_obs             11202 
_diffrn_reflns.pdbx_Rmerge_I_obs           0.073 
_diffrn_reflns.pdbx_Rsym_value             ? 
_diffrn_reflns.pdbx_chi_squared            1.90 
_diffrn_reflns.av_sigmaI_over_netI         25.76 
_diffrn_reflns.pdbx_redundancy             6.10 
_diffrn_reflns.pdbx_percent_possible_obs   85.80 
_diffrn_reflns.number                      68202 
_diffrn_reflns.pdbx_observed_criterion     ? 
_diffrn_reflns.limit_h_max                 ? 
_diffrn_reflns.limit_h_min                 ? 
_diffrn_reflns.limit_k_max                 ? 
_diffrn_reflns.limit_k_min                 ? 
_diffrn_reflns.limit_l_max                 ? 
_diffrn_reflns.limit_l_min                 ? 
# 
loop_
_pdbx_diffrn_reflns_shell.diffrn_id 
_pdbx_diffrn_reflns_shell.d_res_high 
_pdbx_diffrn_reflns_shell.d_res_low 
_pdbx_diffrn_reflns_shell.number_obs 
_pdbx_diffrn_reflns_shell.rejects 
_pdbx_diffrn_reflns_shell.Rmerge_I_obs 
_pdbx_diffrn_reflns_shell.Rsym_value 
_pdbx_diffrn_reflns_shell.chi_squared 
_pdbx_diffrn_reflns_shell.redundancy 
_pdbx_diffrn_reflns_shell.percent_possible_obs 
1 4.37 50.00 ? ? 0.065 ? 4.967 6.50 98.60  
1 3.47 4.37  ? ? 0.054 ? 2.167 6.90 99.90  
1 3.03 3.47  ? ? 0.059 ? 1.603 7.10 100.00 
1 2.76 3.03  ? ? 0.089 ? 1.387 7.10 100.00 
1 2.56 2.76  ? ? 0.138 ? 1.272 6.70 99.50  
1 2.41 2.56  ? ? 0.168 ? 1.182 5.80 97.60  
1 2.29 2.41  ? ? 0.207 ? 1.088 5.10 89.70  
1 2.19 2.29  ? ? 0.230 ? 1.125 4.70 74.70  
1 2.10 2.19  ? ? 0.286 ? 1.101 4.60 54.20  
1 2.03 2.10  ? ? 0.296 ? 1.034 4.00 42.60  
# 
loop_
_pdbx_refine_tls.pdbx_refine_id 
_pdbx_refine_tls.id 
_pdbx_refine_tls.details 
_pdbx_refine_tls.method 
_pdbx_refine_tls.origin_x 
_pdbx_refine_tls.origin_y 
_pdbx_refine_tls.origin_z 
_pdbx_refine_tls.T[1][1] 
_pdbx_refine_tls.T[2][2] 
_pdbx_refine_tls.T[3][3] 
_pdbx_refine_tls.T[1][2] 
_pdbx_refine_tls.T[1][3] 
_pdbx_refine_tls.T[2][3] 
_pdbx_refine_tls.L[1][1] 
_pdbx_refine_tls.L[2][2] 
_pdbx_refine_tls.L[3][3] 
_pdbx_refine_tls.L[1][2] 
_pdbx_refine_tls.L[1][3] 
_pdbx_refine_tls.L[2][3] 
_pdbx_refine_tls.S[1][1] 
_pdbx_refine_tls.S[2][2] 
_pdbx_refine_tls.S[3][3] 
_pdbx_refine_tls.S[1][2] 
_pdbx_refine_tls.S[1][3] 
_pdbx_refine_tls.S[2][3] 
_pdbx_refine_tls.S[2][1] 
_pdbx_refine_tls.S[3][1] 
_pdbx_refine_tls.S[3][2] 
'X-RAY DIFFRACTION' 1 ? refined -8.0720  8.2344   -0.0278  0.1572 0.2783 0.2797 0.0381  -0.0495 -0.0061 7.1925  7.6687 3.9348 -6.7920 -4.7530 4.5405 0.1996  -0.5637 0.3641  0.5524  -0.7655 0.8330 -0.2145 -0.1716 -0.4840 
'X-RAY DIFFRACTION' 2 ? refined 26.8531  -23.9252 -18.4099 0.1524 0.1096 0.1862 0.0099  -0.0253 0.0212  6.0285  4.7416 2.5775 -4.1917 -3.0033 2.5949 0.1371  -0.3099 0.1728  0.2508  -0.3807 0.4295 -0.2505 -0.0610 -0.2364 
'X-RAY DIFFRACTION' 3 ? refined 8.7484   -2.3815  -2.0090  0.1692 0.1561 0.2121 -0.0053 -0.0075 0.0450  9.1778  3.8454 3.5824 -5.9408 -5.7340 3.7116 -0.2072 0.2713  -0.0642 -0.5293 -0.0230 0.1293 0.0983  0.0791  0.1745  
'X-RAY DIFFRACTION' 4 ? refined -39.5065 23.9195  26.5727  0.1969 0.2069 0.2882 0.0020  0.0176  0.1212  12.3704 5.6230 3.8021 -6.6740 -5.2172 3.1595 -0.5089 0.3049  0.2039  -0.5682 -0.4762 0.1257 0.2786  0.3013  0.4535  
'X-RAY DIFFRACTION' 5 ? refined -58.8322 34.6268  34.0609  0.3066 0.3510 0.5320 0.0064  0.0385  0.0903  9.3919  2.9140 7.2205 -5.1545 -6.8600 3.3313 -0.2527 -0.1077 0.3605  -0.2745 -0.4297 0.9979 0.5047  -0.1748 -0.5754 
# 
loop_
_pdbx_refine_tls_group.pdbx_refine_id 
_pdbx_refine_tls_group.id 
_pdbx_refine_tls_group.refine_tls_id 
_pdbx_refine_tls_group.beg_auth_asym_id 
_pdbx_refine_tls_group.beg_auth_seq_id 
_pdbx_refine_tls_group.end_auth_asym_id 
_pdbx_refine_tls_group.end_auth_seq_id 
_pdbx_refine_tls_group.selection_details 
_pdbx_refine_tls_group.beg_label_asym_id 
_pdbx_refine_tls_group.beg_label_seq_id 
_pdbx_refine_tls_group.end_label_asym_id 
_pdbx_refine_tls_group.end_label_seq_id 
_pdbx_refine_tls_group.selection 
'X-RAY DIFFRACTION' 1 1 A 1   A 37  ? . . . . ? 
'X-RAY DIFFRACTION' 2 2 A 38  A 73  ? . . . . ? 
'X-RAY DIFFRACTION' 3 3 A 74  A 131 ? . . . . ? 
'X-RAY DIFFRACTION' 4 4 A 132 A 156 ? . . . . ? 
'X-RAY DIFFRACTION' 5 5 A 157 A 162 ? . . . . ? 
# 
loop_
_pdbx_phasing_MAD_set.id 
_pdbx_phasing_MAD_set.d_res_low 
_pdbx_phasing_MAD_set.d_res_high 
_pdbx_phasing_MAD_set.reflns_acentric 
_pdbx_phasing_MAD_set.reflns_centric 
_pdbx_phasing_MAD_set.power_acentric 
_pdbx_phasing_MAD_set.power_centric 
ISO_1 33.54 2.15 8715 1284 0.000 0.000 
ISO_2 33.54 2.15 8600 1283 0.542 0.467 
ANO_1 33.54 2.15 8130 0    1.483 0.000 
ANO_2 33.54 2.15 8473 0    1.788 0.000 
# 
loop_
_pdbx_phasing_MAD_set_shell.id 
_pdbx_phasing_MAD_set_shell.d_res_low 
_pdbx_phasing_MAD_set_shell.d_res_high 
_pdbx_phasing_MAD_set_shell.reflns_acentric 
_pdbx_phasing_MAD_set_shell.reflns_centric 
_pdbx_phasing_MAD_set_shell.power_acentric 
_pdbx_phasing_MAD_set_shell.power_centric 
ISO_1 33.54 9.26 90  67 0.000 0.000 
ISO_1 9.26  6.68 186 72 0.000 0.000 
ISO_1 6.68  5.49 235 70 0.000 0.000 
ISO_1 5.49  4.77 300 71 0.000 0.000 
ISO_1 4.77  4.27 347 69 0.000 0.000 
ISO_1 4.27  3.91 365 70 0.000 0.000 
ISO_1 3.91  3.62 420 72 0.000 0.000 
ISO_1 3.62  3.39 434 74 0.000 0.000 
ISO_1 3.39  3.20 502 71 0.000 0.000 
ISO_1 3.20  3.03 494 68 0.000 0.000 
ISO_1 3.03  2.89 512 74 0.000 0.000 
ISO_1 2.89  2.77 575 72 0.000 0.000 
ISO_1 2.77  2.66 587 61 0.000 0.000 
ISO_1 2.66  2.57 575 67 0.000 0.000 
ISO_1 2.57  2.48 604 53 0.000 0.000 
ISO_1 2.48  2.40 573 65 0.000 0.000 
ISO_1 2.40  2.33 563 52 0.000 0.000 
ISO_1 2.33  2.27 509 50 0.000 0.000 
ISO_1 2.27  2.21 460 44 0.000 0.000 
ISO_1 2.21  2.15 384 42 0.000 0.000 
ANO_1 33.54 9.26 84  0  2.405 0.000 
ANO_1 9.26  6.68 186 0  3.608 0.000 
ANO_1 6.68  5.49 230 0  4.000 0.000 
ANO_1 5.49  4.77 297 0  3.097 0.000 
ANO_1 4.77  4.27 347 0  2.788 0.000 
ANO_1 4.27  3.91 364 0  2.392 0.000 
ANO_1 3.91  3.62 419 0  2.242 0.000 
ANO_1 3.62  3.39 434 0  1.760 0.000 
ANO_1 3.39  3.20 501 0  1.520 0.000 
ANO_1 3.20  3.03 494 0  1.276 0.000 
ANO_1 3.03  2.89 511 0  1.063 0.000 
ANO_1 2.89  2.77 575 0  0.781 0.000 
ANO_1 2.77  2.66 569 0  0.681 0.000 
ANO_1 2.66  2.57 542 0  0.660 0.000 
ANO_1 2.57  2.48 550 0  0.508 0.000 
ANO_1 2.48  2.40 495 0  0.484 0.000 
ANO_1 2.40  2.33 472 0  0.406 0.000 
ANO_1 2.33  2.27 411 0  0.405 0.000 
ANO_1 2.27  2.21 345 0  0.360 0.000 
ANO_1 2.21  2.15 304 0  0.386 0.000 
ISO_2 33.54 9.26 85  67 0.505 0.416 
ISO_2 9.26  6.68 186 72 1.239 1.276 
ISO_2 6.68  5.49 235 70 1.596 1.054 
ISO_2 5.49  4.77 300 71 1.331 0.788 
ISO_2 4.77  4.27 347 69 1.091 0.750 
ISO_2 4.27  3.91 365 70 0.938 0.549 
ISO_2 3.91  3.62 420 72 0.895 0.470 
ISO_2 3.62  3.39 434 74 0.725 0.575 
ISO_2 3.39  3.20 502 71 0.709 0.445 
ISO_2 3.20  3.03 494 68 0.586 0.451 
ISO_2 3.03  2.89 512 74 0.513 0.366 
ISO_2 2.89  2.77 575 72 0.418 0.204 
ISO_2 2.77  2.66 587 61 0.335 0.193 
ISO_2 2.66  2.57 574 67 0.297 0.136 
ISO_2 2.57  2.48 598 53 0.227 0.158 
ISO_2 2.48  2.40 566 65 0.179 0.122 
ISO_2 2.40  2.33 547 52 0.155 0.115 
ISO_2 2.33  2.27 488 50 0.144 0.129 
ISO_2 2.27  2.21 433 44 0.128 0.101 
ISO_2 2.21  2.15 352 41 0.125 0.104 
ANO_2 33.54 9.26 81  0  3.164 0.000 
ANO_2 9.26  6.68 186 0  4.582 0.000 
ANO_2 6.68  5.49 235 0  6.280 0.000 
ANO_2 5.49  4.77 300 0  4.699 0.000 
ANO_2 4.77  4.27 347 0  3.718 0.000 
ANO_2 4.27  3.91 365 0  3.395 0.000 
ANO_2 3.91  3.62 420 0  3.124 0.000 
ANO_2 3.62  3.39 434 0  2.553 0.000 
ANO_2 3.39  3.20 502 0  2.216 0.000 
ANO_2 3.20  3.03 494 0  1.788 0.000 
ANO_2 3.03  2.89 512 0  1.629 0.000 
ANO_2 2.89  2.77 575 0  1.205 0.000 
ANO_2 2.77  2.66 587 0  0.923 0.000 
ANO_2 2.66  2.57 573 0  0.906 0.000 
ANO_2 2.57  2.48 593 0  0.668 0.000 
ANO_2 2.48  2.40 554 0  0.560 0.000 
ANO_2 2.40  2.33 524 0  0.468 0.000 
ANO_2 2.33  2.27 465 0  0.473 0.000 
ANO_2 2.27  2.21 398 0  0.434 0.000 
ANO_2 2.21  2.15 328 0  0.390 0.000 
# 
_pdbx_phasing_dm.entry_id   3K29 
_pdbx_phasing_dm.method     'Solvent flattening  and Histogram matching' 
_pdbx_phasing_dm.reflns     9998 
# 
loop_
_pdbx_phasing_dm_shell.d_res_high 
_pdbx_phasing_dm_shell.d_res_low 
_pdbx_phasing_dm_shell.delta_phi_final 
_pdbx_phasing_dm_shell.delta_phi_initial 
_pdbx_phasing_dm_shell.fom_acentric 
_pdbx_phasing_dm_shell.fom_centric 
_pdbx_phasing_dm_shell.fom 
_pdbx_phasing_dm_shell.reflns_acentric 
_pdbx_phasing_dm_shell.reflns_centric 
_pdbx_phasing_dm_shell.reflns 
6.200 100.000 61.600 ? ? ? 0.875 ? ? 503 
4.890 6.200   58.400 ? ? ? 0.876 ? ? 506 
4.260 4.890   55.100 ? ? ? 0.885 ? ? 506 
3.850 4.260   56.300 ? ? ? 0.883 ? ? 505 
3.580 3.850   54.500 ? ? ? 0.869 ? ? 501 
3.360 3.580   58.900 ? ? ? 0.858 ? ? 508 
3.190 3.360   61.300 ? ? ? 0.825 ? ? 510 
3.050 3.190   64.600 ? ? ? 0.832 ? ? 504 
2.920 3.050   64.200 ? ? ? 0.802 ? ? 505 
2.820 2.920   64.000 ? ? ? 0.804 ? ? 502 
2.730 2.820   64.200 ? ? ? 0.756 ? ? 503 
2.650 2.730   71.300 ? ? ? 0.764 ? ? 503 
2.570 2.650   74.700 ? ? ? 0.731 ? ? 509 
2.500 2.570   76.000 ? ? ? 0.748 ? ? 512 
2.440 2.500   74.900 ? ? ? 0.754 ? ? 501 
2.380 2.440   75.500 ? ? ? 0.719 ? ? 502 
2.320 2.380   78.300 ? ? ? 0.744 ? ? 513 
2.260 2.320   80.600 ? ? ? 0.670 ? ? 514 
2.150 2.260   83.500 ? ? ? 0.664 ? ? 891 
# 
_phasing.method   MAD 
# 
loop_
_pdbx_unobs_or_zero_occ_residues.id 
_pdbx_unobs_or_zero_occ_residues.PDB_model_num 
_pdbx_unobs_or_zero_occ_residues.polymer_flag 
_pdbx_unobs_or_zero_occ_residues.occupancy_flag 
_pdbx_unobs_or_zero_occ_residues.auth_asym_id 
_pdbx_unobs_or_zero_occ_residues.auth_comp_id 
_pdbx_unobs_or_zero_occ_residues.auth_seq_id 
_pdbx_unobs_or_zero_occ_residues.PDB_ins_code 
_pdbx_unobs_or_zero_occ_residues.label_asym_id 
_pdbx_unobs_or_zero_occ_residues.label_comp_id 
_pdbx_unobs_or_zero_occ_residues.label_seq_id 
1 1 Y 1 A GLY 0   ? A GLY 1   
2 1 Y 1 A ARG 163 ? A ARG 164 
3 1 Y 1 A GLU 164 ? A GLU 165 
4 1 Y 1 A SER 165 ? A SER 166 
5 1 Y 1 A GLY 166 ? A GLY 167 
6 1 Y 1 A GLU 167 ? A GLU 168 
7 1 Y 1 A ASN 168 ? A ASN 169 
# 
loop_
_chem_comp_atom.comp_id 
_chem_comp_atom.atom_id 
_chem_comp_atom.type_symbol 
_chem_comp_atom.pdbx_aromatic_flag 
_chem_comp_atom.pdbx_stereo_config 
_chem_comp_atom.pdbx_ordinal 
ALA N    N  N N 1   
ALA CA   C  N S 2   
ALA C    C  N N 3   
ALA O    O  N N 4   
ALA CB   C  N N 5   
ALA OXT  O  N N 6   
ALA H    H  N N 7   
ALA H2   H  N N 8   
ALA HA   H  N N 9   
ALA HB1  H  N N 10  
ALA HB2  H  N N 11  
ALA HB3  H  N N 12  
ALA HXT  H  N N 13  
ARG N    N  N N 14  
ARG CA   C  N S 15  
ARG C    C  N N 16  
ARG O    O  N N 17  
ARG CB   C  N N 18  
ARG CG   C  N N 19  
ARG CD   C  N N 20  
ARG NE   N  N N 21  
ARG CZ   C  N N 22  
ARG NH1  N  N N 23  
ARG NH2  N  N N 24  
ARG OXT  O  N N 25  
ARG H    H  N N 26  
ARG H2   H  N N 27  
ARG HA   H  N N 28  
ARG HB2  H  N N 29  
ARG HB3  H  N N 30  
ARG HG2  H  N N 31  
ARG HG3  H  N N 32  
ARG HD2  H  N N 33  
ARG HD3  H  N N 34  
ARG HE   H  N N 35  
ARG HH11 H  N N 36  
ARG HH12 H  N N 37  
ARG HH21 H  N N 38  
ARG HH22 H  N N 39  
ARG HXT  H  N N 40  
ASN N    N  N N 41  
ASN CA   C  N S 42  
ASN C    C  N N 43  
ASN O    O  N N 44  
ASN CB   C  N N 45  
ASN CG   C  N N 46  
ASN OD1  O  N N 47  
ASN ND2  N  N N 48  
ASN OXT  O  N N 49  
ASN H    H  N N 50  
ASN H2   H  N N 51  
ASN HA   H  N N 52  
ASN HB2  H  N N 53  
ASN HB3  H  N N 54  
ASN HD21 H  N N 55  
ASN HD22 H  N N 56  
ASN HXT  H  N N 57  
ASP N    N  N N 58  
ASP CA   C  N S 59  
ASP C    C  N N 60  
ASP O    O  N N 61  
ASP CB   C  N N 62  
ASP CG   C  N N 63  
ASP OD1  O  N N 64  
ASP OD2  O  N N 65  
ASP OXT  O  N N 66  
ASP H    H  N N 67  
ASP H2   H  N N 68  
ASP HA   H  N N 69  
ASP HB2  H  N N 70  
ASP HB3  H  N N 71  
ASP HD2  H  N N 72  
ASP HXT  H  N N 73  
GLN N    N  N N 74  
GLN CA   C  N S 75  
GLN C    C  N N 76  
GLN O    O  N N 77  
GLN CB   C  N N 78  
GLN CG   C  N N 79  
GLN CD   C  N N 80  
GLN OE1  O  N N 81  
GLN NE2  N  N N 82  
GLN OXT  O  N N 83  
GLN H    H  N N 84  
GLN H2   H  N N 85  
GLN HA   H  N N 86  
GLN HB2  H  N N 87  
GLN HB3  H  N N 88  
GLN HG2  H  N N 89  
GLN HG3  H  N N 90  
GLN HE21 H  N N 91  
GLN HE22 H  N N 92  
GLN HXT  H  N N 93  
GLU N    N  N N 94  
GLU CA   C  N S 95  
GLU C    C  N N 96  
GLU O    O  N N 97  
GLU CB   C  N N 98  
GLU CG   C  N N 99  
GLU CD   C  N N 100 
GLU OE1  O  N N 101 
GLU OE2  O  N N 102 
GLU OXT  O  N N 103 
GLU H    H  N N 104 
GLU H2   H  N N 105 
GLU HA   H  N N 106 
GLU HB2  H  N N 107 
GLU HB3  H  N N 108 
GLU HG2  H  N N 109 
GLU HG3  H  N N 110 
GLU HE2  H  N N 111 
GLU HXT  H  N N 112 
GLY N    N  N N 113 
GLY CA   C  N N 114 
GLY C    C  N N 115 
GLY O    O  N N 116 
GLY OXT  O  N N 117 
GLY H    H  N N 118 
GLY H2   H  N N 119 
GLY HA2  H  N N 120 
GLY HA3  H  N N 121 
GLY HXT  H  N N 122 
HIS N    N  N N 123 
HIS CA   C  N S 124 
HIS C    C  N N 125 
HIS O    O  N N 126 
HIS CB   C  N N 127 
HIS CG   C  Y N 128 
HIS ND1  N  Y N 129 
HIS CD2  C  Y N 130 
HIS CE1  C  Y N 131 
HIS NE2  N  Y N 132 
HIS OXT  O  N N 133 
HIS H    H  N N 134 
HIS H2   H  N N 135 
HIS HA   H  N N 136 
HIS HB2  H  N N 137 
HIS HB3  H  N N 138 
HIS HD1  H  N N 139 
HIS HD2  H  N N 140 
HIS HE1  H  N N 141 
HIS HE2  H  N N 142 
HIS HXT  H  N N 143 
HOH O    O  N N 144 
HOH H1   H  N N 145 
HOH H2   H  N N 146 
ILE N    N  N N 147 
ILE CA   C  N S 148 
ILE C    C  N N 149 
ILE O    O  N N 150 
ILE CB   C  N S 151 
ILE CG1  C  N N 152 
ILE CG2  C  N N 153 
ILE CD1  C  N N 154 
ILE OXT  O  N N 155 
ILE H    H  N N 156 
ILE H2   H  N N 157 
ILE HA   H  N N 158 
ILE HB   H  N N 159 
ILE HG12 H  N N 160 
ILE HG13 H  N N 161 
ILE HG21 H  N N 162 
ILE HG22 H  N N 163 
ILE HG23 H  N N 164 
ILE HD11 H  N N 165 
ILE HD12 H  N N 166 
ILE HD13 H  N N 167 
ILE HXT  H  N N 168 
LEU N    N  N N 169 
LEU CA   C  N S 170 
LEU C    C  N N 171 
LEU O    O  N N 172 
LEU CB   C  N N 173 
LEU CG   C  N N 174 
LEU CD1  C  N N 175 
LEU CD2  C  N N 176 
LEU OXT  O  N N 177 
LEU H    H  N N 178 
LEU H2   H  N N 179 
LEU HA   H  N N 180 
LEU HB2  H  N N 181 
LEU HB3  H  N N 182 
LEU HG   H  N N 183 
LEU HD11 H  N N 184 
LEU HD12 H  N N 185 
LEU HD13 H  N N 186 
LEU HD21 H  N N 187 
LEU HD22 H  N N 188 
LEU HD23 H  N N 189 
LEU HXT  H  N N 190 
LYS N    N  N N 191 
LYS CA   C  N S 192 
LYS C    C  N N 193 
LYS O    O  N N 194 
LYS CB   C  N N 195 
LYS CG   C  N N 196 
LYS CD   C  N N 197 
LYS CE   C  N N 198 
LYS NZ   N  N N 199 
LYS OXT  O  N N 200 
LYS H    H  N N 201 
LYS H2   H  N N 202 
LYS HA   H  N N 203 
LYS HB2  H  N N 204 
LYS HB3  H  N N 205 
LYS HG2  H  N N 206 
LYS HG3  H  N N 207 
LYS HD2  H  N N 208 
LYS HD3  H  N N 209 
LYS HE2  H  N N 210 
LYS HE3  H  N N 211 
LYS HZ1  H  N N 212 
LYS HZ2  H  N N 213 
LYS HZ3  H  N N 214 
LYS HXT  H  N N 215 
MSE N    N  N N 216 
MSE CA   C  N S 217 
MSE C    C  N N 218 
MSE O    O  N N 219 
MSE OXT  O  N N 220 
MSE CB   C  N N 221 
MSE CG   C  N N 222 
MSE SE   SE N N 223 
MSE CE   C  N N 224 
MSE H    H  N N 225 
MSE H2   H  N N 226 
MSE HA   H  N N 227 
MSE HXT  H  N N 228 
MSE HB2  H  N N 229 
MSE HB3  H  N N 230 
MSE HG2  H  N N 231 
MSE HG3  H  N N 232 
MSE HE1  H  N N 233 
MSE HE2  H  N N 234 
MSE HE3  H  N N 235 
PRO N    N  N N 236 
PRO CA   C  N S 237 
PRO C    C  N N 238 
PRO O    O  N N 239 
PRO CB   C  N N 240 
PRO CG   C  N N 241 
PRO CD   C  N N 242 
PRO OXT  O  N N 243 
PRO H    H  N N 244 
PRO HA   H  N N 245 
PRO HB2  H  N N 246 
PRO HB3  H  N N 247 
PRO HG2  H  N N 248 
PRO HG3  H  N N 249 
PRO HD2  H  N N 250 
PRO HD3  H  N N 251 
PRO HXT  H  N N 252 
SER N    N  N N 253 
SER CA   C  N S 254 
SER C    C  N N 255 
SER O    O  N N 256 
SER CB   C  N N 257 
SER OG   O  N N 258 
SER OXT  O  N N 259 
SER H    H  N N 260 
SER H2   H  N N 261 
SER HA   H  N N 262 
SER HB2  H  N N 263 
SER HB3  H  N N 264 
SER HG   H  N N 265 
SER HXT  H  N N 266 
THR N    N  N N 267 
THR CA   C  N S 268 
THR C    C  N N 269 
THR O    O  N N 270 
THR CB   C  N R 271 
THR OG1  O  N N 272 
THR CG2  C  N N 273 
THR OXT  O  N N 274 
THR H    H  N N 275 
THR H2   H  N N 276 
THR HA   H  N N 277 
THR HB   H  N N 278 
THR HG1  H  N N 279 
THR HG21 H  N N 280 
THR HG22 H  N N 281 
THR HG23 H  N N 282 
THR HXT  H  N N 283 
TRP N    N  N N 284 
TRP CA   C  N S 285 
TRP C    C  N N 286 
TRP O    O  N N 287 
TRP CB   C  N N 288 
TRP CG   C  Y N 289 
TRP CD1  C  Y N 290 
TRP CD2  C  Y N 291 
TRP NE1  N  Y N 292 
TRP CE2  C  Y N 293 
TRP CE3  C  Y N 294 
TRP CZ2  C  Y N 295 
TRP CZ3  C  Y N 296 
TRP CH2  C  Y N 297 
TRP OXT  O  N N 298 
TRP H    H  N N 299 
TRP H2   H  N N 300 
TRP HA   H  N N 301 
TRP HB2  H  N N 302 
TRP HB3  H  N N 303 
TRP HD1  H  N N 304 
TRP HE1  H  N N 305 
TRP HE3  H  N N 306 
TRP HZ2  H  N N 307 
TRP HZ3  H  N N 308 
TRP HH2  H  N N 309 
TRP HXT  H  N N 310 
TYR N    N  N N 311 
TYR CA   C  N S 312 
TYR C    C  N N 313 
TYR O    O  N N 314 
TYR CB   C  N N 315 
TYR CG   C  Y N 316 
TYR CD1  C  Y N 317 
TYR CD2  C  Y N 318 
TYR CE1  C  Y N 319 
TYR CE2  C  Y N 320 
TYR CZ   C  Y N 321 
TYR OH   O  N N 322 
TYR OXT  O  N N 323 
TYR H    H  N N 324 
TYR H2   H  N N 325 
TYR HA   H  N N 326 
TYR HB2  H  N N 327 
TYR HB3  H  N N 328 
TYR HD1  H  N N 329 
TYR HD2  H  N N 330 
TYR HE1  H  N N 331 
TYR HE2  H  N N 332 
TYR HH   H  N N 333 
TYR HXT  H  N N 334 
VAL N    N  N N 335 
VAL CA   C  N S 336 
VAL C    C  N N 337 
VAL O    O  N N 338 
VAL CB   C  N N 339 
VAL CG1  C  N N 340 
VAL CG2  C  N N 341 
VAL OXT  O  N N 342 
VAL H    H  N N 343 
VAL H2   H  N N 344 
VAL HA   H  N N 345 
VAL HB   H  N N 346 
VAL HG11 H  N N 347 
VAL HG12 H  N N 348 
VAL HG13 H  N N 349 
VAL HG21 H  N N 350 
VAL HG22 H  N N 351 
VAL HG23 H  N N 352 
VAL HXT  H  N N 353 
# 
loop_
_chem_comp_bond.comp_id 
_chem_comp_bond.atom_id_1 
_chem_comp_bond.atom_id_2 
_chem_comp_bond.value_order 
_chem_comp_bond.pdbx_aromatic_flag 
_chem_comp_bond.pdbx_stereo_config 
_chem_comp_bond.pdbx_ordinal 
ALA N   CA   sing N N 1   
ALA N   H    sing N N 2   
ALA N   H2   sing N N 3   
ALA CA  C    sing N N 4   
ALA CA  CB   sing N N 5   
ALA CA  HA   sing N N 6   
ALA C   O    doub N N 7   
ALA C   OXT  sing N N 8   
ALA CB  HB1  sing N N 9   
ALA CB  HB2  sing N N 10  
ALA CB  HB3  sing N N 11  
ALA OXT HXT  sing N N 12  
ARG N   CA   sing N N 13  
ARG N   H    sing N N 14  
ARG N   H2   sing N N 15  
ARG CA  C    sing N N 16  
ARG CA  CB   sing N N 17  
ARG CA  HA   sing N N 18  
ARG C   O    doub N N 19  
ARG C   OXT  sing N N 20  
ARG CB  CG   sing N N 21  
ARG CB  HB2  sing N N 22  
ARG CB  HB3  sing N N 23  
ARG CG  CD   sing N N 24  
ARG CG  HG2  sing N N 25  
ARG CG  HG3  sing N N 26  
ARG CD  NE   sing N N 27  
ARG CD  HD2  sing N N 28  
ARG CD  HD3  sing N N 29  
ARG NE  CZ   sing N N 30  
ARG NE  HE   sing N N 31  
ARG CZ  NH1  sing N N 32  
ARG CZ  NH2  doub N N 33  
ARG NH1 HH11 sing N N 34  
ARG NH1 HH12 sing N N 35  
ARG NH2 HH21 sing N N 36  
ARG NH2 HH22 sing N N 37  
ARG OXT HXT  sing N N 38  
ASN N   CA   sing N N 39  
ASN N   H    sing N N 40  
ASN N   H2   sing N N 41  
ASN CA  C    sing N N 42  
ASN CA  CB   sing N N 43  
ASN CA  HA   sing N N 44  
ASN C   O    doub N N 45  
ASN C   OXT  sing N N 46  
ASN CB  CG   sing N N 47  
ASN CB  HB2  sing N N 48  
ASN CB  HB3  sing N N 49  
ASN CG  OD1  doub N N 50  
ASN CG  ND2  sing N N 51  
ASN ND2 HD21 sing N N 52  
ASN ND2 HD22 sing N N 53  
ASN OXT HXT  sing N N 54  
ASP N   CA   sing N N 55  
ASP N   H    sing N N 56  
ASP N   H2   sing N N 57  
ASP CA  C    sing N N 58  
ASP CA  CB   sing N N 59  
ASP CA  HA   sing N N 60  
ASP C   O    doub N N 61  
ASP C   OXT  sing N N 62  
ASP CB  CG   sing N N 63  
ASP CB  HB2  sing N N 64  
ASP CB  HB3  sing N N 65  
ASP CG  OD1  doub N N 66  
ASP CG  OD2  sing N N 67  
ASP OD2 HD2  sing N N 68  
ASP OXT HXT  sing N N 69  
GLN N   CA   sing N N 70  
GLN N   H    sing N N 71  
GLN N   H2   sing N N 72  
GLN CA  C    sing N N 73  
GLN CA  CB   sing N N 74  
GLN CA  HA   sing N N 75  
GLN C   O    doub N N 76  
GLN C   OXT  sing N N 77  
GLN CB  CG   sing N N 78  
GLN CB  HB2  sing N N 79  
GLN CB  HB3  sing N N 80  
GLN CG  CD   sing N N 81  
GLN CG  HG2  sing N N 82  
GLN CG  HG3  sing N N 83  
GLN CD  OE1  doub N N 84  
GLN CD  NE2  sing N N 85  
GLN NE2 HE21 sing N N 86  
GLN NE2 HE22 sing N N 87  
GLN OXT HXT  sing N N 88  
GLU N   CA   sing N N 89  
GLU N   H    sing N N 90  
GLU N   H2   sing N N 91  
GLU CA  C    sing N N 92  
GLU CA  CB   sing N N 93  
GLU CA  HA   sing N N 94  
GLU C   O    doub N N 95  
GLU C   OXT  sing N N 96  
GLU CB  CG   sing N N 97  
GLU CB  HB2  sing N N 98  
GLU CB  HB3  sing N N 99  
GLU CG  CD   sing N N 100 
GLU CG  HG2  sing N N 101 
GLU CG  HG3  sing N N 102 
GLU CD  OE1  doub N N 103 
GLU CD  OE2  sing N N 104 
GLU OE2 HE2  sing N N 105 
GLU OXT HXT  sing N N 106 
GLY N   CA   sing N N 107 
GLY N   H    sing N N 108 
GLY N   H2   sing N N 109 
GLY CA  C    sing N N 110 
GLY CA  HA2  sing N N 111 
GLY CA  HA3  sing N N 112 
GLY C   O    doub N N 113 
GLY C   OXT  sing N N 114 
GLY OXT HXT  sing N N 115 
HIS N   CA   sing N N 116 
HIS N   H    sing N N 117 
HIS N   H2   sing N N 118 
HIS CA  C    sing N N 119 
HIS CA  CB   sing N N 120 
HIS CA  HA   sing N N 121 
HIS C   O    doub N N 122 
HIS C   OXT  sing N N 123 
HIS CB  CG   sing N N 124 
HIS CB  HB2  sing N N 125 
HIS CB  HB3  sing N N 126 
HIS CG  ND1  sing Y N 127 
HIS CG  CD2  doub Y N 128 
HIS ND1 CE1  doub Y N 129 
HIS ND1 HD1  sing N N 130 
HIS CD2 NE2  sing Y N 131 
HIS CD2 HD2  sing N N 132 
HIS CE1 NE2  sing Y N 133 
HIS CE1 HE1  sing N N 134 
HIS NE2 HE2  sing N N 135 
HIS OXT HXT  sing N N 136 
HOH O   H1   sing N N 137 
HOH O   H2   sing N N 138 
ILE N   CA   sing N N 139 
ILE N   H    sing N N 140 
ILE N   H2   sing N N 141 
ILE CA  C    sing N N 142 
ILE CA  CB   sing N N 143 
ILE CA  HA   sing N N 144 
ILE C   O    doub N N 145 
ILE C   OXT  sing N N 146 
ILE CB  CG1  sing N N 147 
ILE CB  CG2  sing N N 148 
ILE CB  HB   sing N N 149 
ILE CG1 CD1  sing N N 150 
ILE CG1 HG12 sing N N 151 
ILE CG1 HG13 sing N N 152 
ILE CG2 HG21 sing N N 153 
ILE CG2 HG22 sing N N 154 
ILE CG2 HG23 sing N N 155 
ILE CD1 HD11 sing N N 156 
ILE CD1 HD12 sing N N 157 
ILE CD1 HD13 sing N N 158 
ILE OXT HXT  sing N N 159 
LEU N   CA   sing N N 160 
LEU N   H    sing N N 161 
LEU N   H2   sing N N 162 
LEU CA  C    sing N N 163 
LEU CA  CB   sing N N 164 
LEU CA  HA   sing N N 165 
LEU C   O    doub N N 166 
LEU C   OXT  sing N N 167 
LEU CB  CG   sing N N 168 
LEU CB  HB2  sing N N 169 
LEU CB  HB3  sing N N 170 
LEU CG  CD1  sing N N 171 
LEU CG  CD2  sing N N 172 
LEU CG  HG   sing N N 173 
LEU CD1 HD11 sing N N 174 
LEU CD1 HD12 sing N N 175 
LEU CD1 HD13 sing N N 176 
LEU CD2 HD21 sing N N 177 
LEU CD2 HD22 sing N N 178 
LEU CD2 HD23 sing N N 179 
LEU OXT HXT  sing N N 180 
LYS N   CA   sing N N 181 
LYS N   H    sing N N 182 
LYS N   H2   sing N N 183 
LYS CA  C    sing N N 184 
LYS CA  CB   sing N N 185 
LYS CA  HA   sing N N 186 
LYS C   O    doub N N 187 
LYS C   OXT  sing N N 188 
LYS CB  CG   sing N N 189 
LYS CB  HB2  sing N N 190 
LYS CB  HB3  sing N N 191 
LYS CG  CD   sing N N 192 
LYS CG  HG2  sing N N 193 
LYS CG  HG3  sing N N 194 
LYS CD  CE   sing N N 195 
LYS CD  HD2  sing N N 196 
LYS CD  HD3  sing N N 197 
LYS CE  NZ   sing N N 198 
LYS CE  HE2  sing N N 199 
LYS CE  HE3  sing N N 200 
LYS NZ  HZ1  sing N N 201 
LYS NZ  HZ2  sing N N 202 
LYS NZ  HZ3  sing N N 203 
LYS OXT HXT  sing N N 204 
MSE N   CA   sing N N 205 
MSE N   H    sing N N 206 
MSE N   H2   sing N N 207 
MSE CA  C    sing N N 208 
MSE CA  CB   sing N N 209 
MSE CA  HA   sing N N 210 
MSE C   O    doub N N 211 
MSE C   OXT  sing N N 212 
MSE OXT HXT  sing N N 213 
MSE CB  CG   sing N N 214 
MSE CB  HB2  sing N N 215 
MSE CB  HB3  sing N N 216 
MSE CG  SE   sing N N 217 
MSE CG  HG2  sing N N 218 
MSE CG  HG3  sing N N 219 
MSE SE  CE   sing N N 220 
MSE CE  HE1  sing N N 221 
MSE CE  HE2  sing N N 222 
MSE CE  HE3  sing N N 223 
PRO N   CA   sing N N 224 
PRO N   CD   sing N N 225 
PRO N   H    sing N N 226 
PRO CA  C    sing N N 227 
PRO CA  CB   sing N N 228 
PRO CA  HA   sing N N 229 
PRO C   O    doub N N 230 
PRO C   OXT  sing N N 231 
PRO CB  CG   sing N N 232 
PRO CB  HB2  sing N N 233 
PRO CB  HB3  sing N N 234 
PRO CG  CD   sing N N 235 
PRO CG  HG2  sing N N 236 
PRO CG  HG3  sing N N 237 
PRO CD  HD2  sing N N 238 
PRO CD  HD3  sing N N 239 
PRO OXT HXT  sing N N 240 
SER N   CA   sing N N 241 
SER N   H    sing N N 242 
SER N   H2   sing N N 243 
SER CA  C    sing N N 244 
SER CA  CB   sing N N 245 
SER CA  HA   sing N N 246 
SER C   O    doub N N 247 
SER C   OXT  sing N N 248 
SER CB  OG   sing N N 249 
SER CB  HB2  sing N N 250 
SER CB  HB3  sing N N 251 
SER OG  HG   sing N N 252 
SER OXT HXT  sing N N 253 
THR N   CA   sing N N 254 
THR N   H    sing N N 255 
THR N   H2   sing N N 256 
THR CA  C    sing N N 257 
THR CA  CB   sing N N 258 
THR CA  HA   sing N N 259 
THR C   O    doub N N 260 
THR C   OXT  sing N N 261 
THR CB  OG1  sing N N 262 
THR CB  CG2  sing N N 263 
THR CB  HB   sing N N 264 
THR OG1 HG1  sing N N 265 
THR CG2 HG21 sing N N 266 
THR CG2 HG22 sing N N 267 
THR CG2 HG23 sing N N 268 
THR OXT HXT  sing N N 269 
TRP N   CA   sing N N 270 
TRP N   H    sing N N 271 
TRP N   H2   sing N N 272 
TRP CA  C    sing N N 273 
TRP CA  CB   sing N N 274 
TRP CA  HA   sing N N 275 
TRP C   O    doub N N 276 
TRP C   OXT  sing N N 277 
TRP CB  CG   sing N N 278 
TRP CB  HB2  sing N N 279 
TRP CB  HB3  sing N N 280 
TRP CG  CD1  doub Y N 281 
TRP CG  CD2  sing Y N 282 
TRP CD1 NE1  sing Y N 283 
TRP CD1 HD1  sing N N 284 
TRP CD2 CE2  doub Y N 285 
TRP CD2 CE3  sing Y N 286 
TRP NE1 CE2  sing Y N 287 
TRP NE1 HE1  sing N N 288 
TRP CE2 CZ2  sing Y N 289 
TRP CE3 CZ3  doub Y N 290 
TRP CE3 HE3  sing N N 291 
TRP CZ2 CH2  doub Y N 292 
TRP CZ2 HZ2  sing N N 293 
TRP CZ3 CH2  sing Y N 294 
TRP CZ3 HZ3  sing N N 295 
TRP CH2 HH2  sing N N 296 
TRP OXT HXT  sing N N 297 
TYR N   CA   sing N N 298 
TYR N   H    sing N N 299 
TYR N   H2   sing N N 300 
TYR CA  C    sing N N 301 
TYR CA  CB   sing N N 302 
TYR CA  HA   sing N N 303 
TYR C   O    doub N N 304 
TYR C   OXT  sing N N 305 
TYR CB  CG   sing N N 306 
TYR CB  HB2  sing N N 307 
TYR CB  HB3  sing N N 308 
TYR CG  CD1  doub Y N 309 
TYR CG  CD2  sing Y N 310 
TYR CD1 CE1  sing Y N 311 
TYR CD1 HD1  sing N N 312 
TYR CD2 CE2  doub Y N 313 
TYR CD2 HD2  sing N N 314 
TYR CE1 CZ   doub Y N 315 
TYR CE1 HE1  sing N N 316 
TYR CE2 CZ   sing Y N 317 
TYR CE2 HE2  sing N N 318 
TYR CZ  OH   sing N N 319 
TYR OH  HH   sing N N 320 
TYR OXT HXT  sing N N 321 
VAL N   CA   sing N N 322 
VAL N   H    sing N N 323 
VAL N   H2   sing N N 324 
VAL CA  C    sing N N 325 
VAL CA  CB   sing N N 326 
VAL CA  HA   sing N N 327 
VAL C   O    doub N N 328 
VAL C   OXT  sing N N 329 
VAL CB  CG1  sing N N 330 
VAL CB  CG2  sing N N 331 
VAL CB  HB   sing N N 332 
VAL CG1 HG11 sing N N 333 
VAL CG1 HG12 sing N N 334 
VAL CG1 HG13 sing N N 335 
VAL CG2 HG21 sing N N 336 
VAL CG2 HG22 sing N N 337 
VAL CG2 HG23 sing N N 338 
VAL OXT HXT  sing N N 339 
# 
_atom_sites.entry_id                    3K29 
_atom_sites.fract_transf_matrix[1][1]   -0.00860222 
_atom_sites.fract_transf_matrix[1][2]   -0.00729164 
_atom_sites.fract_transf_matrix[1][3]   0.00565258 
_atom_sites.fract_transf_matrix[2][1]   0.02806870 
_atom_sites.fract_transf_matrix[2][2]   -0.00864436 
_atom_sites.fract_transf_matrix[2][3]   0.03156464 
_atom_sites.fract_transf_matrix[3][1]   -0.00518881 
_atom_sites.fract_transf_matrix[3][2]   0.00576594 
_atom_sites.fract_transf_matrix[3][3]   0.00619320 
_atom_sites.fract_transf_vector[1]      0.326024 
_atom_sites.fract_transf_vector[2]      0.471606 
_atom_sites.fract_transf_vector[3]      0.422722 
# 
loop_
_atom_type.symbol 
C  
N  
O  
SE 
# 
loop_
_atom_site.group_PDB 
_atom_site.id 
_atom_site.type_symbol 
_atom_site.label_atom_id 
_atom_site.label_alt_id 
_atom_site.label_comp_id 
_atom_site.label_asym_id 
_atom_site.label_entity_id 
_atom_site.label_seq_id 
_atom_site.pdbx_PDB_ins_code 
_atom_site.Cartn_x 
_atom_site.Cartn_y 
_atom_site.Cartn_z 
_atom_site.occupancy 
_atom_site.B_iso_or_equiv 
_atom_site.pdbx_formal_charge 
_atom_site.auth_seq_id 
_atom_site.auth_comp_id 
_atom_site.auth_asym_id 
_atom_site.auth_atom_id 
_atom_site.pdbx_PDB_model_num 
HETATM 1    N  N   . MSE A 1 2   ? -32.806 25.036  9.378   1.00 39.31 ? 1   MSE A N   1 
HETATM 2    C  CA  . MSE A 1 2   ? -32.130 23.707  9.508   1.00 39.44 ? 1   MSE A CA  1 
HETATM 3    C  C   . MSE A 1 2   ? -30.728 23.789  10.177  1.00 37.78 ? 1   MSE A C   1 
HETATM 4    O  O   . MSE A 1 2   ? -29.729 24.110  9.531   1.00 37.96 ? 1   MSE A O   1 
HETATM 5    C  CB  . MSE A 1 2   ? -32.123 22.968  8.151   1.00 40.42 ? 1   MSE A CB  1 
HETATM 6    C  CG  . MSE A 1 2   ? -31.089 23.444  7.088   1.00 45.71 ? 1   MSE A CG  1 
HETATM 7    SE SE  . MSE A 1 2   ? -30.822 25.387  6.778   0.60 58.67 ? 1   MSE A SE  1 
HETATM 8    C  CE  . MSE A 1 2   ? -28.807 25.423  6.747   1.00 53.74 ? 1   MSE A CE  1 
ATOM   9    N  N   . VAL A 1 3   ? -30.680 23.521  11.486  1.00 36.06 ? 2   VAL A N   1 
ATOM   10   C  CA  . VAL A 1 3   ? -29.430 23.452  12.265  1.00 34.02 ? 2   VAL A CA  1 
ATOM   11   C  C   . VAL A 1 3   ? -28.668 22.147  11.954  1.00 32.85 ? 2   VAL A C   1 
ATOM   12   O  O   . VAL A 1 3   ? -29.017 21.068  12.449  1.00 32.58 ? 2   VAL A O   1 
ATOM   13   C  CB  . VAL A 1 3   ? -29.690 23.535  13.803  1.00 34.15 ? 2   VAL A CB  1 
ATOM   14   C  CG1 . VAL A 1 3   ? -28.358 23.640  14.585  1.00 33.42 ? 2   VAL A CG1 1 
ATOM   15   C  CG2 . VAL A 1 3   ? -30.688 24.675  14.156  1.00 33.25 ? 2   VAL A CG2 1 
ATOM   16   N  N   . ARG A 1 4   ? -27.638 22.269  11.122  1.00 31.05 ? 3   ARG A N   1 
ATOM   17   C  CA  . ARG A 1 4   ? -26.761 21.166  10.758  1.00 29.11 ? 3   ARG A CA  1 
ATOM   18   C  C   . ARG A 1 4   ? -25.501 21.178  11.634  1.00 27.45 ? 3   ARG A C   1 
ATOM   19   O  O   . ARG A 1 4   ? -25.227 22.152  12.337  1.00 27.46 ? 3   ARG A O   1 
ATOM   20   C  CB  . ARG A 1 4   ? -26.362 21.310  9.289   1.00 29.69 ? 3   ARG A CB  1 
ATOM   21   C  CG  . ARG A 1 4   ? -27.464 21.824  8.383   1.00 31.10 ? 3   ARG A CG  1 
ATOM   22   C  CD  . ARG A 1 4   ? -28.297 20.693  7.822   1.00 33.71 ? 3   ARG A CD  1 
ATOM   23   N  NE  . ARG A 1 4   ? -29.198 21.182  6.787   1.00 34.99 ? 3   ARG A NE  1 
ATOM   24   C  CZ  . ARG A 1 4   ? -29.986 20.414  6.036   1.00 36.36 ? 3   ARG A CZ  1 
ATOM   25   N  NH1 . ARG A 1 4   ? -29.992 19.093  6.190   1.00 36.68 ? 3   ARG A NH1 1 
ATOM   26   N  NH2 . ARG A 1 4   ? -30.772 20.977  5.124   1.00 36.24 ? 3   ARG A NH2 1 
ATOM   27   N  N   . TYR A 1 5   ? -24.722 20.106  11.571  1.00 24.94 ? 4   TYR A N   1 
ATOM   28   C  CA  . TYR A 1 5   ? -23.502 19.985  12.359  1.00 23.12 ? 4   TYR A CA  1 
ATOM   29   C  C   . TYR A 1 5   ? -22.502 21.094  12.026  1.00 22.44 ? 4   TYR A C   1 
ATOM   30   O  O   . TYR A 1 5   ? -22.188 21.288  10.857  1.00 22.31 ? 4   TYR A O   1 
ATOM   31   C  CB  . TYR A 1 5   ? -22.870 18.613  12.105  1.00 22.75 ? 4   TYR A CB  1 
ATOM   32   C  CG  . TYR A 1 5   ? -21.590 18.373  12.849  1.00 20.76 ? 4   TYR A CG  1 
ATOM   33   C  CD1 . TYR A 1 5   ? -21.485 18.647  14.208  1.00 19.53 ? 4   TYR A CD1 1 
ATOM   34   C  CD2 . TYR A 1 5   ? -20.479 17.856  12.193  1.00 20.88 ? 4   TYR A CD2 1 
ATOM   35   C  CE1 . TYR A 1 5   ? -20.305 18.428  14.893  1.00 19.58 ? 4   TYR A CE1 1 
ATOM   36   C  CE2 . TYR A 1 5   ? -19.297 17.617  12.868  1.00 21.85 ? 4   TYR A CE2 1 
ATOM   37   C  CZ  . TYR A 1 5   ? -19.218 17.916  14.224  1.00 22.49 ? 4   TYR A CZ  1 
ATOM   38   O  OH  . TYR A 1 5   ? -18.035 17.685  14.906  1.00 24.89 ? 4   TYR A OH  1 
ATOM   39   N  N   . PRO A 1 6   ? -22.007 21.834  13.045  1.00 21.98 ? 5   PRO A N   1 
ATOM   40   C  CA  . PRO A 1 6   ? -21.144 22.999  12.757  1.00 21.13 ? 5   PRO A CA  1 
ATOM   41   C  C   . PRO A 1 6   ? -19.859 22.615  12.037  1.00 20.09 ? 5   PRO A C   1 
ATOM   42   O  O   . PRO A 1 6   ? -19.264 23.427  11.315  1.00 19.99 ? 5   PRO A O   1 
ATOM   43   C  CB  . PRO A 1 6   ? -20.815 23.522  14.158  1.00 20.97 ? 5   PRO A CB  1 
ATOM   44   C  CG  . PRO A 1 6   ? -21.997 23.184  14.943  1.00 22.24 ? 5   PRO A CG  1 
ATOM   45   C  CD  . PRO A 1 6   ? -22.376 21.799  14.473  1.00 22.24 ? 5   PRO A CD  1 
ATOM   46   N  N   . LEU A 1 7   ? -19.419 21.381  12.253  1.00 19.93 ? 6   LEU A N   1 
ATOM   47   C  CA  . LEU A 1 7   ? -18.167 20.940  11.687  1.00 20.08 ? 6   LEU A CA  1 
ATOM   48   C  C   . LEU A 1 7   ? -18.406 19.966  10.509  1.00 19.92 ? 6   LEU A C   1 
ATOM   49   O  O   . LEU A 1 7   ? -17.551 19.155  10.142  1.00 19.90 ? 6   LEU A O   1 
ATOM   50   C  CB  . LEU A 1 7   ? -17.230 20.384  12.779  1.00 20.81 ? 6   LEU A CB  1 
ATOM   51   C  CG  . LEU A 1 7   ? -16.659 21.357  13.825  1.00 20.97 ? 6   LEU A CG  1 
ATOM   52   C  CD1 . LEU A 1 7   ? -15.806 20.574  14.810  1.00 23.12 ? 6   LEU A CD1 1 
ATOM   53   C  CD2 . LEU A 1 7   ? -15.819 22.442  13.189  1.00 20.20 ? 6   LEU A CD2 1 
ATOM   54   N  N   . GLU A 1 8   ? -19.575 20.100  9.890   1.00 20.18 ? 7   GLU A N   1 
ATOM   55   C  CA  . GLU A 1 8   ? -19.869 19.352  8.680   1.00 20.30 ? 7   GLU A CA  1 
ATOM   56   C  C   . GLU A 1 8   ? -18.756 19.501  7.615   1.00 19.57 ? 7   GLU A C   1 
ATOM   57   O  O   . GLU A 1 8   ? -18.357 18.506  7.000   1.00 18.69 ? 7   GLU A O   1 
ATOM   58   C  CB  . GLU A 1 8   ? -21.231 19.732  8.110   1.00 20.27 ? 7   GLU A CB  1 
ATOM   59   C  CG  . GLU A 1 8   ? -21.732 18.713  7.120   1.00 21.95 ? 7   GLU A CG  1 
ATOM   60   C  CD  . GLU A 1 8   ? -21.927 17.331  7.732   1.00 26.09 ? 7   GLU A CD  1 
ATOM   61   O  OE1 . GLU A 1 8   ? -22.025 17.204  8.975   1.00 26.61 ? 7   GLU A OE1 1 
ATOM   62   O  OE2 . GLU A 1 8   ? -21.994 16.358  6.952   1.00 29.00 ? 7   GLU A OE2 1 
ATOM   63   N  N   . PRO A 1 9   ? -18.254 20.740  7.395   1.00 19.14 ? 8   PRO A N   1 
ATOM   64   C  CA  . PRO A 1 9   ? -17.183 20.877  6.399   1.00 18.90 ? 8   PRO A CA  1 
ATOM   65   C  C   . PRO A 1 9   ? -15.905 20.063  6.702   1.00 19.46 ? 8   PRO A C   1 
ATOM   66   O  O   . PRO A 1 9   ? -15.245 19.604  5.767   1.00 19.33 ? 8   PRO A O   1 
ATOM   67   C  CB  . PRO A 1 9   ? -16.889 22.362  6.396   1.00 18.39 ? 8   PRO A CB  1 
ATOM   68   C  CG  . PRO A 1 9   ? -18.227 23.009  6.851   1.00 19.31 ? 8   PRO A CG  1 
ATOM   69   C  CD  . PRO A 1 9   ? -18.716 22.054  7.903   1.00 19.05 ? 8   PRO A CD  1 
ATOM   70   N  N   . VAL A 1 10  ? -15.557 19.908  7.977   1.00 20.45 ? 9   VAL A N   1 
ATOM   71   C  CA  . VAL A 1 10  ? -14.404 19.102  8.383   1.00 20.94 ? 9   VAL A CA  1 
ATOM   72   C  C   . VAL A 1 10  ? -14.723 17.609  8.128   1.00 21.47 ? 9   VAL A C   1 
ATOM   73   O  O   . VAL A 1 10  ? -13.912 16.896  7.550   1.00 22.01 ? 9   VAL A O   1 
ATOM   74   C  CB  . VAL A 1 10  ? -14.049 19.341  9.863   1.00 21.18 ? 9   VAL A CB  1 
ATOM   75   C  CG1 . VAL A 1 10  ? -13.043 18.314  10.359  1.00 20.90 ? 9   VAL A CG1 1 
ATOM   76   C  CG2 . VAL A 1 10  ? -13.522 20.763  10.067  1.00 20.13 ? 9   VAL A CG2 1 
ATOM   77   N  N   . LEU A 1 11  ? -15.919 17.152  8.506   1.00 21.64 ? 10  LEU A N   1 
ATOM   78   C  CA  . LEU A 1 11  ? -16.286 15.765  8.253   1.00 20.93 ? 10  LEU A CA  1 
ATOM   79   C  C   . LEU A 1 11  ? -16.252 15.430  6.742   1.00 21.13 ? 10  LEU A C   1 
ATOM   80   O  O   . LEU A 1 11  ? -15.648 14.418  6.328   1.00 21.41 ? 10  LEU A O   1 
ATOM   81   C  CB  . LEU A 1 11  ? -17.647 15.458  8.873   1.00 21.29 ? 10  LEU A CB  1 
ATOM   82   C  CG  . LEU A 1 11  ? -18.230 14.035  8.833   1.00 20.61 ? 10  LEU A CG  1 
ATOM   83   C  CD1 . LEU A 1 11  ? -17.393 13.034  9.636   1.00 21.83 ? 10  LEU A CD1 1 
ATOM   84   C  CD2 . LEU A 1 11  ? -19.653 14.086  9.358   1.00 19.83 ? 10  LEU A CD2 1 
ATOM   85   N  N   . SER A 1 12  ? -16.860 16.293  5.928   1.00 19.88 ? 11  SER A N   1 
ATOM   86   C  CA  . SER A 1 12  ? -16.866 16.149  4.472   1.00 20.47 ? 11  SER A CA  1 
ATOM   87   C  C   . SER A 1 12  ? -15.441 15.960  3.961   1.00 20.53 ? 11  SER A C   1 
ATOM   88   O  O   . SER A 1 12  ? -15.137 14.990  3.245   1.00 18.89 ? 11  SER A O   1 
ATOM   89   C  CB  . SER A 1 12  ? -17.506 17.389  3.842   1.00 21.38 ? 11  SER A CB  1 
ATOM   90   O  OG  . SER A 1 12  ? -18.063 17.077  2.592   1.00 24.85 ? 11  SER A OG  1 
ATOM   91   N  N   . ILE A 1 13  ? -14.552 16.851  4.397   1.00 20.17 ? 12  ILE A N   1 
ATOM   92   C  CA  . ILE A 1 13  ? -13.134 16.768  4.039   1.00 20.74 ? 12  ILE A CA  1 
ATOM   93   C  C   . ILE A 1 13  ? -12.456 15.458  4.465   1.00 21.31 ? 12  ILE A C   1 
ATOM   94   O  O   . ILE A 1 13  ? -11.699 14.891  3.693   1.00 22.35 ? 12  ILE A O   1 
ATOM   95   C  CB  . ILE A 1 13  ? -12.358 17.983  4.559   1.00 20.47 ? 12  ILE A CB  1 
ATOM   96   C  CG1 . ILE A 1 13  ? -12.696 19.202  3.695   1.00 19.17 ? 12  ILE A CG1 1 
ATOM   97   C  CG2 . ILE A 1 13  ? -10.815 17.710  4.609   1.00 19.32 ? 12  ILE A CG2 1 
ATOM   98   C  CD1 . ILE A 1 13  ? -12.342 20.504  4.336   1.00 20.17 ? 12  ILE A CD1 1 
ATOM   99   N  N   . LYS A 1 14  ? -12.766 14.978  5.664   1.00 21.55 ? 13  LYS A N   1 
ATOM   100  C  CA  . LYS A 1 14  ? -12.124 13.801  6.231   1.00 21.89 ? 13  LYS A CA  1 
ATOM   101  C  C   . LYS A 1 14  ? -12.570 12.516  5.508   1.00 22.40 ? 13  LYS A C   1 
ATOM   102  O  O   . LYS A 1 14  ? -11.795 11.548  5.376   1.00 21.57 ? 13  LYS A O   1 
ATOM   103  C  CB  . LYS A 1 14  ? -12.406 13.725  7.716   1.00 21.70 ? 13  LYS A CB  1 
ATOM   104  C  CG  . LYS A 1 14  ? -11.554 14.732  8.504   1.00 23.88 ? 13  LYS A CG  1 
ATOM   105  C  CD  . LYS A 1 14  ? -11.642 14.431  9.984   1.00 26.68 ? 13  LYS A CD  1 
ATOM   106  C  CE  . LYS A 1 14  ? -10.333 14.715  10.736  1.00 30.93 ? 13  LYS A CE  1 
ATOM   107  N  NZ  . LYS A 1 14  ? -9.478  15.818  10.186  1.00 31.75 ? 13  LYS A NZ  1 
ATOM   108  N  N   . LYS A 1 15  ? -13.813 12.533  5.028   1.00 22.00 ? 14  LYS A N   1 
ATOM   109  C  CA  . LYS A 1 15  ? -14.321 11.489  4.153   1.00 22.20 ? 14  LYS A CA  1 
ATOM   110  C  C   . LYS A 1 15  ? -13.527 11.490  2.842   1.00 23.01 ? 14  LYS A C   1 
ATOM   111  O  O   . LYS A 1 15  ? -13.075 10.426  2.392   1.00 22.74 ? 14  LYS A O   1 
ATOM   112  C  CB  . LYS A 1 15  ? -15.820 11.654  3.922   1.00 22.40 ? 14  LYS A CB  1 
ATOM   113  C  CG  . LYS A 1 15  ? -16.640 11.311  5.176   1.00 22.15 ? 14  LYS A CG  1 
ATOM   114  C  CD  . LYS A 1 15  ? -18.147 11.620  5.038   1.00 21.35 ? 14  LYS A CD  1 
ATOM   115  C  CE  . LYS A 1 15  ? -18.882 10.994  6.213   1.00 20.84 ? 14  LYS A CE  1 
ATOM   116  N  NZ  . LYS A 1 15  ? -20.369 10.889  6.096   1.00 24.82 ? 14  LYS A NZ  1 
ATOM   117  N  N   . ASP A 1 16  ? -13.312 12.678  2.266   1.00 23.01 ? 15  ASP A N   1 
ATOM   118  C  CA  . ASP A 1 16  ? -12.505 12.807  1.059   1.00 23.60 ? 15  ASP A CA  1 
ATOM   119  C  C   . ASP A 1 16  ? -11.072 12.292  1.217   1.00 23.65 ? 15  ASP A C   1 
ATOM   120  O  O   . ASP A 1 16  ? -10.537 11.690  0.286   1.00 22.83 ? 15  ASP A O   1 
ATOM   121  C  CB  . ASP A 1 16  ? -12.491 14.246  0.553   1.00 23.33 ? 15  ASP A CB  1 
ATOM   122  C  CG  . ASP A 1 16  ? -13.825 14.654  -0.079  1.00 27.16 ? 15  ASP A CG  1 
ATOM   123  O  OD1 . ASP A 1 16  ? -14.703 13.770  -0.297  1.00 28.72 ? 15  ASP A OD1 1 
ATOM   124  O  OD2 . ASP A 1 16  ? -13.991 15.861  -0.374  1.00 29.73 ? 15  ASP A OD2 1 
ATOM   125  N  N   . ARG A 1 17  ? -10.485 12.521  2.395   1.00 23.46 ? 16  ARG A N   1 
ATOM   126  C  CA  . ARG A 1 17  ? -9.110  12.145  2.675   1.00 23.84 ? 16  ARG A CA  1 
ATOM   127  C  C   . ARG A 1 17  ? -8.937  10.649  2.766   1.00 24.28 ? 16  ARG A C   1 
ATOM   128  O  O   . ARG A 1 17  ? -7.874  10.136  2.374   1.00 24.68 ? 16  ARG A O   1 
ATOM   129  C  CB  . ARG A 1 17  ? -8.606  12.803  3.959   1.00 23.31 ? 16  ARG A CB  1 
ATOM   130  C  CG  . ARG A 1 17  ? -8.495  14.291  3.862   1.00 23.85 ? 16  ARG A CG  1 
ATOM   131  C  CD  . ARG A 1 17  ? -7.583  14.821  4.957   1.00 25.75 ? 16  ARG A CD  1 
ATOM   132  N  NE  . ARG A 1 17  ? -6.179  14.624  4.607   1.00 28.96 ? 16  ARG A NE  1 
ATOM   133  C  CZ  . ARG A 1 17  ? -5.201  14.505  5.505   1.00 30.34 ? 16  ARG A CZ  1 
ATOM   134  N  NH1 . ARG A 1 17  ? -5.476  14.554  6.800   1.00 28.99 ? 16  ARG A NH1 1 
ATOM   135  N  NH2 . ARG A 1 17  ? -3.950  14.343  5.116   1.00 28.48 ? 16  ARG A NH2 1 
ATOM   136  N  N   . VAL A 1 18  ? -9.945  9.973   3.328   1.00 23.68 ? 17  VAL A N   1 
ATOM   137  C  CA  . VAL A 1 18  ? -10.067 8.515   3.264   1.00 23.86 ? 17  VAL A CA  1 
ATOM   138  C  C   . VAL A 1 18  ? -10.190 7.998   1.806   1.00 24.67 ? 17  VAL A C   1 
ATOM   139  O  O   . VAL A 1 18  ? -9.433  7.099   1.405   1.00 24.37 ? 17  VAL A O   1 
ATOM   140  C  CB  . VAL A 1 18  ? -11.182 7.987   4.187   1.00 23.98 ? 17  VAL A CB  1 
ATOM   141  C  CG1 . VAL A 1 18  ? -11.457 6.495   3.943   1.00 23.72 ? 17  VAL A CG1 1 
ATOM   142  C  CG2 . VAL A 1 18  ? -10.800 8.253   5.643   1.00 23.22 ? 17  VAL A CG2 1 
ATOM   143  N  N   . ASP A 1 19  ? -11.095 8.581   1.015   1.00 25.31 ? 18  ASP A N   1 
ATOM   144  C  CA  . ASP A 1 19  ? -11.179 8.241   -0.419  1.00 26.85 ? 18  ASP A CA  1 
ATOM   145  C  C   . ASP A 1 19  ? -9.810  8.326   -1.068  1.00 26.30 ? 18  ASP A C   1 
ATOM   146  O  O   . ASP A 1 19  ? -9.381  7.365   -1.713  1.00 26.93 ? 18  ASP A O   1 
ATOM   147  C  CB  . ASP A 1 19  ? -12.168 9.134   -1.183  1.00 26.83 ? 18  ASP A CB  1 
ATOM   148  C  CG  . ASP A 1 19  ? -13.606 8.852   -0.815  1.00 29.75 ? 18  ASP A CG  1 
ATOM   149  O  OD1 . ASP A 1 19  ? -13.805 8.033   0.107   1.00 33.22 ? 18  ASP A OD1 1 
ATOM   150  O  OD2 . ASP A 1 19  ? -14.540 9.453   -1.418  1.00 33.44 ? 18  ASP A OD2 1 
ATOM   151  N  N   . ARG A 1 20  ? -9.133  9.460   -0.886  1.00 25.97 ? 19  ARG A N   1 
ATOM   152  C  CA  . ARG A 1 20  ? -7.818  9.697   -1.501  1.00 27.21 ? 19  ARG A CA  1 
ATOM   153  C  C   . ARG A 1 20  ? -6.765  8.680   -1.074  1.00 26.79 ? 19  ARG A C   1 
ATOM   154  O  O   . ARG A 1 20  ? -5.984  8.231   -1.905  1.00 27.11 ? 19  ARG A O   1 
ATOM   155  C  CB  . ARG A 1 20  ? -7.312  11.142  -1.295  1.00 27.47 ? 19  ARG A CB  1 
ATOM   156  C  CG  . ARG A 1 20  ? -8.234  12.182  -1.946  1.00 30.50 ? 19  ARG A CG  1 
ATOM   157  C  CD  . ARG A 1 20  ? -7.569  13.507  -2.259  1.00 33.14 ? 19  ARG A CD  1 
ATOM   158  N  NE  . ARG A 1 20  ? -7.170  14.205  -1.055  1.00 36.48 ? 19  ARG A NE  1 
ATOM   159  C  CZ  . ARG A 1 20  ? -7.898  15.123  -0.424  1.00 35.65 ? 19  ARG A CZ  1 
ATOM   160  N  NH1 . ARG A 1 20  ? -9.090  15.488  -0.882  1.00 35.51 ? 19  ARG A NH1 1 
ATOM   161  N  NH2 . ARG A 1 20  ? -7.409  15.687  0.663   1.00 36.37 ? 19  ARG A NH2 1 
ATOM   162  N  N   . ALA A 1 21  ? -6.770  8.319   0.212   1.00 25.85 ? 20  ALA A N   1 
ATOM   163  C  CA  . ALA A 1 21  ? -5.793  7.387   0.769   1.00 25.14 ? 20  ALA A CA  1 
ATOM   164  C  C   . ALA A 1 21  ? -6.026  5.951   0.301   1.00 24.78 ? 20  ALA A C   1 
ATOM   165  O  O   . ALA A 1 21  ? -5.076  5.188   0.144   1.00 23.86 ? 20  ALA A O   1 
ATOM   166  C  CB  . ALA A 1 21  ? -5.814  7.445   2.314   1.00 25.15 ? 20  ALA A CB  1 
ATOM   167  N  N   . GLU A 1 22  ? -7.292  5.577   0.109   1.00 23.37 ? 21  GLU A N   1 
ATOM   168  C  CA  . GLU A 1 22  ? -7.640  4.290   -0.480  1.00 23.07 ? 21  GLU A CA  1 
ATOM   169  C  C   . GLU A 1 22  ? -7.092  4.177   -1.903  1.00 22.23 ? 21  GLU A C   1 
ATOM   170  O  O   . GLU A 1 22  ? -6.528  3.152   -2.292  1.00 22.54 ? 21  GLU A O   1 
ATOM   171  C  CB  . GLU A 1 22  ? -9.172  4.113   -0.496  1.00 23.42 ? 21  GLU A CB  1 
ATOM   172  C  CG  . GLU A 1 22  ? -9.748  3.647   0.829   1.00 23.97 ? 21  GLU A CG  1 
ATOM   173  C  CD  . GLU A 1 22  ? -11.267 3.668   0.863   1.00 27.17 ? 21  GLU A CD  1 
ATOM   174  O  OE1 . GLU A 1 22  ? -11.883 4.283   -0.035  1.00 28.17 ? 21  GLU A OE1 1 
ATOM   175  O  OE2 . GLU A 1 22  ? -11.847 3.087   1.807   1.00 27.13 ? 21  GLU A OE2 1 
ATOM   176  N  N   . LYS A 1 23  ? -7.302  5.228   -2.678  1.00 21.77 ? 22  LYS A N   1 
ATOM   177  C  CA  . LYS A 1 23  ? -6.797  5.316   -4.017  1.00 22.75 ? 22  LYS A CA  1 
ATOM   178  C  C   . LYS A 1 23  ? -5.265  5.275   -3.995  1.00 22.67 ? 22  LYS A C   1 
ATOM   179  O  O   . LYS A 1 23  ? -4.646  4.631   -4.851  1.00 22.65 ? 22  LYS A O   1 
ATOM   180  C  CB  . LYS A 1 23  ? -7.305  6.598   -4.682  1.00 22.67 ? 22  LYS A CB  1 
ATOM   181  C  CG  . LYS A 1 23  ? -6.662  6.915   -6.022  1.00 25.74 ? 22  LYS A CG  1 
ATOM   182  C  CD  . LYS A 1 23  ? -7.346  8.096   -6.720  1.00 29.30 ? 22  LYS A CD  1 
ATOM   183  C  CE  . LYS A 1 23  ? -7.339  7.942   -8.261  1.00 31.64 ? 22  LYS A CE  1 
ATOM   184  N  NZ  . LYS A 1 23  ? -8.187  9.009   -8.953  1.00 32.85 ? 22  LYS A NZ  1 
ATOM   185  N  N   . VAL A 1 24  ? -4.646  5.943   -3.023  1.00 22.59 ? 23  VAL A N   1 
ATOM   186  C  CA  . VAL A 1 24  ? -3.181  5.903   -2.933  1.00 22.67 ? 23  VAL A CA  1 
ATOM   187  C  C   . VAL A 1 24  ? -2.649  4.477   -2.626  1.00 22.92 ? 23  VAL A C   1 
ATOM   188  O  O   . VAL A 1 24  ? -1.699  4.053   -3.286  1.00 24.33 ? 23  VAL A O   1 
ATOM   189  C  CB  . VAL A 1 24  ? -2.599  7.007   -2.020  1.00 23.07 ? 23  VAL A CB  1 
ATOM   190  C  CG1 . VAL A 1 24  ? -1.120  6.713   -1.655  1.00 21.72 ? 23  VAL A CG1 1 
ATOM   191  C  CG2 . VAL A 1 24  ? -2.770  8.429   -2.703  1.00 22.39 ? 23  VAL A CG2 1 
ATOM   192  N  N   . VAL A 1 25  ? -3.272  3.750   -1.686  1.00 22.55 ? 24  VAL A N   1 
ATOM   193  C  CA  . VAL A 1 25  ? -2.907  2.356   -1.359  1.00 22.96 ? 24  VAL A CA  1 
ATOM   194  C  C   . VAL A 1 25  ? -2.944  1.477   -2.603  1.00 23.26 ? 24  VAL A C   1 
ATOM   195  O  O   . VAL A 1 25  ? -1.994  0.732   -2.869  1.00 22.82 ? 24  VAL A O   1 
ATOM   196  C  CB  . VAL A 1 25  ? -3.800  1.696   -0.268  1.00 22.96 ? 24  VAL A CB  1 
ATOM   197  C  CG1 . VAL A 1 25  ? -3.551  0.182   -0.206  1.00 22.86 ? 24  VAL A CG1 1 
ATOM   198  C  CG2 . VAL A 1 25  ? -3.505  2.267   1.102   1.00 23.38 ? 24  VAL A CG2 1 
ATOM   199  N  N   . LYS A 1 26  ? -4.025  1.612   -3.372  1.00 22.62 ? 25  LYS A N   1 
ATOM   200  C  CA  . LYS A 1 26  ? -4.217  0.879   -4.611  1.00 22.55 ? 25  LYS A CA  1 
ATOM   201  C  C   . LYS A 1 26  ? -3.151  1.240   -5.624  1.00 22.08 ? 25  LYS A C   1 
ATOM   202  O  O   . LYS A 1 26  ? -2.696  0.386   -6.362  1.00 21.24 ? 25  LYS A O   1 
ATOM   203  C  CB  . LYS A 1 26  ? -5.610  1.156   -5.183  1.00 22.38 ? 25  LYS A CB  1 
ATOM   204  C  CG  . LYS A 1 26  ? -5.719  0.936   -6.678  1.00 24.98 ? 25  LYS A CG  1 
ATOM   205  C  CD  . LYS A 1 26  ? -7.155  0.787   -7.150  1.00 26.19 ? 25  LYS A CD  1 
ATOM   206  C  CE  . LYS A 1 26  ? -7.168  0.397   -8.626  1.00 27.33 ? 25  LYS A CE  1 
ATOM   207  N  NZ  . LYS A 1 26  ? -8.545  0.267   -9.164  1.00 28.89 ? 25  LYS A NZ  1 
ATOM   208  N  N   . GLU A 1 27  ? -2.767  2.508   -5.681  1.00 21.81 ? 26  GLU A N   1 
ATOM   209  C  CA  . GLU A 1 27  ? -1.750  2.907   -6.629  1.00 22.61 ? 26  GLU A CA  1 
ATOM   210  C  C   . GLU A 1 27  ? -0.392  2.310   -6.185  1.00 23.20 ? 26  GLU A C   1 
ATOM   211  O  O   . GLU A 1 27  ? 0.360   1.752   -6.991  1.00 22.68 ? 26  GLU A O   1 
ATOM   212  C  CB  . GLU A 1 27  ? -1.714  4.437   -6.794  1.00 22.14 ? 26  GLU A CB  1 
ATOM   213  C  CG  . GLU A 1 27  ? -0.605  4.970   -7.728  1.00 24.63 ? 26  GLU A CG  1 
ATOM   214  C  CD  . GLU A 1 27  ? -0.606  4.376   -9.166  1.00 28.53 ? 26  GLU A CD  1 
ATOM   215  O  OE1 . GLU A 1 27  ? -1.483  3.541   -9.524  1.00 30.43 ? 26  GLU A OE1 1 
ATOM   216  O  OE2 . GLU A 1 27  ? 0.294   4.753   -9.962  1.00 29.28 ? 26  GLU A OE2 1 
ATOM   217  N  N   . LYS A 1 28  ? -0.119  2.355   -4.885  1.00 24.24 ? 27  LYS A N   1 
ATOM   218  C  CA  . LYS A 1 28  ? 1.097   1.712   -4.378  1.00 23.62 ? 27  LYS A CA  1 
ATOM   219  C  C   . LYS A 1 28  ? 1.127   0.199   -4.599  1.00 23.87 ? 27  LYS A C   1 
ATOM   220  O  O   . LYS A 1 28  ? 2.207   -0.326  -4.889  1.00 23.70 ? 27  LYS A O   1 
ATOM   221  C  CB  . LYS A 1 28  ? 1.414   2.086   -2.923  1.00 22.95 ? 27  LYS A CB  1 
ATOM   222  C  CG  . LYS A 1 28  ? 1.481   3.609   -2.666  1.00 23.13 ? 27  LYS A CG  1 
ATOM   223  C  CD  . LYS A 1 28  ? 2.422   4.329   -3.561  1.00 21.01 ? 27  LYS A CD  1 
ATOM   224  C  CE  . LYS A 1 28  ? 2.493   5.773   -3.169  1.00 20.67 ? 27  LYS A CE  1 
ATOM   225  N  NZ  . LYS A 1 28  ? 3.199   6.535   -4.230  1.00 20.53 ? 27  LYS A NZ  1 
ATOM   226  N  N   . ARG A 1 29  ? -0.003  -0.497  -4.476  1.00 23.64 ? 28  ARG A N   1 
ATOM   227  C  CA  . ARG A 1 29  ? -0.054  -1.917  -4.860  1.00 25.18 ? 28  ARG A CA  1 
ATOM   228  C  C   . ARG A 1 29  ? 0.453   -2.104  -6.295  1.00 24.93 ? 28  ARG A C   1 
ATOM   229  O  O   . ARG A 1 29  ? 1.310   -2.958  -6.568  1.00 25.24 ? 28  ARG A O   1 
ATOM   230  C  CB  . ARG A 1 29  ? -1.484  -2.461  -4.817  1.00 25.72 ? 28  ARG A CB  1 
ATOM   231  C  CG  . ARG A 1 29  ? -1.808  -3.427  -3.689  1.00 28.78 ? 28  ARG A CG  1 
ATOM   232  C  CD  . ARG A 1 29  ? -2.100  -2.626  -2.432  1.00 31.35 ? 28  ARG A CD  1 
ATOM   233  N  NE  . ARG A 1 29  ? -3.214  -3.151  -1.624  1.00 33.38 ? 28  ARG A NE  1 
ATOM   234  C  CZ  . ARG A 1 29  ? -3.090  -4.076  -0.677  1.00 33.96 ? 28  ARG A CZ  1 
ATOM   235  N  NH1 . ARG A 1 29  ? -1.917  -4.662  -0.413  1.00 34.47 ? 28  ARG A NH1 1 
ATOM   236  N  NH2 . ARG A 1 29  ? -4.162  -4.441  -0.007  1.00 36.78 ? 28  ARG A NH2 1 
ATOM   237  N  N   . ARG A 1 30  ? -0.091  -1.296  -7.198  1.00 24.29 ? 29  ARG A N   1 
ATOM   238  C  CA  . ARG A 1 30  ? 0.236   -1.367  -8.608  1.00 24.81 ? 29  ARG A CA  1 
ATOM   239  C  C   . ARG A 1 30  ? 1.698   -1.047  -8.871  1.00 24.36 ? 29  ARG A C   1 
ATOM   240  O  O   . ARG A 1 30  ? 2.335   -1.682  -9.711  1.00 24.68 ? 29  ARG A O   1 
ATOM   241  C  CB  . ARG A 1 30  ? -0.626  -0.396  -9.404  1.00 24.74 ? 29  ARG A CB  1 
ATOM   242  C  CG  . ARG A 1 30  ? -0.756  -0.797  -10.836 1.00 26.12 ? 29  ARG A CG  1 
ATOM   243  C  CD  . ARG A 1 30  ? -1.364  0.323   -11.693 1.00 30.64 ? 29  ARG A CD  1 
ATOM   244  N  NE  . ARG A 1 30  ? -0.542  1.536   -11.619 1.00 32.91 ? 29  ARG A NE  1 
ATOM   245  C  CZ  . ARG A 1 30  ? 0.604   1.747   -12.271 1.00 32.62 ? 29  ARG A CZ  1 
ATOM   246  N  NH1 . ARG A 1 30  ? 1.122   0.833   -13.099 1.00 32.47 ? 29  ARG A NH1 1 
ATOM   247  N  NH2 . ARG A 1 30  ? 1.231   2.903   -12.099 1.00 31.82 ? 29  ARG A NH2 1 
ATOM   248  N  N   . LEU A 1 31  ? 2.224   -0.044  -8.178  1.00 23.67 ? 30  LEU A N   1 
ATOM   249  C  CA  . LEU A 1 31  ? 3.625   0.326   -8.365  1.00 23.61 ? 30  LEU A CA  1 
ATOM   250  C  C   . LEU A 1 31  ? 4.537   -0.798  -7.900  1.00 23.77 ? 30  LEU A C   1 
ATOM   251  O  O   . LEU A 1 31  ? 5.539   -1.067  -8.551  1.00 24.16 ? 30  LEU A O   1 
ATOM   252  C  CB  . LEU A 1 31  ? 3.961   1.659   -7.702  1.00 23.39 ? 30  LEU A CB  1 
ATOM   253  C  CG  . LEU A 1 31  ? 3.317   2.898   -8.340  1.00 21.88 ? 30  LEU A CG  1 
ATOM   254  C  CD1 . LEU A 1 31  ? 3.658   4.176   -7.580  1.00 18.64 ? 30  LEU A CD1 1 
ATOM   255  C  CD2 . LEU A 1 31  ? 3.719   3.028   -9.820  1.00 23.30 ? 30  LEU A CD2 1 
ATOM   256  N  N   . LEU A 1 32  ? 4.168   -1.465  -6.805  1.00 24.01 ? 31  LEU A N   1 
ATOM   257  C  CA  . LEU A 1 32  ? 4.939   -2.596  -6.278  1.00 23.99 ? 31  LEU A CA  1 
ATOM   258  C  C   . LEU A 1 32  ? 4.841   -3.749  -7.277  1.00 24.69 ? 31  LEU A C   1 
ATOM   259  O  O   . LEU A 1 32  ? 5.841   -4.434  -7.519  1.00 23.75 ? 31  LEU A O   1 
ATOM   260  C  CB  . LEU A 1 32  ? 4.438   -3.030  -4.886  1.00 23.37 ? 31  LEU A CB  1 
ATOM   261  C  CG  . LEU A 1 32  ? 4.899   -4.374  -4.271  1.00 23.85 ? 31  LEU A CG  1 
ATOM   262  C  CD1 . LEU A 1 32  ? 6.419   -4.413  -4.088  1.00 20.53 ? 31  LEU A CD1 1 
ATOM   263  C  CD2 . LEU A 1 32  ? 4.235   -4.672  -2.922  1.00 20.57 ? 31  LEU A CD2 1 
ATOM   264  N  N   . GLU A 1 33  ? 3.645   -3.951  -7.855  1.00 24.62 ? 32  GLU A N   1 
ATOM   265  C  CA  . GLU A 1 33  ? 3.464   -5.003  -8.845  1.00 26.06 ? 32  GLU A CA  1 
ATOM   266  C  C   . GLU A 1 33  ? 4.359   -4.804  -10.088 1.00 25.72 ? 32  GLU A C   1 
ATOM   267  O  O   . GLU A 1 33  ? 4.994   -5.767  -10.522 1.00 25.44 ? 32  GLU A O   1 
ATOM   268  C  CB  . GLU A 1 33  ? 1.974   -5.269  -9.183  1.00 26.94 ? 32  GLU A CB  1 
ATOM   269  C  CG  . GLU A 1 33  ? 1.707   -6.526  -10.082 1.00 29.33 ? 32  GLU A CG  1 
ATOM   270  C  CD  . GLU A 1 33  ? 2.519   -7.791  -9.716  1.00 33.44 ? 32  GLU A CD  1 
ATOM   271  O  OE1 . GLU A 1 33  ? 3.246   -8.322  -10.603 1.00 33.48 ? 32  GLU A OE1 1 
ATOM   272  O  OE2 . GLU A 1 33  ? 2.431   -8.263  -8.554  1.00 35.12 ? 32  GLU A OE2 1 
ATOM   273  N  N   . LEU A 1 34  ? 4.437   -3.577  -10.617 1.00 24.87 ? 33  LEU A N   1 
ATOM   274  C  CA  . LEU A 1 34  ? 5.411   -3.242  -11.675 1.00 24.46 ? 33  LEU A CA  1 
ATOM   275  C  C   . LEU A 1 34  ? 6.843   -3.663  -11.304 1.00 23.31 ? 33  LEU A C   1 
ATOM   276  O  O   . LEU A 1 34  ? 7.524   -4.322  -12.087 1.00 22.78 ? 33  LEU A O   1 
ATOM   277  C  CB  . LEU A 1 34  ? 5.403   -1.737  -12.003 1.00 24.08 ? 33  LEU A CB  1 
ATOM   278  C  CG  . LEU A 1 34  ? 4.612   -1.080  -13.138 1.00 26.34 ? 33  LEU A CG  1 
ATOM   279  C  CD1 . LEU A 1 34  ? 3.176   -1.601  -13.315 1.00 27.35 ? 33  LEU A CD1 1 
ATOM   280  C  CD2 . LEU A 1 34  ? 4.608   0.449   -12.946 1.00 25.59 ? 33  LEU A CD2 1 
ATOM   281  N  N   . GLU A 1 35  ? 7.297   -3.299  -10.114 1.00 22.54 ? 34  GLU A N   1 
ATOM   282  C  CA  . GLU A 1 35  ? 8.644   -3.680  -9.705  1.00 22.15 ? 34  GLU A CA  1 
ATOM   283  C  C   . GLU A 1 35  ? 8.769   -5.197  -9.569  1.00 22.57 ? 34  GLU A C   1 
ATOM   284  O  O   . GLU A 1 35  ? 9.777   -5.748  -9.998  1.00 22.63 ? 34  GLU A O   1 
ATOM   285  C  CB  . GLU A 1 35  ? 9.087   -2.964  -8.413  1.00 21.83 ? 34  GLU A CB  1 
ATOM   286  C  CG  . GLU A 1 35  ? 9.120   -1.430  -8.507  1.00 21.25 ? 34  GLU A CG  1 
ATOM   287  C  CD  . GLU A 1 35  ? 9.838   -0.877  -9.746  1.00 20.66 ? 34  GLU A CD  1 
ATOM   288  O  OE1 . GLU A 1 35  ? 10.962  -1.302  -10.097 1.00 23.31 ? 34  GLU A OE1 1 
ATOM   289  O  OE2 . GLU A 1 35  ? 9.302   0.069   -10.349 1.00 21.47 ? 34  GLU A OE2 1 
ATOM   290  N  N   . GLN A 1 36  ? 7.770   -5.861  -8.986  1.00 22.00 ? 35  GLN A N   1 
ATOM   291  C  CA  . GLN A 1 36  ? 7.772   -7.323  -8.883  1.00 23.58 ? 35  GLN A CA  1 
ATOM   292  C  C   . GLN A 1 36  ? 7.900   -8.000  -10.264 1.00 23.32 ? 35  GLN A C   1 
ATOM   293  O  O   . GLN A 1 36  ? 8.663   -8.959  -10.456 1.00 22.15 ? 35  GLN A O   1 
ATOM   294  C  CB  . GLN A 1 36  ? 6.525   -7.831  -8.148  1.00 24.17 ? 35  GLN A CB  1 
ATOM   295  C  CG  . GLN A 1 36  ? 6.499   -7.486  -6.662  1.00 27.34 ? 35  GLN A CG  1 
ATOM   296  C  CD  . GLN A 1 36  ? 7.262   -8.466  -5.791  1.00 31.84 ? 35  GLN A CD  1 
ATOM   297  O  OE1 . GLN A 1 36  ? 8.214   -9.138  -6.230  1.00 32.17 ? 35  GLN A OE1 1 
ATOM   298  N  NE2 . GLN A 1 36  ? 6.845   -8.554  -4.528  1.00 33.57 ? 35  GLN A NE2 1 
ATOM   299  N  N   . GLU A 1 37  ? 7.167   -7.460  -11.226 1.00 23.36 ? 36  GLU A N   1 
ATOM   300  C  CA  . GLU A 1 37  ? 7.234   -7.905  -12.603 1.00 23.63 ? 36  GLU A CA  1 
ATOM   301  C  C   . GLU A 1 37  ? 8.638   -7.664  -13.216 1.00 23.32 ? 36  GLU A C   1 
ATOM   302  O  O   . GLU A 1 37  ? 9.147   -8.523  -13.946 1.00 23.50 ? 36  GLU A O   1 
ATOM   303  C  CB  . GLU A 1 37  ? 6.141   -7.192  -13.409 1.00 24.15 ? 36  GLU A CB  1 
ATOM   304  C  CG  . GLU A 1 37  ? 5.615   -7.971  -14.602 1.00 27.67 ? 36  GLU A CG  1 
ATOM   305  C  CD  . GLU A 1 37  ? 6.630   -8.059  -15.738 1.00 33.50 ? 36  GLU A CD  1 
ATOM   306  O  OE1 . GLU A 1 37  ? 7.457   -7.119  -15.847 1.00 35.44 ? 36  GLU A OE1 1 
ATOM   307  O  OE2 . GLU A 1 37  ? 6.607   -9.058  -16.514 1.00 34.53 ? 36  GLU A OE2 1 
ATOM   308  N  N   . LYS A 1 38  ? 9.255   -6.515  -12.930 1.00 22.31 ? 37  LYS A N   1 
ATOM   309  C  CA  . LYS A 1 38  ? 10.628  -6.237  -13.414 1.00 21.52 ? 37  LYS A CA  1 
ATOM   310  C  C   . LYS A 1 38  ? 11.607  -7.155  -12.743 1.00 20.85 ? 37  LYS A C   1 
ATOM   311  O  O   . LYS A 1 38  ? 12.535  -7.590  -13.392 1.00 20.96 ? 37  LYS A O   1 
ATOM   312  C  CB  . LYS A 1 38  ? 11.068  -4.783  -13.211 1.00 21.24 ? 37  LYS A CB  1 
ATOM   313  C  CG  . LYS A 1 38  ? 10.273  -3.742  -14.022 1.00 21.80 ? 37  LYS A CG  1 
ATOM   314  C  CD  . LYS A 1 38  ? 10.390  -2.309  -13.433 1.00 20.58 ? 37  LYS A CD  1 
ATOM   315  C  CE  . LYS A 1 38  ? 11.831  -1.753  -13.496 1.00 18.96 ? 37  LYS A CE  1 
ATOM   316  N  NZ  . LYS A 1 38  ? 12.005  -0.547  -12.624 1.00 17.18 ? 37  LYS A NZ  1 
ATOM   317  N  N   . LEU A 1 39  ? 11.391  -7.477  -11.463 1.00 20.18 ? 38  LEU A N   1 
ATOM   318  C  CA  . LEU A 1 39  ? 12.228  -8.475  -10.783 1.00 20.75 ? 38  LEU A CA  1 
ATOM   319  C  C   . LEU A 1 39  ? 12.169  -9.845  -11.471 1.00 20.03 ? 38  LEU A C   1 
ATOM   320  O  O   . LEU A 1 39  ? 13.209  -10.501 -11.635 1.00 19.09 ? 38  LEU A O   1 
ATOM   321  C  CB  . LEU A 1 39  ? 11.891  -8.620  -9.288  1.00 20.20 ? 38  LEU A CB  1 
ATOM   322  C  CG  . LEU A 1 39  ? 12.757  -9.601  -8.467  1.00 22.83 ? 38  LEU A CG  1 
ATOM   323  C  CD1 . LEU A 1 39  ? 14.227  -9.239  -8.526  1.00 22.21 ? 38  LEU A CD1 1 
ATOM   324  C  CD2 . LEU A 1 39  ? 12.319  -9.711  -6.984  1.00 23.75 ? 38  LEU A CD2 1 
ATOM   325  N  N   . ARG A 1 40  ? 10.964  -10.271 -11.848 1.00 19.00 ? 39  ARG A N   1 
ATOM   326  C  CA  . ARG A 1 40  ? 10.797  -11.529 -12.568 1.00 19.57 ? 39  ARG A CA  1 
ATOM   327  C  C   . ARG A 1 40  ? 11.518  -11.530 -13.919 1.00 19.05 ? 39  ARG A C   1 
ATOM   328  O  O   . ARG A 1 40  ? 12.147  -12.526 -14.270 1.00 19.16 ? 39  ARG A O   1 
ATOM   329  C  CB  . ARG A 1 40  ? 9.313   -11.911 -12.689 1.00 20.14 ? 39  ARG A CB  1 
ATOM   330  C  CG  . ARG A 1 40  ? 8.725   -12.477 -11.385 1.00 21.87 ? 39  ARG A CG  1 
ATOM   331  C  CD  . ARG A 1 40  ? 7.294   -13.083 -11.569 1.00 24.09 ? 39  ARG A CD  1 
ATOM   332  N  NE  . ARG A 1 40  ? 6.310   -12.112 -12.076 1.00 27.16 ? 39  ARG A NE  1 
ATOM   333  C  CZ  . ARG A 1 40  ? 5.601   -11.248 -11.334 1.00 26.64 ? 39  ARG A CZ  1 
ATOM   334  N  NH1 . ARG A 1 40  ? 5.738   -11.192 -10.015 1.00 25.94 ? 39  ARG A NH1 1 
ATOM   335  N  NH2 . ARG A 1 40  ? 4.750   -10.426 -11.926 1.00 25.02 ? 39  ARG A NH2 1 
ATOM   336  N  N   . GLU A 1 41  ? 11.451  -10.425 -14.661 1.00 18.74 ? 40  GLU A N   1 
ATOM   337  C  CA  . GLU A 1 41  ? 12.208  -10.297 -15.904 1.00 19.54 ? 40  GLU A CA  1 
ATOM   338  C  C   . GLU A 1 41  ? 13.725  -10.395 -15.699 1.00 19.84 ? 40  GLU A C   1 
ATOM   339  O  O   . GLU A 1 41  ? 14.398  -11.115 -16.444 1.00 17.98 ? 40  GLU A O   1 
ATOM   340  C  CB  . GLU A 1 41  ? 11.891  -8.993  -16.604 1.00 20.62 ? 40  GLU A CB  1 
ATOM   341  C  CG  . GLU A 1 41  ? 10.753  -9.102  -17.569 1.00 24.36 ? 40  GLU A CG  1 
ATOM   342  C  CD  . GLU A 1 41  ? 10.824  -8.074  -18.685 1.00 31.68 ? 40  GLU A CD  1 
ATOM   343  O  OE1 . GLU A 1 41  ? 10.519  -6.873  -18.441 1.00 33.50 ? 40  GLU A OE1 1 
ATOM   344  O  OE2 . GLU A 1 41  ? 11.161  -8.481  -19.823 1.00 34.59 ? 40  GLU A OE2 1 
ATOM   345  N  N   . ARG A 1 42  ? 14.248  -9.687  -14.684 1.00 19.46 ? 41  ARG A N   1 
ATOM   346  C  CA  . ARG A 1 42  ? 15.672  -9.798  -14.329 1.00 19.60 ? 41  ARG A CA  1 
ATOM   347  C  C   . ARG A 1 42  ? 16.056  -11.208 -13.977 1.00 18.61 ? 41  ARG A C   1 
ATOM   348  O  O   . ARG A 1 42  ? 17.079  -11.695 -14.399 1.00 18.83 ? 41  ARG A O   1 
ATOM   349  C  CB  . ARG A 1 42  ? 16.052  -8.853  -13.188 1.00 20.10 ? 41  ARG A CB  1 
ATOM   350  C  CG  . ARG A 1 42  ? 15.714  -7.382  -13.473 1.00 20.01 ? 41  ARG A CG  1 
ATOM   351  C  CD  . ARG A 1 42  ? 16.725  -6.654  -14.343 1.00 22.70 ? 41  ARG A CD  1 
ATOM   352  N  NE  . ARG A 1 42  ? 17.070  -7.333  -15.583 1.00 26.72 ? 41  ARG A NE  1 
ATOM   353  C  CZ  . ARG A 1 42  ? 16.365  -7.286  -16.719 1.00 28.21 ? 41  ARG A CZ  1 
ATOM   354  N  NH1 . ARG A 1 42  ? 15.229  -6.589  -16.769 1.00 27.50 ? 41  ARG A NH1 1 
ATOM   355  N  NH2 . ARG A 1 42  ? 16.797  -7.968  -17.801 1.00 28.41 ? 41  ARG A NH2 1 
ATOM   356  N  N   . GLU A 1 43  ? 15.241  -11.863 -13.178 1.00 19.18 ? 42  GLU A N   1 
ATOM   357  C  CA  . GLU A 1 43  ? 15.519  -13.228 -12.735 1.00 19.42 ? 42  GLU A CA  1 
ATOM   358  C  C   . GLU A 1 43  ? 15.454  -14.205 -13.906 1.00 18.71 ? 42  GLU A C   1 
ATOM   359  O  O   . GLU A 1 43  ? 16.189  -15.191 -13.955 1.00 19.49 ? 42  GLU A O   1 
ATOM   360  C  CB  . GLU A 1 43  ? 14.552  -13.605 -11.613 1.00 19.02 ? 42  GLU A CB  1 
ATOM   361  C  CG  . GLU A 1 43  ? 15.042  -13.055 -10.286 1.00 20.65 ? 42  GLU A CG  1 
ATOM   362  C  CD  . GLU A 1 43  ? 14.013  -13.122 -9.170  1.00 22.40 ? 42  GLU A CD  1 
ATOM   363  O  OE1 . GLU A 1 43  ? 12.832  -13.329 -9.462  1.00 23.95 ? 42  GLU A OE1 1 
ATOM   364  O  OE2 . GLU A 1 43  ? 14.390  -12.958 -7.993  1.00 25.15 ? 42  GLU A OE2 1 
ATOM   365  N  N   . SER A 1 44  ? 14.628  -13.875 -14.884 1.00 19.07 ? 43  SER A N   1 
ATOM   366  C  CA  . SER A 1 44  ? 14.476  -14.699 -16.079 1.00 19.34 ? 43  SER A CA  1 
ATOM   367  C  C   . SER A 1 44  ? 15.751  -14.586 -16.919 1.00 19.45 ? 43  SER A C   1 
ATOM   368  O  O   . SER A 1 44  ? 16.376  -15.593 -17.325 1.00 18.51 ? 43  SER A O   1 
ATOM   369  C  CB  . SER A 1 44  ? 13.274  -14.224 -16.858 1.00 18.89 ? 43  SER A CB  1 
ATOM   370  O  OG  . SER A 1 44  ? 13.323  -14.686 -18.179 1.00 21.03 ? 43  SER A OG  1 
ATOM   371  N  N   . GLU A 1 45  ? 16.188  -13.349 -17.112 1.00 18.77 ? 44  GLU A N   1 
ATOM   372  C  CA  . GLU A 1 45  ? 17.404  -13.107 -17.885 1.00 19.04 ? 44  GLU A CA  1 
ATOM   373  C  C   . GLU A 1 45  ? 18.608  -13.713 -17.201 1.00 17.29 ? 44  GLU A C   1 
ATOM   374  O  O   . GLU A 1 45  ? 19.515  -14.265 -17.862 1.00 18.31 ? 44  GLU A O   1 
ATOM   375  C  CB  . GLU A 1 45  ? 17.583  -11.597 -18.143 1.00 19.01 ? 44  GLU A CB  1 
ATOM   376  C  CG  . GLU A 1 45  ? 16.608  -11.046 -19.182 1.00 24.74 ? 44  GLU A CG  1 
ATOM   377  C  CD  . GLU A 1 45  ? 16.634  -11.841 -20.506 1.00 29.02 ? 44  GLU A CD  1 
ATOM   378  O  OE1 . GLU A 1 45  ? 17.733  -12.191 -20.977 1.00 30.97 ? 44  GLU A OE1 1 
ATOM   379  O  OE2 . GLU A 1 45  ? 15.554  -12.115 -21.079 1.00 33.01 ? 44  GLU A OE2 1 
ATOM   380  N  N   . ARG A 1 46  ? 18.618  -13.649 -15.872 1.00 16.31 ? 45  ARG A N   1 
ATOM   381  C  CA  . ARG A 1 46  ? 19.705  -14.254 -15.094 1.00 15.90 ? 45  ARG A CA  1 
ATOM   382  C  C   . ARG A 1 46  ? 19.682  -15.794 -15.267 1.00 15.98 ? 45  ARG A C   1 
ATOM   383  O  O   . ARG A 1 46  ? 20.732  -16.430 -15.441 1.00 15.55 ? 45  ARG A O   1 
ATOM   384  C  CB  . ARG A 1 46  ? 19.587  -13.920 -13.611 1.00 14.79 ? 45  ARG A CB  1 
ATOM   385  C  CG  . ARG A 1 46  ? 20.752  -14.424 -12.739 1.00 18.36 ? 45  ARG A CG  1 
ATOM   386  C  CD  . ARG A 1 46  ? 20.472  -15.765 -12.005 1.00 24.23 ? 45  ARG A CD  1 
ATOM   387  N  NE  . ARG A 1 46  ? 19.053  -15.969 -11.671 1.00 23.81 ? 45  ARG A NE  1 
ATOM   388  C  CZ  . ARG A 1 46  ? 18.462  -15.549 -10.546 1.00 23.61 ? 45  ARG A CZ  1 
ATOM   389  N  NH1 . ARG A 1 46  ? 19.155  -14.900 -9.619  1.00 22.06 ? 45  ARG A NH1 1 
ATOM   390  N  NH2 . ARG A 1 46  ? 17.162  -15.776 -10.341 1.00 21.14 ? 45  ARG A NH2 1 
ATOM   391  N  N   . ASP A 1 47  ? 18.487  -16.376 -15.207 1.00 16.92 ? 46  ASP A N   1 
ATOM   392  C  CA  . ASP A 1 47  ? 18.352  -17.846 -15.371 1.00 17.10 ? 46  ASP A CA  1 
ATOM   393  C  C   . ASP A 1 47  ? 18.810  -18.337 -16.733 1.00 16.96 ? 46  ASP A C   1 
ATOM   394  O  O   . ASP A 1 47  ? 19.421  -19.394 -16.795 1.00 17.66 ? 46  ASP A O   1 
ATOM   395  C  CB  . ASP A 1 47  ? 16.913  -18.267 -15.098 1.00 18.33 ? 46  ASP A CB  1 
ATOM   396  C  CG  . ASP A 1 47  ? 16.547  -18.140 -13.612 1.00 20.10 ? 46  ASP A CG  1 
ATOM   397  O  OD1 . ASP A 1 47  ? 17.464  -18.114 -12.762 1.00 24.81 ? 46  ASP A OD1 1 
ATOM   398  O  OD2 . ASP A 1 47  ? 15.353  -18.071 -13.283 1.00 25.32 ? 46  ASP A OD2 1 
ATOM   399  N  N   . LYS A 1 48  ? 18.590  -17.589 -17.821 1.00 17.47 ? 47  LYS A N   1 
ATOM   400  C  CA  . LYS A 1 48  ? 19.148  -18.061 -19.105 1.00 18.02 ? 47  LYS A CA  1 
ATOM   401  C  C   . LYS A 1 48  ? 20.664  -18.061 -19.171 1.00 18.71 ? 47  LYS A C   1 
ATOM   402  O  O   . LYS A 1 48  ? 21.252  -19.005 -19.652 1.00 18.15 ? 47  LYS A O   1 
ATOM   403  C  CB  . LYS A 1 48  ? 18.539  -17.411 -20.323 1.00 19.47 ? 47  LYS A CB  1 
ATOM   404  C  CG  . LYS A 1 48  ? 18.626  -15.960 -20.428 1.00 20.97 ? 47  LYS A CG  1 
ATOM   405  C  CD  . LYS A 1 48  ? 17.525  -15.483 -21.401 1.00 25.86 ? 47  LYS A CD  1 
ATOM   406  C  CE  . LYS A 1 48  ? 16.187  -16.141 -21.089 1.00 27.04 ? 47  LYS A CE  1 
ATOM   407  N  NZ  . LYS A 1 48  ? 15.073  -15.281 -21.509 1.00 28.59 ? 47  LYS A NZ  1 
ATOM   408  N  N   . VAL A 1 49  ? 21.311  -17.038 -18.601 1.00 18.25 ? 48  VAL A N   1 
ATOM   409  C  CA  . VAL A 1 49  ? 22.786  -17.046 -18.470 1.00 16.21 ? 48  VAL A CA  1 
ATOM   410  C  C   . VAL A 1 49  ? 23.236  -18.159 -17.540 1.00 14.74 ? 48  VAL A C   1 
ATOM   411  O  O   . VAL A 1 49  ? 24.173  -18.863 -17.861 1.00 13.37 ? 48  VAL A O   1 
ATOM   412  C  CB  . VAL A 1 49  ? 23.363  -15.643 -18.007 1.00 16.16 ? 48  VAL A CB  1 
ATOM   413  C  CG1 . VAL A 1 49  ? 24.915  -15.691 -17.975 1.00 18.32 ? 48  VAL A CG1 1 
ATOM   414  C  CG2 . VAL A 1 49  ? 22.991  -14.621 -19.042 1.00 14.83 ? 48  VAL A CG2 1 
ATOM   415  N  N   . LYS A 1 50  ? 22.547  -18.335 -16.404 1.00 14.49 ? 49  LYS A N   1 
ATOM   416  C  CA  . LYS A 1 50  ? 22.891  -19.409 -15.471 1.00 14.89 ? 49  LYS A CA  1 
ATOM   417  C  C   . LYS A 1 50  ? 22.762  -20.789 -16.155 1.00 15.05 ? 49  LYS A C   1 
ATOM   418  O  O   . LYS A 1 50  ? 23.591  -21.698 -15.945 1.00 14.82 ? 49  LYS A O   1 
ATOM   419  C  CB  . LYS A 1 50  ? 21.997  -19.342 -14.232 1.00 14.15 ? 49  LYS A CB  1 
ATOM   420  C  CG  . LYS A 1 50  ? 22.521  -20.106 -13.042 1.00 19.51 ? 49  LYS A CG  1 
ATOM   421  C  CD  . LYS A 1 50  ? 21.423  -20.246 -11.938 1.00 23.02 ? 49  LYS A CD  1 
ATOM   422  C  CE  . LYS A 1 50  ? 22.029  -20.729 -10.627 1.00 31.10 ? 49  LYS A CE  1 
ATOM   423  N  NZ  . LYS A 1 50  ? 21.272  -21.871 -9.938  1.00 30.85 ? 49  LYS A NZ  1 
ATOM   424  N  N   . ASN A 1 51  ? 21.742  -20.945 -16.987 1.00 14.12 ? 50  ASN A N   1 
ATOM   425  C  CA  A ASN A 1 51  ? 21.585  -22.217 -17.682 0.50 15.07 ? 50  ASN A CA  1 
ATOM   426  C  CA  B ASN A 1 51  ? 21.563  -22.204 -17.716 0.50 15.22 ? 50  ASN A CA  1 
ATOM   427  C  C   . ASN A 1 51  ? 22.647  -22.438 -18.743 1.00 14.87 ? 50  ASN A C   1 
ATOM   428  O  O   . ASN A 1 51  ? 23.138  -23.545 -18.910 1.00 14.46 ? 50  ASN A O   1 
ATOM   429  C  CB  A ASN A 1 51  ? 20.145  -22.374 -18.195 0.50 13.95 ? 50  ASN A CB  1 
ATOM   430  C  CB  B ASN A 1 51  ? 20.205  -22.257 -18.420 0.50 13.94 ? 50  ASN A CB  1 
ATOM   431  C  CG  A ASN A 1 51  ? 19.175  -22.621 -17.050 0.50 13.83 ? 50  ASN A CG  1 
ATOM   432  C  CG  B ASN A 1 51  ? 19.865  -23.648 -18.862 0.50 15.14 ? 50  ASN A CG  1 
ATOM   433  O  OD1 A ASN A 1 51  ? 19.489  -23.369 -16.124 0.50 16.27 ? 50  ASN A OD1 1 
ATOM   434  O  OD1 B ASN A 1 51  ? 19.317  -24.442 -18.092 0.50 16.66 ? 50  ASN A OD1 1 
ATOM   435  N  ND2 A ASN A 1 51  ? 18.022  -21.979 -17.083 0.50 15.92 ? 50  ASN A ND2 1 
ATOM   436  N  ND2 B ASN A 1 51  ? 20.201  -23.971 -20.098 0.50 13.94 ? 50  ASN A ND2 1 
ATOM   437  N  N   . HIS A 1 52  ? 23.011  -21.368 -19.437 1.00 15.39 ? 51  HIS A N   1 
ATOM   438  C  CA  . HIS A 1 52  ? 24.033  -21.437 -20.440 1.00 15.53 ? 51  HIS A CA  1 
ATOM   439  C  C   . HIS A 1 52  ? 25.335  -21.874 -19.777 1.00 14.63 ? 51  HIS A C   1 
ATOM   440  O  O   . HIS A 1 52  ? 26.134  -22.656 -20.338 1.00 14.30 ? 51  HIS A O   1 
ATOM   441  C  CB  . HIS A 1 52  ? 24.097  -20.050 -21.173 1.00 17.63 ? 51  HIS A CB  1 
ATOM   442  C  CG  . HIS A 1 52  ? 25.158  -19.966 -22.226 1.00 20.92 ? 51  HIS A CG  1 
ATOM   443  N  ND1 . HIS A 1 52  ? 25.378  -20.970 -23.146 1.00 25.73 ? 51  HIS A ND1 1 
ATOM   444  C  CD2 . HIS A 1 52  ? 26.051  -18.994 -22.519 1.00 25.26 ? 51  HIS A CD2 1 
ATOM   445  C  CE1 . HIS A 1 52  ? 26.368  -20.628 -23.954 1.00 24.51 ? 51  HIS A CE1 1 
ATOM   446  N  NE2 . HIS A 1 52  ? 26.788  -19.426 -23.598 1.00 27.64 ? 51  HIS A NE2 1 
ATOM   447  N  N   . TYR A 1 53  ? 25.542  -21.413 -18.539 1.00 15.03 ? 52  TYR A N   1 
ATOM   448  C  CA  . TYR A 1 53  ? 26.806  -21.665 -17.809 1.00 14.88 ? 52  TYR A CA  1 
ATOM   449  C  C   . TYR A 1 53  ? 26.822  -23.132 -17.444 1.00 14.52 ? 52  TYR A C   1 
ATOM   450  O  O   . TYR A 1 53  ? 27.796  -23.862 -17.663 1.00 14.10 ? 52  TYR A O   1 
ATOM   451  C  CB  . TYR A 1 53  ? 26.819  -20.768 -16.564 1.00 14.41 ? 52  TYR A CB  1 
ATOM   452  C  CG  . TYR A 1 53  ? 28.042  -20.782 -15.693 1.00 16.03 ? 52  TYR A CG  1 
ATOM   453  C  CD1 . TYR A 1 53  ? 29.319  -20.560 -16.210 1.00 17.72 ? 52  TYR A CD1 1 
ATOM   454  C  CD2 . TYR A 1 53  ? 27.903  -20.880 -14.321 1.00 17.56 ? 52  TYR A CD2 1 
ATOM   455  C  CE1 . TYR A 1 53  ? 30.436  -20.516 -15.357 1.00 20.65 ? 52  TYR A CE1 1 
ATOM   456  C  CE2 . TYR A 1 53  ? 28.982  -20.866 -13.470 1.00 19.41 ? 52  TYR A CE2 1 
ATOM   457  C  CZ  . TYR A 1 53  ? 30.247  -20.697 -13.992 1.00 20.61 ? 52  TYR A CZ  1 
ATOM   458  O  OH  . TYR A 1 53  ? 31.292  -20.685 -13.110 1.00 19.94 ? 52  TYR A OH  1 
HETATM 459  N  N   . MSE A 1 54  ? 25.699  -23.568 -16.909 1.00 15.65 ? 53  MSE A N   1 
HETATM 460  C  CA  A MSE A 1 54  ? 25.522  -24.975 -16.542 0.50 16.05 ? 53  MSE A CA  1 
HETATM 461  C  CA  B MSE A 1 54  ? 25.519  -24.966 -16.550 0.50 15.64 ? 53  MSE A CA  1 
HETATM 462  C  C   . MSE A 1 54  ? 25.724  -25.904 -17.747 1.00 14.94 ? 53  MSE A C   1 
HETATM 463  O  O   . MSE A 1 54  ? 26.436  -26.880 -17.660 1.00 14.41 ? 53  MSE A O   1 
HETATM 464  C  CB  A MSE A 1 54  ? 24.171  -25.161 -15.832 0.50 16.14 ? 53  MSE A CB  1 
HETATM 465  C  CB  B MSE A 1 54  ? 24.141  -25.132 -15.932 0.50 15.33 ? 53  MSE A CB  1 
HETATM 466  C  CG  A MSE A 1 54  ? 24.123  -24.420 -14.502 0.50 18.87 ? 53  MSE A CG  1 
HETATM 467  C  CG  B MSE A 1 54  ? 24.039  -26.373 -15.091 0.50 16.40 ? 53  MSE A CG  1 
HETATM 468  SE SE  A MSE A 1 54  ? 22.672  -24.756 -13.200 0.30 24.54 ? 53  MSE A SE  1 
HETATM 469  SE SE  B MSE A 1 54  ? 22.195  -26.660 -14.614 0.30 16.62 ? 53  MSE A SE  1 
HETATM 470  C  CE  A MSE A 1 54  ? 23.608  -26.054 -12.079 0.50 22.50 ? 53  MSE A CE  1 
HETATM 471  C  CE  B MSE A 1 54  ? 21.402  -26.637 -16.382 0.50 14.87 ? 53  MSE A CE  1 
ATOM   472  N  N   . GLN A 1 55  ? 25.110  -25.585 -18.884 1.00 16.45 ? 54  GLN A N   1 
ATOM   473  C  CA  . GLN A 1 55  ? 25.318  -26.383 -20.125 1.00 17.10 ? 54  GLN A CA  1 
ATOM   474  C  C   . GLN A 1 55  ? 26.787  -26.492 -20.490 1.00 17.04 ? 54  GLN A C   1 
ATOM   475  O  O   . GLN A 1 55  ? 27.231  -27.572 -20.843 1.00 14.35 ? 54  GLN A O   1 
ATOM   476  C  CB  . GLN A 1 55  ? 24.647  -25.733 -21.340 1.00 19.30 ? 54  GLN A CB  1 
ATOM   477  C  CG  . GLN A 1 55  ? 23.148  -25.948 -21.455 1.00 23.48 ? 54  GLN A CG  1 
ATOM   478  C  CD  . GLN A 1 55  ? 22.435  -24.964 -22.466 1.00 31.44 ? 54  GLN A CD  1 
ATOM   479  O  OE1 . GLN A 1 55  ? 21.237  -24.733 -22.334 1.00 34.18 ? 54  GLN A OE1 1 
ATOM   480  N  NE2 . GLN A 1 55  ? 23.173  -24.403 -23.455 1.00 30.76 ? 54  GLN A NE2 1 
ATOM   481  N  N   . LYS A 1 56  ? 27.535  -25.363 -20.447 1.00 15.70 ? 55  LYS A N   1 
ATOM   482  C  CA  . LYS A 1 56  ? 28.975  -25.360 -20.756 1.00 16.71 ? 55  LYS A CA  1 
ATOM   483  C  C   . LYS A 1 56  ? 29.752  -26.248 -19.772 1.00 15.27 ? 55  LYS A C   1 
ATOM   484  O  O   . LYS A 1 56  ? 30.645  -27.002 -20.165 1.00 16.42 ? 55  LYS A O   1 
ATOM   485  C  CB  . LYS A 1 56  ? 29.591  -23.919 -20.692 1.00 16.74 ? 55  LYS A CB  1 
ATOM   486  C  CG  . LYS A 1 56  ? 28.989  -22.839 -21.704 1.00 21.38 ? 55  LYS A CG  1 
ATOM   487  C  CD  . LYS A 1 56  ? 28.628  -23.462 -23.025 1.00 26.39 ? 55  LYS A CD  1 
ATOM   488  C  CE  . LYS A 1 56  ? 29.816  -23.436 -23.979 1.00 31.63 ? 55  LYS A CE  1 
ATOM   489  N  NZ  . LYS A 1 56  ? 29.646  -24.458 -25.032 1.00 33.59 ? 55  LYS A NZ  1 
ATOM   490  N  N   . ILE A 1 57  ? 29.446  -26.128 -18.488 1.00 14.32 ? 56  ILE A N   1 
ATOM   491  C  CA  . ILE A 1 57  ? 30.170  -26.926 -17.487 1.00 14.51 ? 56  ILE A CA  1 
ATOM   492  C  C   . ILE A 1 57  ? 29.916  -28.420 -17.755 1.00 14.78 ? 56  ILE A C   1 
ATOM   493  O  O   . ILE A 1 57  ? 30.847  -29.249 -17.703 1.00 16.17 ? 56  ILE A O   1 
ATOM   494  C  CB  . ILE A 1 57  ? 29.673  -26.513 -16.104 1.00 13.42 ? 56  ILE A CB  1 
ATOM   495  C  CG1 . ILE A 1 57  ? 30.140  -25.070 -15.814 1.00 15.68 ? 56  ILE A CG1 1 
ATOM   496  C  CG2 . ILE A 1 57  ? 30.242  -27.417 -14.945 1.00 15.43 ? 56  ILE A CG2 1 
ATOM   497  C  CD1 . ILE A 1 57  ? 29.327  -24.445 -14.663 1.00 12.76 ? 56  ILE A CD1 1 
ATOM   498  N  N   . ARG A 1 58  ? 28.660  -28.765 -18.034 1.00 14.03 ? 57  ARG A N   1 
ATOM   499  C  CA  . ARG A 1 58  ? 28.278  -30.191 -18.244 1.00 13.88 ? 57  ARG A CA  1 
ATOM   500  C  C   . ARG A 1 58  ? 28.900  -30.684 -19.501 1.00 13.59 ? 57  ARG A C   1 
ATOM   501  O  O   . ARG A 1 58  ? 29.343  -31.808 -19.554 1.00 12.86 ? 57  ARG A O   1 
ATOM   502  C  CB  . ARG A 1 58  ? 26.760  -30.377 -18.301 1.00 13.80 ? 57  ARG A CB  1 
ATOM   503  C  CG  . ARG A 1 58  ? 26.086  -30.386 -16.962 1.00 16.00 ? 57  ARG A CG  1 
ATOM   504  C  CD  . ARG A 1 58  ? 24.501  -30.439 -17.035 1.00 25.98 ? 57  ARG A CD  1 
ATOM   505  N  NE  . ARG A 1 58  ? 23.901  -30.035 -15.751 1.00 24.60 ? 57  ARG A NE  1 
ATOM   506  C  CZ  . ARG A 1 58  ? 23.985  -30.804 -14.658 1.00 24.01 ? 57  ARG A CZ  1 
ATOM   507  N  NH1 . ARG A 1 58  ? 24.610  -31.975 -14.746 1.00 22.84 ? 57  ARG A NH1 1 
ATOM   508  N  NH2 . ARG A 1 58  ? 23.493  -30.395 -13.495 1.00 22.32 ? 57  ARG A NH2 1 
ATOM   509  N  N   . GLN A 1 59  ? 28.991  -29.825 -20.520 1.00 13.81 ? 58  GLN A N   1 
ATOM   510  C  CA  . GLN A 1 59  ? 29.591  -30.246 -21.778 1.00 14.16 ? 58  GLN A CA  1 
ATOM   511  C  C   . GLN A 1 59  ? 31.066  -30.564 -21.535 1.00 14.67 ? 58  GLN A C   1 
ATOM   512  O  O   . GLN A 1 59  ? 31.594  -31.527 -22.077 1.00 11.92 ? 58  GLN A O   1 
ATOM   513  C  CB  . GLN A 1 59  ? 29.437  -29.125 -22.853 1.00 14.87 ? 58  GLN A CB  1 
ATOM   514  C  CG  . GLN A 1 59  ? 28.039  -29.055 -23.534 1.00 16.20 ? 58  GLN A CG  1 
ATOM   515  C  CD  . GLN A 1 59  ? 27.687  -27.611 -24.091 1.00 22.51 ? 58  GLN A CD  1 
ATOM   516  O  OE1 . GLN A 1 59  ? 28.573  -26.758 -24.307 1.00 22.24 ? 58  GLN A OE1 1 
ATOM   517  N  NE2 . GLN A 1 59  ? 26.404  -27.360 -24.296 1.00 18.04 ? 58  GLN A NE2 1 
ATOM   518  N  N   . LEU A 1 60  ? 31.752  -29.717 -20.750 1.00 14.68 ? 59  LEU A N   1 
ATOM   519  C  CA  . LEU A 1 60  ? 33.167  -30.001 -20.438 1.00 14.99 ? 59  LEU A CA  1 
ATOM   520  C  C   . LEU A 1 60  ? 33.300  -31.286 -19.585 1.00 14.43 ? 59  LEU A C   1 
ATOM   521  O  O   . LEU A 1 60  ? 34.209  -32.071 -19.809 1.00 12.42 ? 59  LEU A O   1 
ATOM   522  C  CB  . LEU A 1 60  ? 33.847  -28.826 -19.702 1.00 16.16 ? 59  LEU A CB  1 
ATOM   523  C  CG  . LEU A 1 60  ? 35.256  -29.125 -19.139 1.00 20.20 ? 59  LEU A CG  1 
ATOM   524  C  CD1 . LEU A 1 60  ? 36.210  -29.570 -20.250 1.00 20.48 ? 59  LEU A CD1 1 
ATOM   525  C  CD2 . LEU A 1 60  ? 35.819  -27.810 -18.537 1.00 22.88 ? 59  LEU A CD2 1 
ATOM   526  N  N   . ARG A 1 61  ? 32.417  -31.434 -18.615 1.00 14.24 ? 60  ARG A N   1 
ATOM   527  C  CA  . ARG A 1 61  ? 32.415  -32.604 -17.724 1.00 18.06 ? 60  ARG A CA  1 
ATOM   528  C  C   . ARG A 1 61  ? 32.259  -33.928 -18.526 1.00 16.44 ? 60  ARG A C   1 
ATOM   529  O  O   . ARG A 1 61  ? 32.965  -34.932 -18.278 1.00 18.36 ? 60  ARG A O   1 
ATOM   530  C  CB  . ARG A 1 61  ? 31.323  -32.416 -16.673 1.00 17.10 ? 60  ARG A CB  1 
ATOM   531  C  CG  . ARG A 1 61  ? 31.851  -32.671 -15.316 1.00 23.50 ? 60  ARG A CG  1 
ATOM   532  C  CD  . ARG A 1 61  ? 31.308  -34.010 -14.777 1.00 26.76 ? 60  ARG A CD  1 
ATOM   533  N  NE  . ARG A 1 61  ? 29.845  -33.907 -14.710 1.00 26.51 ? 60  ARG A NE  1 
ATOM   534  C  CZ  . ARG A 1 61  ? 29.136  -33.513 -13.647 1.00 31.37 ? 60  ARG A CZ  1 
ATOM   535  N  NH1 . ARG A 1 61  ? 29.724  -33.228 -12.470 1.00 30.15 ? 60  ARG A NH1 1 
ATOM   536  N  NH2 . ARG A 1 61  ? 27.803  -33.464 -13.747 1.00 32.70 ? 60  ARG A NH2 1 
ATOM   537  N  N   . GLU A 1 62  ? 31.393  -33.910 -19.535 1.00 16.75 ? 61  GLU A N   1 
ATOM   538  C  CA  . GLU A 1 62  ? 31.267  -35.054 -20.471 1.00 17.03 ? 61  GLU A CA  1 
ATOM   539  C  C   . GLU A 1 62  ? 32.536  -35.316 -21.254 1.00 16.82 ? 61  GLU A C   1 
ATOM   540  O  O   . GLU A 1 62  ? 32.930  -36.478 -21.480 1.00 14.45 ? 61  GLU A O   1 
ATOM   541  C  CB  . GLU A 1 62  ? 30.107  -34.834 -21.449 1.00 18.00 ? 61  GLU A CB  1 
ATOM   542  C  CG  . GLU A 1 62  ? 28.780  -34.804 -20.754 1.00 22.37 ? 61  GLU A CG  1 
ATOM   543  C  CD  . GLU A 1 62  ? 27.674  -34.091 -21.555 1.00 29.55 ? 61  GLU A CD  1 
ATOM   544  O  OE1 . GLU A 1 62  ? 27.971  -33.381 -22.559 1.00 34.12 ? 61  GLU A OE1 1 
ATOM   545  O  OE2 . GLU A 1 62  ? 26.496  -34.240 -21.154 1.00 32.05 ? 61  GLU A OE2 1 
ATOM   546  N  N   . GLN A 1 63  ? 33.212  -34.244 -21.674 1.00 16.65 ? 62  GLN A N   1 
ATOM   547  C  CA  . GLN A 1 63  ? 34.460  -34.419 -22.424 1.00 17.45 ? 62  GLN A CA  1 
ATOM   548  C  C   . GLN A 1 63  ? 35.518  -35.015 -21.512 1.00 15.26 ? 62  GLN A C   1 
ATOM   549  O  O   . GLN A 1 63  ? 36.271  -35.876 -21.926 1.00 14.95 ? 62  GLN A O   1 
ATOM   550  C  CB  . GLN A 1 63  ? 34.950  -33.094 -23.075 1.00 18.23 ? 62  GLN A CB  1 
ATOM   551  C  CG  . GLN A 1 63  ? 33.921  -32.610 -24.139 1.00 23.48 ? 62  GLN A CG  1 
ATOM   552  C  CD  . GLN A 1 63  ? 33.786  -33.675 -25.245 1.00 31.00 ? 62  GLN A CD  1 
ATOM   553  O  OE1 . GLN A 1 63  ? 34.806  -34.088 -25.829 1.00 32.70 ? 62  GLN A OE1 1 
ATOM   554  N  NE2 . GLN A 1 63  ? 32.541  -34.142 -25.527 1.00 29.75 ? 62  GLN A NE2 1 
ATOM   555  N  N   . LEU A 1 64  ? 35.550  -34.553 -20.271 1.00 15.35 ? 63  LEU A N   1 
ATOM   556  C  CA  . LEU A 1 64  ? 36.505  -35.066 -19.278 1.00 15.14 ? 63  LEU A CA  1 
ATOM   557  C  C   . LEU A 1 64  ? 36.276  -36.573 -19.068 1.00 15.89 ? 63  LEU A C   1 
ATOM   558  O  O   . LEU A 1 64  ? 37.236  -37.361 -19.068 1.00 14.01 ? 63  LEU A O   1 
ATOM   559  C  CB  . LEU A 1 64  ? 36.330  -34.309 -17.969 1.00 15.16 ? 63  LEU A CB  1 
ATOM   560  C  CG  . LEU A 1 64  ? 36.780  -32.828 -18.010 1.00 13.77 ? 63  LEU A CG  1 
ATOM   561  C  CD1 . LEU A 1 64  ? 36.380  -32.155 -16.717 1.00 10.81 ? 63  LEU A CD1 1 
ATOM   562  C  CD2 . LEU A 1 64  ? 38.329  -32.816 -18.274 1.00 13.96 ? 63  LEU A CD2 1 
ATOM   563  N  N   . ASP A 1 65  ? 35.005  -36.961 -18.952 1.00 16.75 ? 64  ASP A N   1 
ATOM   564  C  CA  . ASP A 1 65  ? 34.645  -38.390 -18.727 1.00 18.41 ? 64  ASP A CA  1 
ATOM   565  C  C   . ASP A 1 65  ? 35.062  -39.233 -19.918 1.00 18.31 ? 64  ASP A C   1 
ATOM   566  O  O   . ASP A 1 65  ? 35.543  -40.342 -19.732 1.00 18.62 ? 64  ASP A O   1 
ATOM   567  C  CB  . ASP A 1 65  ? 33.139  -38.592 -18.449 1.00 18.00 ? 64  ASP A CB  1 
ATOM   568  C  CG  . ASP A 1 65  ? 32.643  -37.866 -17.194 1.00 24.02 ? 64  ASP A CG  1 
ATOM   569  O  OD1 . ASP A 1 65  ? 33.479  -37.397 -16.349 1.00 30.52 ? 64  ASP A OD1 1 
ATOM   570  O  OD2 . ASP A 1 65  ? 31.392  -37.689 -17.079 1.00 27.37 ? 64  ASP A OD2 1 
ATOM   571  N  N   . ASP A 1 66  ? 34.893  -38.689 -21.132 1.00 18.29 ? 65  ASP A N   1 
ATOM   572  C  CA  . ASP A 1 66  ? 35.305  -39.354 -22.383 1.00 19.56 ? 65  ASP A CA  1 
ATOM   573  C  C   . ASP A 1 66  ? 36.806  -39.428 -22.572 1.00 20.03 ? 65  ASP A C   1 
ATOM   574  O  O   . ASP A 1 66  ? 37.260  -40.204 -23.376 1.00 21.20 ? 65  ASP A O   1 
ATOM   575  C  CB  . ASP A 1 66  ? 34.740  -38.614 -23.607 1.00 20.28 ? 65  ASP A CB  1 
ATOM   576  C  CG  . ASP A 1 66  ? 33.267  -38.895 -23.849 1.00 21.00 ? 65  ASP A CG  1 
ATOM   577  O  OD1 . ASP A 1 66  ? 32.817  -39.988 -23.499 1.00 23.90 ? 65  ASP A OD1 1 
ATOM   578  O  OD2 . ASP A 1 66  ? 32.536  -38.011 -24.344 1.00 23.87 ? 65  ASP A OD2 1 
ATOM   579  N  N   . GLY A 1 67  ? 37.589  -38.600 -21.882 1.00 21.30 ? 66  GLY A N   1 
ATOM   580  C  CA  . GLY A 1 67  ? 39.017  -38.485 -22.234 1.00 21.38 ? 66  GLY A CA  1 
ATOM   581  C  C   . GLY A 1 67  ? 39.194  -37.381 -23.279 1.00 23.17 ? 66  GLY A C   1 
ATOM   582  O  O   . GLY A 1 67  ? 38.557  -37.354 -24.344 1.00 23.27 ? 66  GLY A O   1 
ATOM   583  N  N   . THR A 1 68  ? 40.070  -36.435 -22.977 1.00 23.14 ? 67  THR A N   1 
ATOM   584  C  CA  . THR A 1 68  ? 40.195  -35.268 -23.804 1.00 21.75 ? 67  THR A CA  1 
ATOM   585  C  C   . THR A 1 68  ? 41.694  -34.927 -23.882 1.00 20.82 ? 67  THR A C   1 
ATOM   586  O  O   . THR A 1 68  ? 42.541  -35.813 -23.689 1.00 19.27 ? 67  THR A O   1 
ATOM   587  C  CB  . THR A 1 68  ? 39.235  -34.168 -23.270 1.00 23.17 ? 67  THR A CB  1 
ATOM   588  O  OG1 . THR A 1 68  ? 39.130  -33.092 -24.214 1.00 25.64 ? 67  THR A OG1 1 
ATOM   589  C  CG2 . THR A 1 68  ? 39.630  -33.697 -21.861 1.00 21.68 ? 67  THR A CG2 1 
ATOM   590  N  N   . THR A 1 69  ? 42.033  -33.675 -24.161 1.00 20.31 ? 68  THR A N   1 
ATOM   591  C  CA  . THR A 1 69  ? 43.435  -33.263 -24.270 1.00 19.87 ? 68  THR A CA  1 
ATOM   592  C  C   . THR A 1 69  ? 43.522  -31.974 -23.470 1.00 18.79 ? 68  THR A C   1 
ATOM   593  O  O   . THR A 1 69  ? 42.494  -31.323 -23.225 1.00 16.18 ? 68  THR A O   1 
ATOM   594  C  CB  . THR A 1 69  ? 43.822  -32.979 -25.728 1.00 20.33 ? 68  THR A CB  1 
ATOM   595  O  OG1 . THR A 1 69  ? 43.167  -31.778 -26.133 1.00 21.27 ? 68  THR A OG1 1 
ATOM   596  C  CG2 . THR A 1 69  ? 43.384  -34.128 -26.671 1.00 22.85 ? 68  THR A CG2 1 
ATOM   597  N  N   . SER A 1 70  ? 44.736  -31.637 -23.028 1.00 17.78 ? 69  SER A N   1 
ATOM   598  C  CA  . SER A 1 70  ? 44.989  -30.415 -22.293 1.00 18.09 ? 69  SER A CA  1 
ATOM   599  C  C   . SER A 1 70  ? 44.543  -29.135 -23.065 1.00 17.23 ? 69  SER A C   1 
ATOM   600  O  O   . SER A 1 70  ? 44.004  -28.200 -22.469 1.00 16.37 ? 69  SER A O   1 
ATOM   601  C  CB  . SER A 1 70  ? 46.481  -30.378 -21.908 1.00 19.18 ? 69  SER A CB  1 
ATOM   602  O  OG  . SER A 1 70  ? 46.705  -29.221 -21.132 1.00 23.64 ? 69  SER A OG  1 
ATOM   603  N  N   . ASP A 1 71  ? 44.763  -29.082 -24.380 1.00 16.97 ? 70  ASP A N   1 
ATOM   604  C  CA  . ASP A 1 71  ? 44.295  -27.894 -25.171 1.00 16.95 ? 70  ASP A CA  1 
ATOM   605  C  C   . ASP A 1 71  ? 42.784  -27.690 -25.177 1.00 16.52 ? 70  ASP A C   1 
ATOM   606  O  O   . ASP A 1 71  ? 42.291  -26.575 -25.032 1.00 14.28 ? 70  ASP A O   1 
ATOM   607  C  CB  . ASP A 1 71  ? 44.784  -27.975 -26.607 1.00 17.18 ? 70  ASP A CB  1 
ATOM   608  C  CG  . ASP A 1 71  ? 46.248  -27.691 -26.714 1.00 20.78 ? 70  ASP A CG  1 
ATOM   609  O  OD1 . ASP A 1 71  ? 46.805  -27.143 -25.741 1.00 24.72 ? 70  ASP A OD1 1 
ATOM   610  O  OD2 . ASP A 1 71  ? 46.858  -28.038 -27.745 1.00 28.61 ? 70  ASP A OD2 1 
ATOM   611  N  N   . ALA A 1 72  ? 42.031  -28.783 -25.350 1.00 15.71 ? 71  ALA A N   1 
ATOM   612  C  CA  . ALA A 1 72  ? 40.562  -28.671 -25.408 1.00 15.71 ? 71  ALA A CA  1 
ATOM   613  C  C   . ALA A 1 72  ? 40.034  -28.286 -24.034 1.00 14.14 ? 71  ALA A C   1 
ATOM   614  O  O   . ALA A 1 72  ? 39.046  -27.560 -23.922 1.00 14.54 ? 71  ALA A O   1 
ATOM   615  C  CB  . ALA A 1 72  ? 39.940  -30.037 -25.878 1.00 17.01 ? 71  ALA A CB  1 
ATOM   616  N  N   . ILE A 1 73  ? 40.671  -28.776 -22.973 1.00 13.48 ? 72  ILE A N   1 
ATOM   617  C  CA  . ILE A 1 73  ? 40.271  -28.372 -21.617 1.00 13.71 ? 72  ILE A CA  1 
ATOM   618  C  C   . ILE A 1 73  ? 40.502  -26.834 -21.461 1.00 14.55 ? 72  ILE A C   1 
ATOM   619  O  O   . ILE A 1 73  ? 39.599  -26.075 -21.013 1.00 14.78 ? 72  ILE A O   1 
ATOM   620  C  CB  . ILE A 1 73  ? 41.018  -29.149 -20.487 1.00 13.38 ? 72  ILE A CB  1 
ATOM   621  C  CG1 . ILE A 1 73  ? 40.612  -30.651 -20.422 1.00 15.19 ? 72  ILE A CG1 1 
ATOM   622  C  CG2 . ILE A 1 73  ? 40.716  -28.546 -19.105 1.00 16.50 ? 72  ILE A CG2 1 
ATOM   623  C  CD1 . ILE A 1 73  ? 41.647  -31.538 -19.633 1.00 16.10 ? 72  ILE A CD1 1 
ATOM   624  N  N   . LEU A 1 74  ? 41.686  -26.377 -21.866 1.00 14.85 ? 73  LEU A N   1 
ATOM   625  C  CA  . LEU A 1 74  ? 41.998  -24.950 -21.704 1.00 15.77 ? 73  LEU A CA  1 
ATOM   626  C  C   . LEU A 1 74  ? 41.007  -24.075 -22.469 1.00 15.64 ? 73  LEU A C   1 
ATOM   627  O  O   . LEU A 1 74  ? 40.452  -23.082 -21.961 1.00 14.81 ? 73  LEU A O   1 
ATOM   628  C  CB  . LEU A 1 74  ? 43.421  -24.708 -22.144 1.00 17.31 ? 73  LEU A CB  1 
ATOM   629  C  CG  . LEU A 1 74  ? 44.392  -24.549 -20.973 1.00 20.55 ? 73  LEU A CG  1 
ATOM   630  C  CD1 . LEU A 1 74  ? 45.653  -25.380 -21.254 1.00 24.19 ? 73  LEU A CD1 1 
ATOM   631  C  CD2 . LEU A 1 74  ? 44.727  -23.050 -20.781 1.00 25.74 ? 73  LEU A CD2 1 
ATOM   632  N  N   . LYS A 1 75  ? 40.715  -24.467 -23.686 1.00 18.45 ? 74  LYS A N   1 
ATOM   633  C  CA  . LYS A 1 75  ? 39.732  -23.691 -24.454 1.00 18.35 ? 74  LYS A CA  1 
ATOM   634  C  C   . LYS A 1 75  ? 38.294  -23.652 -23.859 1.00 17.54 ? 74  LYS A C   1 
ATOM   635  O  O   . LYS A 1 75  ? 37.619  -22.615 -23.839 1.00 19.10 ? 74  LYS A O   1 
ATOM   636  C  CB  . LYS A 1 75  ? 39.662  -24.224 -25.858 1.00 18.40 ? 74  LYS A CB  1 
ATOM   637  C  CG  . LYS A 1 75  ? 38.769  -23.327 -26.742 1.00 18.91 ? 74  LYS A CG  1 
ATOM   638  C  CD  . LYS A 1 75  ? 38.563  -23.970 -28.140 1.00 24.70 ? 74  LYS A CD  1 
ATOM   639  C  CE  . LYS A 1 75  ? 38.032  -22.957 -29.163 1.00 20.26 ? 74  LYS A CE  1 
ATOM   640  N  NZ  . LYS A 1 75  ? 38.122  -23.620 -30.489 1.00 22.92 ? 74  LYS A NZ  1 
HETATM 641  N  N   . MSE A 1 76  ? 37.795  -24.787 -23.407 1.00 16.83 ? 75  MSE A N   1 
HETATM 642  C  CA  A MSE A 1 76  ? 36.462  -24.817 -22.806 0.40 14.97 ? 75  MSE A CA  1 
HETATM 643  C  CA  B MSE A 1 76  ? 36.454  -24.829 -22.793 0.60 15.46 ? 75  MSE A CA  1 
HETATM 644  C  C   . MSE A 1 76  ? 36.436  -24.033 -21.514 1.00 14.36 ? 75  MSE A C   1 
HETATM 645  O  O   . MSE A 1 76  ? 35.476  -23.326 -21.255 1.00 12.40 ? 75  MSE A O   1 
HETATM 646  C  CB  A MSE A 1 76  ? 35.997  -26.262 -22.559 0.40 14.66 ? 75  MSE A CB  1 
HETATM 647  C  CB  B MSE A 1 76  ? 36.037  -26.280 -22.470 0.60 15.49 ? 75  MSE A CB  1 
HETATM 648  C  CG  A MSE A 1 76  ? 35.206  -26.806 -23.724 0.40 14.90 ? 75  MSE A CG  1 
HETATM 649  C  CG  B MSE A 1 76  ? 35.929  -27.162 -23.696 0.60 18.05 ? 75  MSE A CG  1 
HETATM 650  SE SE  A MSE A 1 76  ? 34.715  -28.694 -23.528 0.24 11.80 ? 75  MSE A SE  1 
HETATM 651  SE SE  B MSE A 1 76  ? 34.606  -26.553 -24.970 0.36 26.81 ? 75  MSE A SE  1 
HETATM 652  C  CE  A MSE A 1 76  ? 32.803  -28.611 -23.925 0.40 18.58 ? 75  MSE A CE  1 
HETATM 653  C  CE  B MSE A 1 76  ? 35.656  -25.267 -26.057 0.60 14.21 ? 75  MSE A CE  1 
ATOM   654  N  N   . LYS A 1 77  ? 37.501  -24.161 -20.704 1.00 13.98 ? 76  LYS A N   1 
ATOM   655  C  CA  . LYS A 1 77  ? 37.589  -23.415 -19.440 1.00 16.39 ? 76  LYS A CA  1 
ATOM   656  C  C   . LYS A 1 77  ? 37.641  -21.916 -19.688 1.00 17.60 ? 76  LYS A C   1 
ATOM   657  O  O   . LYS A 1 77  ? 37.085  -21.092 -18.901 1.00 15.04 ? 76  LYS A O   1 
ATOM   658  C  CB  . LYS A 1 77  ? 38.839  -23.801 -18.628 1.00 16.55 ? 76  LYS A CB  1 
ATOM   659  C  CG  . LYS A 1 77  ? 38.684  -25.172 -17.951 1.00 20.63 ? 76  LYS A CG  1 
ATOM   660  C  CD  . LYS A 1 77  ? 39.981  -25.603 -17.305 1.00 27.44 ? 76  LYS A CD  1 
ATOM   661  C  CE  . LYS A 1 77  ? 40.322  -24.770 -16.059 1.00 29.99 ? 76  LYS A CE  1 
ATOM   662  N  NZ  . LYS A 1 77  ? 39.197  -24.732 -15.098 1.00 28.63 ? 76  LYS A NZ  1 
ATOM   663  N  N   . ALA A 1 78  ? 38.259  -21.548 -20.801 1.00 17.13 ? 77  ALA A N   1 
ATOM   664  C  CA  . ALA A 1 78  ? 38.397  -20.055 -21.072 1.00 18.70 ? 77  ALA A CA  1 
ATOM   665  C  C   . ALA A 1 78  ? 37.017  -19.440 -21.320 1.00 19.62 ? 77  ALA A C   1 
ATOM   666  O  O   . ALA A 1 78  ? 36.661  -18.396 -20.778 1.00 19.72 ? 77  ALA A O   1 
ATOM   667  C  CB  . ALA A 1 78  ? 39.304  -19.824 -22.306 1.00 17.60 ? 77  ALA A CB  1 
ATOM   668  N  N   . TYR A 1 79  ? 36.221  -20.133 -22.119 1.00 20.21 ? 78  TYR A N   1 
ATOM   669  C  CA  A TYR A 1 79  ? 34.829  -19.767 -22.403 0.50 20.43 ? 78  TYR A CA  1 
ATOM   670  C  CA  B TYR A 1 79  ? 34.871  -19.682 -22.347 0.50 20.28 ? 78  TYR A CA  1 
ATOM   671  C  C   . TYR A 1 79  ? 33.972  -19.791 -21.111 1.00 20.39 ? 78  TYR A C   1 
ATOM   672  O  O   . TYR A 1 79  ? 33.151  -18.906 -20.890 1.00 20.81 ? 78  TYR A O   1 
ATOM   673  C  CB  A TYR A 1 79  ? 34.218  -20.720 -23.451 0.50 20.60 ? 78  TYR A CB  1 
ATOM   674  C  CB  B TYR A 1 79  ? 34.231  -20.400 -23.509 0.50 20.13 ? 78  TYR A CB  1 
ATOM   675  C  CG  A TYR A 1 79  ? 34.671  -20.554 -24.904 0.50 21.87 ? 78  TYR A CG  1 
ATOM   676  C  CG  B TYR A 1 79  ? 32.894  -19.800 -23.811 0.50 21.34 ? 78  TYR A CG  1 
ATOM   677  C  CD1 A TYR A 1 79  ? 34.509  -19.366 -25.574 0.50 22.12 ? 78  TYR A CD1 1 
ATOM   678  C  CD1 B TYR A 1 79  ? 32.752  -18.414 -23.988 0.50 21.85 ? 78  TYR A CD1 1 
ATOM   679  C  CD2 A TYR A 1 79  ? 35.171  -21.639 -25.626 0.50 26.52 ? 78  TYR A CD2 1 
ATOM   680  C  CD2 B TYR A 1 79  ? 31.765  -20.592 -23.896 0.50 19.40 ? 78  TYR A CD2 1 
ATOM   681  C  CE1 A TYR A 1 79  ? 34.911  -19.213 -26.897 0.50 22.56 ? 78  TYR A CE1 1 
ATOM   682  C  CE1 B TYR A 1 79  ? 31.539  -17.861 -24.245 0.50 19.22 ? 78  TYR A CE1 1 
ATOM   683  C  CE2 A TYR A 1 79  ? 35.552  -21.505 -26.953 0.50 25.58 ? 78  TYR A CE2 1 
ATOM   684  C  CE2 B TYR A 1 79  ? 30.547  -20.037 -24.167 0.50 20.06 ? 78  TYR A CE2 1 
ATOM   685  C  CZ  A TYR A 1 79  ? 35.423  -20.287 -27.571 0.50 26.45 ? 78  TYR A CZ  1 
ATOM   686  C  CZ  B TYR A 1 79  ? 30.448  -18.678 -24.364 0.50 19.12 ? 78  TYR A CZ  1 
ATOM   687  O  OH  A TYR A 1 79  ? 35.801  -20.150 -28.885 0.50 30.16 ? 78  TYR A OH  1 
ATOM   688  O  OH  B TYR A 1 79  ? 29.216  -18.159 -24.631 0.50 17.23 ? 78  TYR A OH  1 
ATOM   689  N  N   . ILE A 1 80  ? 34.140  -20.843 -20.291 1.00 18.39 ? 79  ILE A N   1 
ATOM   690  C  CA  . ILE A 1 80  ? 33.406  -20.931 -19.019 1.00 18.36 ? 79  ILE A CA  1 
ATOM   691  C  C   . ILE A 1 80  ? 33.663  -19.705 -18.128 1.00 18.63 ? 79  ILE A C   1 
ATOM   692  O  O   . ILE A 1 80  ? 32.725  -19.123 -17.575 1.00 17.86 ? 79  ILE A O   1 
ATOM   693  C  CB  . ILE A 1 80  ? 33.664  -22.244 -18.265 1.00 18.65 ? 79  ILE A CB  1 
ATOM   694  C  CG1 . ILE A 1 80  ? 32.955  -23.381 -19.017 1.00 16.86 ? 79  ILE A CG1 1 
ATOM   695  C  CG2 . ILE A 1 80  ? 33.255  -22.123 -16.799 1.00 18.46 ? 79  ILE A CG2 1 
ATOM   696  C  CD1 . ILE A 1 80  ? 33.515  -24.802 -18.690 1.00 20.42 ? 79  ILE A CD1 1 
ATOM   697  N  N   . LYS A 1 81  ? 34.922  -19.277 -18.043 1.00 18.50 ? 80  LYS A N   1 
ATOM   698  C  CA  . LYS A 1 81  ? 35.230  -18.053 -17.272 1.00 18.34 ? 80  LYS A CA  1 
ATOM   699  C  C   . LYS A 1 81  ? 34.502  -16.851 -17.756 1.00 16.64 ? 80  LYS A C   1 
ATOM   700  O  O   . LYS A 1 81  ? 34.059  -16.043 -16.932 1.00 18.02 ? 80  LYS A O   1 
ATOM   701  C  CB  . LYS A 1 81  ? 36.745  -17.825 -17.093 1.00 18.93 ? 80  LYS A CB  1 
ATOM   702  C  CG  . LYS A 1 81  ? 37.211  -18.808 -15.973 1.00 27.26 ? 80  LYS A CG  1 
ATOM   703  C  CD  . LYS A 1 81  ? 38.692  -19.095 -15.949 1.00 31.43 ? 80  LYS A CD  1 
ATOM   704  C  CE  . LYS A 1 81  ? 38.984  -20.303 -15.053 1.00 33.93 ? 80  LYS A CE  1 
ATOM   705  N  NZ  . LYS A 1 81  ? 40.336  -20.797 -15.328 1.00 34.39 ? 80  LYS A NZ  1 
ATOM   706  N  N   . VAL A 1 82  ? 34.368  -16.704 -19.078 1.00 16.81 ? 81  VAL A N   1 
ATOM   707  C  CA  . VAL A 1 82  ? 33.632  -15.588 -19.679 1.00 16.09 ? 81  VAL A CA  1 
ATOM   708  C  C   . VAL A 1 82  ? 32.176  -15.601 -19.242 1.00 16.11 ? 81  VAL A C   1 
ATOM   709  O  O   . VAL A 1 82  ? 31.639  -14.580 -18.818 1.00 14.89 ? 81  VAL A O   1 
ATOM   710  C  CB  . VAL A 1 82  ? 33.743  -15.587 -21.243 1.00 16.91 ? 81  VAL A CB  1 
ATOM   711  C  CG1 . VAL A 1 82  ? 32.794  -14.622 -21.906 1.00 14.57 ? 81  VAL A CG1 1 
ATOM   712  C  CG2 . VAL A 1 82  ? 35.190  -15.257 -21.674 1.00 16.36 ? 81  VAL A CG2 1 
ATOM   713  N  N   . VAL A 1 83  ? 31.563  -16.784 -19.289 1.00 15.85 ? 82  VAL A N   1 
ATOM   714  C  CA  . VAL A 1 83  ? 30.151  -16.909 -18.942 1.00 16.25 ? 82  VAL A CA  1 
ATOM   715  C  C   . VAL A 1 83  ? 29.946  -16.641 -17.456 1.00 15.61 ? 82  VAL A C   1 
ATOM   716  O  O   . VAL A 1 83  ? 28.938  -16.073 -17.077 1.00 18.54 ? 82  VAL A O   1 
ATOM   717  C  CB  . VAL A 1 83  ? 29.578  -18.314 -19.361 1.00 15.57 ? 82  VAL A CB  1 
ATOM   718  C  CG1 . VAL A 1 83  ? 28.087  -18.365 -19.096 1.00 17.98 ? 82  VAL A CG1 1 
ATOM   719  C  CG2 . VAL A 1 83  ? 29.800  -18.503 -20.835 1.00 17.87 ? 82  VAL A CG2 1 
ATOM   720  N  N   . ALA A 1 84  ? 30.870  -17.103 -16.617 1.00 16.72 ? 83  ALA A N   1 
ATOM   721  C  CA  . ALA A 1 84  ? 30.804  -16.893 -15.180 1.00 15.65 ? 83  ALA A CA  1 
ATOM   722  C  C   . ALA A 1 84  ? 30.685  -15.402 -14.816 1.00 16.63 ? 83  ALA A C   1 
ATOM   723  O  O   . ALA A 1 84  ? 29.939  -15.023 -13.915 1.00 14.44 ? 83  ALA A O   1 
ATOM   724  C  CB  . ALA A 1 84  ? 31.982  -17.471 -14.545 1.00 16.12 ? 83  ALA A CB  1 
ATOM   725  N  N   . ILE A 1 85  ? 31.417  -14.549 -15.528 1.00 16.60 ? 84  ILE A N   1 
ATOM   726  C  CA  . ILE A 1 85  ? 31.361  -13.097 -15.309 1.00 16.44 ? 84  ILE A CA  1 
ATOM   727  C  C   . ILE A 1 85  ? 30.023  -12.570 -15.843 1.00 16.43 ? 84  ILE A C   1 
ATOM   728  O  O   . ILE A 1 85  ? 29.415  -11.736 -15.220 1.00 16.66 ? 84  ILE A O   1 
ATOM   729  C  CB  . ILE A 1 85  ? 32.574  -12.388 -16.002 1.00 15.20 ? 84  ILE A CB  1 
ATOM   730  C  CG1 . ILE A 1 85  ? 33.886  -12.819 -15.349 1.00 19.24 ? 84  ILE A CG1 1 
ATOM   731  C  CG2 . ILE A 1 85  ? 32.456  -10.801 -15.986 1.00 15.48 ? 84  ILE A CG2 1 
ATOM   732  C  CD1 . ILE A 1 85  ? 35.132  -12.425 -16.174 1.00 21.55 ? 84  ILE A CD1 1 
ATOM   733  N  N   . GLN A 1 86  ? 29.546  -13.055 -16.979 1.00 16.38 ? 85  GLN A N   1 
ATOM   734  C  CA  . GLN A 1 86  ? 28.229  -12.616 -17.406 1.00 18.31 ? 85  GLN A CA  1 
ATOM   735  C  C   . GLN A 1 86  ? 27.199  -12.944 -16.336 1.00 17.75 ? 85  GLN A C   1 
ATOM   736  O  O   . GLN A 1 86  ? 26.270  -12.141 -16.096 1.00 17.05 ? 85  GLN A O   1 
ATOM   737  C  CB  . GLN A 1 86  ? 27.763  -13.279 -18.687 1.00 17.79 ? 85  GLN A CB  1 
ATOM   738  C  CG  . GLN A 1 86  ? 28.689  -13.163 -19.861 1.00 25.90 ? 85  GLN A CG  1 
ATOM   739  C  CD  . GLN A 1 86  ? 28.180  -13.996 -21.048 1.00 33.64 ? 85  GLN A CD  1 
ATOM   740  O  OE1 . GLN A 1 86  ? 26.976  -13.951 -21.367 1.00 39.25 ? 85  GLN A OE1 1 
ATOM   741  N  NE2 . GLN A 1 86  ? 29.067  -14.759 -21.685 1.00 29.73 ? 85  GLN A NE2 1 
ATOM   742  N  N   . LEU A 1 87  ? 27.306  -14.148 -15.750 1.00 17.60 ? 86  LEU A N   1 
ATOM   743  C  CA  . LEU A 1 87  ? 26.381  -14.547 -14.698 1.00 17.19 ? 86  LEU A CA  1 
ATOM   744  C  C   . LEU A 1 87  ? 26.452  -13.596 -13.474 1.00 19.12 ? 86  LEU A C   1 
ATOM   745  O  O   . LEU A 1 87  ? 25.396  -13.149 -13.005 1.00 20.43 ? 86  LEU A O   1 
ATOM   746  C  CB  . LEU A 1 87  ? 26.597  -16.022 -14.268 1.00 17.11 ? 86  LEU A CB  1 
ATOM   747  C  CG  . LEU A 1 87  ? 25.688  -16.513 -13.141 1.00 14.35 ? 86  LEU A CG  1 
ATOM   748  C  CD1 . LEU A 1 87  ? 24.132  -16.283 -13.604 1.00 14.73 ? 86  LEU A CD1 1 
ATOM   749  C  CD2 . LEU A 1 87  ? 25.980  -18.013 -12.838 1.00 15.08 ? 86  LEU A CD2 1 
ATOM   750  N  N   . SER A 1 88  ? 27.649  -13.307 -12.936 1.00 18.56 ? 87  SER A N   1 
ATOM   751  C  CA  . SER A 1 88  ? 27.748  -12.347 -11.817 1.00 20.09 ? 87  SER A CA  1 
ATOM   752  C  C   . SER A 1 88  ? 27.138  -11.003 -12.206 1.00 19.87 ? 87  SER A C   1 
ATOM   753  O  O   . SER A 1 88  ? 26.547  -10.345 -11.364 1.00 19.21 ? 87  SER A O   1 
ATOM   754  C  CB  . SER A 1 88  ? 29.188  -12.149 -11.310 1.00 21.52 ? 87  SER A CB  1 
ATOM   755  O  OG  . SER A 1 88  ? 30.027  -11.736 -12.384 1.00 25.42 ? 87  SER A OG  1 
ATOM   756  N  N   . GLU A 1 89  ? 27.253  -10.595 -13.469 1.00 19.43 ? 88  GLU A N   1 
ATOM   757  C  CA  . GLU A 1 89  ? 26.701  -9.266  -13.864 1.00 19.52 ? 88  GLU A CA  1 
ATOM   758  C  C   . GLU A 1 89  ? 25.154  -9.330  -13.827 1.00 19.86 ? 88  GLU A C   1 
ATOM   759  O  O   . GLU A 1 89  ? 24.484  -8.382  -13.428 1.00 18.23 ? 88  GLU A O   1 
ATOM   760  C  CB  . GLU A 1 89  ? 27.213  -8.846  -15.240 1.00 20.68 ? 88  GLU A CB  1 
ATOM   761  C  CG  . GLU A 1 89  ? 28.713  -8.453  -15.233 1.00 24.19 ? 88  GLU A CG  1 
ATOM   762  C  CD  . GLU A 1 89  ? 29.300  -8.278  -16.637 1.00 28.78 ? 88  GLU A CD  1 
ATOM   763  O  OE1 . GLU A 1 89  ? 28.630  -8.648  -17.621 1.00 33.17 ? 88  GLU A OE1 1 
ATOM   764  O  OE2 . GLU A 1 89  ? 30.443  -7.804  -16.761 1.00 27.27 ? 88  GLU A OE2 1 
ATOM   765  N  N   . GLU A 1 90  ? 24.591  -10.478 -14.222 1.00 19.20 ? 89  GLU A N   1 
ATOM   766  C  CA  . GLU A 1 90  ? 23.141  -10.646 -14.159 1.00 20.02 ? 89  GLU A CA  1 
ATOM   767  C  C   . GLU A 1 90  ? 22.656  -10.679 -12.717 1.00 20.28 ? 89  GLU A C   1 
ATOM   768  O  O   . GLU A 1 90  ? 21.607  -10.111 -12.439 1.00 19.92 ? 89  GLU A O   1 
ATOM   769  C  CB  . GLU A 1 90  ? 22.690  -11.948 -14.847 1.00 19.39 ? 89  GLU A CB  1 
ATOM   770  C  CG  . GLU A 1 90  ? 22.906  -11.929 -16.338 1.00 21.45 ? 89  GLU A CG  1 
ATOM   771  C  CD  . GLU A 1 90  ? 22.124  -10.848 -17.020 1.00 26.54 ? 89  GLU A CD  1 
ATOM   772  O  OE1 . GLU A 1 90  ? 21.022  -10.511 -16.557 1.00 32.06 ? 89  GLU A OE1 1 
ATOM   773  O  OE2 . GLU A 1 90  ? 22.605  -10.325 -18.039 1.00 27.69 ? 89  GLU A OE2 1 
ATOM   774  N  N   . GLU A 1 91  ? 23.376  -11.370 -11.824 1.00 20.08 ? 90  GLU A N   1 
ATOM   775  C  CA  . GLU A 1 91  ? 23.031  -11.385 -10.404 1.00 22.48 ? 90  GLU A CA  1 
ATOM   776  C  C   . GLU A 1 91  ? 23.034  -9.977  -9.796  1.00 22.99 ? 90  GLU A C   1 
ATOM   777  O  O   . GLU A 1 91  ? 22.232  -9.679  -8.916  1.00 22.86 ? 90  GLU A O   1 
ATOM   778  C  CB  . GLU A 1 91  ? 23.993  -12.242 -9.572  1.00 22.84 ? 90  GLU A CB  1 
ATOM   779  C  CG  . GLU A 1 91  ? 24.136  -13.689 -10.018 1.00 26.82 ? 90  GLU A CG  1 
ATOM   780  C  CD  . GLU A 1 91  ? 22.947  -14.582 -9.620  1.00 32.89 ? 90  GLU A CD  1 
ATOM   781  O  OE1 . GLU A 1 91  ? 21.917  -14.083 -9.075  1.00 34.64 ? 90  GLU A OE1 1 
ATOM   782  O  OE2 . GLU A 1 91  ? 23.066  -15.807 -9.861  1.00 34.16 ? 90  GLU A OE2 1 
ATOM   783  N  N   . GLU A 1 92  ? 23.985  -9.144  -10.215 1.00 22.06 ? 91  GLU A N   1 
ATOM   784  C  CA  . GLU A 1 92  ? 23.958  -7.747  -9.815  1.00 23.15 ? 91  GLU A CA  1 
ATOM   785  C  C   . GLU A 1 92  ? 22.667  -7.040  -10.286 1.00 21.87 ? 91  GLU A C   1 
ATOM   786  O  O   . GLU A 1 92  ? 21.997  -6.381  -9.472  1.00 21.61 ? 91  GLU A O   1 
ATOM   787  C  CB  . GLU A 1 92  ? 25.236  -7.003  -10.266 1.00 22.95 ? 91  GLU A CB  1 
ATOM   788  C  CG  . GLU A 1 92  ? 25.337  -5.599  -9.653  1.00 30.25 ? 91  GLU A CG  1 
ATOM   789  C  CD  . GLU A 1 92  ? 25.074  -5.624  -8.131  1.00 39.29 ? 91  GLU A CD  1 
ATOM   790  O  OE1 . GLU A 1 92  ? 25.841  -6.340  -7.427  1.00 43.28 ? 91  GLU A OE1 1 
ATOM   791  O  OE2 . GLU A 1 92  ? 24.097  -4.962  -7.635  1.00 41.05 ? 91  GLU A OE2 1 
ATOM   792  N  N   . LYS A 1 93  ? 22.318  -7.188  -11.568 1.00 20.63 ? 92  LYS A N   1 
ATOM   793  C  CA  . LYS A 1 93  ? 21.065  -6.658  -12.080 1.00 21.58 ? 92  LYS A CA  1 
ATOM   794  C  C   . LYS A 1 93  ? 19.836  -7.104  -11.278 1.00 22.12 ? 92  LYS A C   1 
ATOM   795  O  O   . LYS A 1 93  ? 18.918  -6.280  -11.059 1.00 21.64 ? 92  LYS A O   1 
ATOM   796  C  CB  . LYS A 1 93  ? 20.852  -7.032  -13.537 1.00 22.90 ? 92  LYS A CB  1 
ATOM   797  C  CG  . LYS A 1 93  ? 21.590  -6.161  -14.514 1.00 22.71 ? 92  LYS A CG  1 
ATOM   798  C  CD  . LYS A 1 93  ? 21.231  -6.645  -15.945 1.00 27.99 ? 92  LYS A CD  1 
ATOM   799  C  CE  . LYS A 1 93  ? 22.454  -6.686  -16.821 1.00 32.19 ? 92  LYS A CE  1 
ATOM   800  N  NZ  . LYS A 1 93  ? 22.294  -7.528  -18.062 1.00 36.46 ? 92  LYS A NZ  1 
ATOM   801  N  N   . VAL A 1 94  ? 19.814  -8.394  -10.879 1.00 22.06 ? 93  VAL A N   1 
ATOM   802  C  CA  . VAL A 1 94  ? 18.765  -8.941  -10.044 1.00 21.71 ? 93  VAL A CA  1 
ATOM   803  C  C   . VAL A 1 94  ? 18.764  -8.229  -8.675  1.00 23.10 ? 93  VAL A C   1 
ATOM   804  O  O   . VAL A 1 94  ? 17.706  -7.859  -8.176  1.00 23.29 ? 93  VAL A O   1 
ATOM   805  C  CB  . VAL A 1 94  ? 18.891  -10.476 -9.887  1.00 20.78 ? 93  VAL A CB  1 
ATOM   806  C  CG1 . VAL A 1 94  ? 18.032  -11.015 -8.697  1.00 21.91 ? 93  VAL A CG1 1 
ATOM   807  C  CG2 . VAL A 1 94  ? 18.511  -11.163 -11.180 1.00 18.47 ? 93  VAL A CG2 1 
ATOM   808  N  N   . ASN A 1 95  ? 19.935  -8.065  -8.070  1.00 22.95 ? 94  ASN A N   1 
ATOM   809  C  CA  . ASN A 1 95  ? 20.031  -7.415  -6.777  1.00 24.07 ? 94  ASN A CA  1 
ATOM   810  C  C   . ASN A 1 95  ? 19.642  -5.922  -6.748  1.00 23.62 ? 94  ASN A C   1 
ATOM   811  O  O   . ASN A 1 95  ? 19.035  -5.467  -5.776  1.00 23.58 ? 94  ASN A O   1 
ATOM   812  C  CB  . ASN A 1 95  ? 21.401  -7.619  -6.182  1.00 24.91 ? 94  ASN A CB  1 
ATOM   813  C  CG  . ASN A 1 95  ? 21.653  -9.063  -5.809  1.00 29.23 ? 94  ASN A CG  1 
ATOM   814  O  OD1 . ASN A 1 95  ? 20.719  -9.849  -5.602  1.00 30.87 ? 94  ASN A OD1 1 
ATOM   815  N  ND2 . ASN A 1 95  ? 22.935  -9.421  -5.710  1.00 27.98 ? 94  ASN A ND2 1 
ATOM   816  N  N   . LYS A 1 96  ? 19.986  -5.180  -7.795  1.00 22.66 ? 95  LYS A N   1 
ATOM   817  C  CA  . LYS A 1 96  ? 19.451  -3.818  -7.985  1.00 24.03 ? 95  LYS A CA  1 
ATOM   818  C  C   . LYS A 1 96  ? 17.920  -3.822  -8.003  1.00 23.99 ? 95  LYS A C   1 
ATOM   819  O  O   . LYS A 1 96  ? 17.266  -3.020  -7.312  1.00 23.25 ? 95  LYS A O   1 
ATOM   820  C  CB  . LYS A 1 96  ? 19.914  -3.257  -9.327  1.00 24.27 ? 95  LYS A CB  1 
ATOM   821  C  CG  . LYS A 1 96  ? 21.096  -2.314  -9.262  1.00 28.83 ? 95  LYS A CG  1 
ATOM   822  C  CD  . LYS A 1 96  ? 22.217  -2.889  -8.468  1.00 31.84 ? 95  LYS A CD  1 
ATOM   823  C  CE  . LYS A 1 96  ? 23.277  -1.816  -8.207  1.00 34.24 ? 95  LYS A CE  1 
ATOM   824  N  NZ  . LYS A 1 96  ? 24.609  -2.426  -8.519  1.00 37.88 ? 95  LYS A NZ  1 
ATOM   825  N  N   . GLN A 1 97  ? 17.343  -4.710  -8.809  1.00 23.05 ? 96  GLN A N   1 
ATOM   826  C  CA  . GLN A 1 97  ? 15.898  -4.711  -8.935  1.00 23.83 ? 96  GLN A CA  1 
ATOM   827  C  C   . GLN A 1 97  ? 15.213  -5.060  -7.610  1.00 23.49 ? 96  GLN A C   1 
ATOM   828  O  O   . GLN A 1 97  ? 14.153  -4.511  -7.279  1.00 22.72 ? 96  GLN A O   1 
ATOM   829  C  CB  . GLN A 1 97  ? 15.430  -5.627  -10.091 1.00 24.30 ? 96  GLN A CB  1 
ATOM   830  C  CG  . GLN A 1 97  ? 13.939  -5.544  -10.451 1.00 22.97 ? 96  GLN A CG  1 
ATOM   831  C  CD  . GLN A 1 97  ? 13.395  -4.132  -10.497 1.00 23.19 ? 96  GLN A CD  1 
ATOM   832  O  OE1 . GLN A 1 97  ? 14.068  -3.180  -10.924 1.00 19.35 ? 96  GLN A OE1 1 
ATOM   833  N  NE2 . GLN A 1 97  ? 12.125  -3.988  -10.081 1.00 26.02 ? 96  GLN A NE2 1 
ATOM   834  N  N   . LYS A 1 98  ? 15.833  -5.946  -6.848  1.00 23.16 ? 97  LYS A N   1 
ATOM   835  C  CA  . LYS A 1 98  ? 15.389  -6.243  -5.492  1.00 23.94 ? 97  LYS A CA  1 
ATOM   836  C  C   . LYS A 1 98  ? 15.260  -5.006  -4.661  1.00 23.81 ? 97  LYS A C   1 
ATOM   837  O  O   . LYS A 1 98  ? 14.315  -4.903  -3.880  1.00 23.57 ? 97  LYS A O   1 
ATOM   838  C  CB  . LYS A 1 98  ? 16.273  -7.293  -4.794  1.00 23.79 ? 97  LYS A CB  1 
ATOM   839  C  CG  . LYS A 1 98  ? 15.978  -8.676  -5.400  1.00 25.09 ? 97  LYS A CG  1 
ATOM   840  C  CD  . LYS A 1 98  ? 16.542  -9.858  -4.666  1.00 26.97 ? 97  LYS A CD  1 
ATOM   841  C  CE  . LYS A 1 98  ? 16.011  -11.070 -5.415  1.00 32.44 ? 97  LYS A CE  1 
ATOM   842  N  NZ  . LYS A 1 98  ? 16.087  -12.357 -4.661  1.00 35.13 ? 97  LYS A NZ  1 
ATOM   843  N  N   . GLU A 1 99  ? 16.193  -4.075  -4.837  1.00 23.15 ? 98  GLU A N   1 
ATOM   844  C  CA  . GLU A 1 99  ? 16.180  -2.833  -4.083  1.00 23.58 ? 98  GLU A CA  1 
ATOM   845  C  C   . GLU A 1 99  ? 14.962  -1.952  -4.442  1.00 22.94 ? 98  GLU A C   1 
ATOM   846  O  O   . GLU A 1 99  ? 14.382  -1.293  -3.582  1.00 21.39 ? 98  GLU A O   1 
ATOM   847  C  CB  . GLU A 1 99  ? 17.461  -2.031  -4.313  1.00 23.60 ? 98  GLU A CB  1 
ATOM   848  C  CG  . GLU A 1 99  ? 18.755  -2.631  -3.811  1.00 26.53 ? 98  GLU A CG  1 
ATOM   849  C  CD  . GLU A 1 99  ? 19.917  -1.678  -4.063  1.00 29.21 ? 98  GLU A CD  1 
ATOM   850  O  OE1 . GLU A 1 99  ? 20.095  -0.725  -3.295  1.00 32.32 ? 98  GLU A OE1 1 
ATOM   851  O  OE2 . GLU A 1 99  ? 20.644  -1.847  -5.052  1.00 31.94 ? 98  GLU A OE2 1 
ATOM   852  N  N   . ASN A 1 100 ? 14.608  -1.939  -5.724  1.00 23.67 ? 99  ASN A N   1 
ATOM   853  C  CA  . ASN A 1 100 ? 13.380  -1.306  -6.195  1.00 23.29 ? 99  ASN A CA  1 
ATOM   854  C  C   . ASN A 1 100 ? 12.147  -1.955  -5.611  1.00 23.77 ? 99  ASN A C   1 
ATOM   855  O  O   . ASN A 1 100 ? 11.197  -1.245  -5.229  1.00 23.58 ? 99  ASN A O   1 
ATOM   856  C  CB  . ASN A 1 100 ? 13.294  -1.291  -7.727  1.00 22.60 ? 99  ASN A CB  1 
ATOM   857  C  CG  . ASN A 1 100 ? 14.332  -0.405  -8.352  1.00 23.73 ? 99  ASN A CG  1 
ATOM   858  O  OD1 . ASN A 1 100 ? 14.780  0.568   -7.755  1.00 23.55 ? 99  ASN A OD1 1 
ATOM   859  N  ND2 . ASN A 1 100 ? 14.734  -0.737  -9.559  1.00 25.62 ? 99  ASN A ND2 1 
ATOM   860  N  N   . VAL A 1 101 ? 12.132  -3.283  -5.559  1.00 23.94 ? 100 VAL A N   1 
ATOM   861  C  CA  . VAL A 1 101 ? 10.985  -3.990  -4.992  1.00 24.80 ? 100 VAL A CA  1 
ATOM   862  C  C   . VAL A 1 101 ? 10.795  -3.639  -3.516  1.00 25.50 ? 100 VAL A C   1 
ATOM   863  O  O   . VAL A 1 101 ? 9.691   -3.357  -3.080  1.00 25.35 ? 100 VAL A O   1 
ATOM   864  C  CB  . VAL A 1 101 ? 11.037  -5.511  -5.197  1.00 24.66 ? 100 VAL A CB  1 
ATOM   865  C  CG1 . VAL A 1 101 ? 10.002  -6.231  -4.308  1.00 23.87 ? 100 VAL A CG1 1 
ATOM   866  C  CG2 . VAL A 1 101 ? 10.767  -5.841  -6.659  1.00 25.91 ? 100 VAL A CG2 1 
ATOM   867  N  N   . LEU A 1 102 ? 11.881  -3.659  -2.760  1.00 26.07 ? 101 LEU A N   1 
ATOM   868  C  CA  . LEU A 1 102 ? 11.815  -3.332  -1.353  1.00 25.13 ? 101 LEU A CA  1 
ATOM   869  C  C   . LEU A 1 102 ? 11.336  -1.903  -1.090  1.00 24.80 ? 101 LEU A C   1 
ATOM   870  O  O   . LEU A 1 102 ? 10.496  -1.694  -0.220  1.00 24.99 ? 101 LEU A O   1 
ATOM   871  C  CB  . LEU A 1 102 ? 13.166  -3.593  -0.685  1.00 26.09 ? 101 LEU A CB  1 
ATOM   872  C  CG  . LEU A 1 102 ? 13.236  -3.124  0.760   1.00 26.43 ? 101 LEU A CG  1 
ATOM   873  C  CD1 . LEU A 1 102 ? 12.402  -4.054  1.624   1.00 29.28 ? 101 LEU A CD1 1 
ATOM   874  C  CD2 . LEU A 1 102 ? 14.661  -3.026  1.220   1.00 29.37 ? 101 LEU A CD2 1 
ATOM   875  N  N   . ALA A 1 103 ? 11.864  -0.919  -1.811  1.00 23.79 ? 102 ALA A N   1 
ATOM   876  C  CA  . ALA A 1 103 ? 11.389  0.448   -1.640  1.00 23.27 ? 102 ALA A CA  1 
ATOM   877  C  C   . ALA A 1 103 ? 9.874   0.573   -1.953  1.00 23.76 ? 102 ALA A C   1 
ATOM   878  O  O   . ALA A 1 103 ? 9.149   1.215   -1.190  1.00 23.30 ? 102 ALA A O   1 
ATOM   879  C  CB  . ALA A 1 103 ? 12.210  1.425   -2.465  1.00 23.14 ? 102 ALA A CB  1 
ATOM   880  N  N   . ALA A 1 104 ? 9.400   -0.081  -3.016  1.00 22.79 ? 103 ALA A N   1 
ATOM   881  C  CA  . ALA A 1 104 ? 7.977   -0.001  -3.383  1.00 24.33 ? 103 ALA A CA  1 
ATOM   882  C  C   . ALA A 1 104 ? 7.117   -0.695  -2.344  1.00 25.21 ? 103 ALA A C   1 
ATOM   883  O  O   . ALA A 1 104 ? 5.995   -0.259  -2.064  1.00 25.16 ? 103 ALA A O   1 
ATOM   884  C  CB  . ALA A 1 104 ? 7.710   -0.605  -4.783  1.00 22.62 ? 103 ALA A CB  1 
ATOM   885  N  N   . SER A 1 105 ? 7.668   -1.778  -1.787  1.00 26.12 ? 104 SER A N   1 
ATOM   886  C  CA  . SER A 1 105 ? 7.051   -2.563  -0.736  1.00 26.87 ? 104 SER A CA  1 
ATOM   887  C  C   . SER A 1 105 ? 6.868   -1.698  0.522   1.00 27.15 ? 104 SER A C   1 
ATOM   888  O  O   . SER A 1 105 ? 5.779   -1.643  1.103   1.00 27.52 ? 104 SER A O   1 
ATOM   889  C  CB  . SER A 1 105 ? 7.960   -3.752  -0.453  1.00 27.05 ? 104 SER A CB  1 
ATOM   890  O  OG  . SER A 1 105 ? 7.219   -4.796  0.105   1.00 31.10 ? 104 SER A OG  1 
ATOM   891  N  N   . LYS A 1 106 ? 7.931   -1.011  0.932   1.00 26.95 ? 105 LYS A N   1 
ATOM   892  C  CA  . LYS A 1 106 ? 7.846   -0.032  2.008   1.00 26.88 ? 105 LYS A CA  1 
ATOM   893  C  C   . LYS A 1 106 ? 6.871   1.125   1.729   1.00 26.17 ? 105 LYS A C   1 
ATOM   894  O  O   . LYS A 1 106 ? 6.109   1.527   2.602   1.00 24.61 ? 105 LYS A O   1 
ATOM   895  C  CB  . LYS A 1 106 ? 9.226   0.513   2.301   1.00 26.92 ? 105 LYS A CB  1 
ATOM   896  C  CG  . LYS A 1 106 ? 10.176  -0.485  2.922   1.00 27.82 ? 105 LYS A CG  1 
ATOM   897  C  CD  . LYS A 1 106 ? 11.423  0.264   3.354   1.00 30.58 ? 105 LYS A CD  1 
ATOM   898  C  CE  . LYS A 1 106 ? 12.427  -0.649  3.971   1.00 33.07 ? 105 LYS A CE  1 
ATOM   899  N  NZ  . LYS A 1 106 ? 13.227  0.133   4.970   1.00 34.97 ? 105 LYS A NZ  1 
ATOM   900  N  N   . GLU A 1 107 ? 6.904   1.661   0.510   1.00 26.39 ? 106 GLU A N   1 
ATOM   901  C  CA  . GLU A 1 107 ? 5.893   2.652   0.090   1.00 26.66 ? 106 GLU A CA  1 
ATOM   902  C  C   . GLU A 1 107 ? 4.447   2.187   0.246   1.00 26.40 ? 106 GLU A C   1 
ATOM   903  O  O   . GLU A 1 107 ? 3.615   2.951   0.712   1.00 26.18 ? 106 GLU A O   1 
ATOM   904  C  CB  . GLU A 1 107 ? 6.156   3.160   -1.330  1.00 27.76 ? 106 GLU A CB  1 
ATOM   905  C  CG  . GLU A 1 107 ? 7.176   4.240   -1.364  1.00 26.97 ? 106 GLU A CG  1 
ATOM   906  C  CD  . GLU A 1 107 ? 6.710   5.457   -0.602  1.00 31.93 ? 106 GLU A CD  1 
ATOM   907  O  OE1 . GLU A 1 107 ? 7.231   5.717   0.508   1.00 30.61 ? 106 GLU A OE1 1 
ATOM   908  O  OE2 . GLU A 1 107 ? 5.789   6.135   -1.103  1.00 35.17 ? 106 GLU A OE2 1 
ATOM   909  N  N   . LEU A 1 108 ? 4.155   0.941   -0.113  1.00 25.30 ? 107 LEU A N   1 
ATOM   910  C  CA  . LEU A 1 108 ? 2.855   0.347   0.191   1.00 25.35 ? 107 LEU A CA  1 
ATOM   911  C  C   . LEU A 1 108 ? 2.519   0.276   1.684   1.00 25.16 ? 107 LEU A C   1 
ATOM   912  O  O   . LEU A 1 108 ? 1.405   0.627   2.061   1.00 26.15 ? 107 LEU A O   1 
ATOM   913  C  CB  . LEU A 1 108 ? 2.713   -1.057  -0.416  1.00 24.34 ? 107 LEU A CB  1 
ATOM   914  C  CG  . LEU A 1 108 ? 1.422   -1.833  -0.172  1.00 25.13 ? 107 LEU A CG  1 
ATOM   915  C  CD1 . LEU A 1 108 ? 0.161   -1.033  -0.553  1.00 25.17 ? 107 LEU A CD1 1 
ATOM   916  C  CD2 . LEU A 1 108 ? 1.435   -3.131  -0.955  1.00 24.64 ? 107 LEU A CD2 1 
ATOM   917  N  N   . GLU A 1 109 ? 3.457   -0.196  2.508   1.00 24.43 ? 108 GLU A N   1 
ATOM   918  C  CA  A GLU A 1 109 ? 3.251   -0.285  3.952   0.60 23.99 ? 108 GLU A CA  1 
ATOM   919  C  CA  B GLU A 1 109 ? 3.266   -0.272  3.962   0.40 23.97 ? 108 GLU A CA  1 
ATOM   920  C  C   . GLU A 1 109 ? 2.919   1.112   4.487   1.00 23.74 ? 108 GLU A C   1 
ATOM   921  O  O   . GLU A 1 109 ? 2.007   1.263   5.301   1.00 23.88 ? 108 GLU A O   1 
ATOM   922  C  CB  A GLU A 1 109 ? 4.502   -0.856  4.645   0.60 24.11 ? 108 GLU A CB  1 
ATOM   923  C  CB  B GLU A 1 109 ? 4.528   -0.810  4.669   0.40 24.04 ? 108 GLU A CB  1 
ATOM   924  C  CG  A GLU A 1 109 ? 4.900   -2.253  4.183   0.60 23.96 ? 108 GLU A CG  1 
ATOM   925  C  CG  B GLU A 1 109 ? 4.512   -0.685  6.214   0.40 23.80 ? 108 GLU A CG  1 
ATOM   926  C  CD  A GLU A 1 109 ? 6.246   -2.741  4.753   0.60 25.90 ? 108 GLU A CD  1 
ATOM   927  C  CD  B GLU A 1 109 ? 5.406   0.434   6.760   0.40 24.71 ? 108 GLU A CD  1 
ATOM   928  O  OE1 A GLU A 1 109 ? 6.791   -2.139  5.700   0.60 26.58 ? 108 GLU A OE1 1 
ATOM   929  O  OE1 B GLU A 1 109 ? 6.649   0.251   6.777   0.40 23.20 ? 108 GLU A OE1 1 
ATOM   930  O  OE2 A GLU A 1 109 ? 6.759   -3.746  4.248   0.60 25.80 ? 108 GLU A OE2 1 
ATOM   931  O  OE2 B GLU A 1 109 ? 4.869   1.479   7.202   0.40 23.35 ? 108 GLU A OE2 1 
ATOM   932  N  N   . ARG A 1 110 ? 3.667   2.117   4.030   1.00 22.56 ? 109 ARG A N   1 
ATOM   933  C  CA  . ARG A 1 110 ? 3.475   3.494   4.457   1.00 22.59 ? 109 ARG A CA  1 
ATOM   934  C  C   . ARG A 1 110 ? 2.083   4.043   4.057   1.00 23.06 ? 109 ARG A C   1 
ATOM   935  O  O   . ARG A 1 110 ? 1.425   4.708   4.850   1.00 22.77 ? 109 ARG A O   1 
ATOM   936  C  CB  . ARG A 1 110 ? 4.567   4.374   3.879   1.00 22.28 ? 109 ARG A CB  1 
ATOM   937  C  CG  . ARG A 1 110 ? 5.956   4.094   4.449   1.00 21.84 ? 109 ARG A CG  1 
ATOM   938  C  CD  . ARG A 1 110 ? 6.949   5.029   3.840   1.00 22.45 ? 109 ARG A CD  1 
ATOM   939  N  NE  . ARG A 1 110 ? 8.304   4.657   4.197   1.00 21.84 ? 109 ARG A NE  1 
ATOM   940  C  CZ  . ARG A 1 110 ? 9.221   4.237   3.329   1.00 24.84 ? 109 ARG A CZ  1 
ATOM   941  N  NH1 . ARG A 1 110 ? 8.948   4.167   2.032   1.00 26.35 ? 109 ARG A NH1 1 
ATOM   942  N  NH2 . ARG A 1 110 ? 10.433  3.899   3.760   1.00 23.46 ? 109 ARG A NH2 1 
ATOM   943  N  N   . ALA A 1 111 ? 1.630   3.716   2.854   1.00 23.49 ? 110 ALA A N   1 
ATOM   944  C  CA  . ALA A 1 111 ? 0.314   4.150   2.386   1.00 24.74 ? 110 ALA A CA  1 
ATOM   945  C  C   . ALA A 1 111 ? -0.812  3.551   3.197   1.00 25.98 ? 110 ALA A C   1 
ATOM   946  O  O   . ALA A 1 111 ? -1.812  4.233   3.450   1.00 26.05 ? 110 ALA A O   1 
ATOM   947  C  CB  . ALA A 1 111 ? 0.120   3.849   0.887   1.00 24.11 ? 110 ALA A CB  1 
ATOM   948  N  N   . GLU A 1 112 ? -0.670  2.281   3.594   1.00 26.96 ? 111 GLU A N   1 
ATOM   949  C  CA  . GLU A 1 112 ? -1.673  1.621   4.431   1.00 28.08 ? 111 GLU A CA  1 
ATOM   950  C  C   . GLU A 1 112 ? -1.731  2.164   5.869   1.00 28.00 ? 111 GLU A C   1 
ATOM   951  O  O   . GLU A 1 112 ? -2.836  2.280   6.430   1.00 28.01 ? 111 GLU A O   1 
ATOM   952  C  CB  . GLU A 1 112 ? -1.456  0.104   4.443   1.00 29.06 ? 111 GLU A CB  1 
ATOM   953  C  CG  . GLU A 1 112 ? -1.237  -0.415  3.045   1.00 32.32 ? 111 GLU A CG  1 
ATOM   954  C  CD  . GLU A 1 112 ? -1.565  -1.860  2.913   1.00 37.91 ? 111 GLU A CD  1 
ATOM   955  O  OE1 . GLU A 1 112 ? -2.637  -2.150  2.324   1.00 39.64 ? 111 GLU A OE1 1 
ATOM   956  O  OE2 . GLU A 1 112 ? -0.762  -2.705  3.392   1.00 40.51 ? 111 GLU A OE2 1 
ATOM   957  N  N   . VAL A 1 113 ? -0.561  2.477   6.453   1.00 27.25 ? 112 VAL A N   1 
ATOM   958  C  CA  . VAL A 1 113 ? -0.480  3.220   7.717   1.00 26.15 ? 112 VAL A CA  1 
ATOM   959  C  C   . VAL A 1 113 ? -1.238  4.550   7.546   1.00 26.24 ? 112 VAL A C   1 
ATOM   960  O  O   . VAL A 1 113 ? -2.037  4.934   8.402   1.00 24.28 ? 112 VAL A O   1 
ATOM   961  C  CB  . VAL A 1 113 ? 0.988   3.490   8.188   1.00 26.53 ? 112 VAL A CB  1 
ATOM   962  C  CG1 . VAL A 1 113 ? 1.006   4.400   9.454   1.00 25.25 ? 112 VAL A CG1 1 
ATOM   963  C  CG2 . VAL A 1 113 ? 1.745   2.159   8.482   1.00 26.22 ? 112 VAL A CG2 1 
ATOM   964  N  N   . GLU A 1 114 ? -1.005  5.242   6.429   1.00 26.49 ? 113 GLU A N   1 
ATOM   965  C  CA  . GLU A 1 114 ? -1.674  6.532   6.192   1.00 27.45 ? 113 GLU A CA  1 
ATOM   966  C  C   . GLU A 1 114 ? -3.199  6.416   6.069   1.00 27.08 ? 113 GLU A C   1 
ATOM   967  O  O   . GLU A 1 114 ? -3.919  7.238   6.648   1.00 27.77 ? 113 GLU A O   1 
ATOM   968  C  CB  . GLU A 1 114 ? -1.067  7.293   5.007   1.00 27.88 ? 113 GLU A CB  1 
ATOM   969  C  CG  . GLU A 1 114 ? 0.341   7.759   5.301   1.00 30.33 ? 113 GLU A CG  1 
ATOM   970  C  CD  . GLU A 1 114 ? 0.415   8.393   6.685   1.00 35.45 ? 113 GLU A CD  1 
ATOM   971  O  OE1 . GLU A 1 114 ? -0.242  9.442   6.892   1.00 35.90 ? 113 GLU A OE1 1 
ATOM   972  O  OE2 . GLU A 1 114 ? 1.092   7.820   7.578   1.00 38.90 ? 113 GLU A OE2 1 
ATOM   973  N  N   . LEU A 1 115 ? -3.672  5.387   5.360   1.00 26.33 ? 114 LEU A N   1 
ATOM   974  C  CA  . LEU A 1 115 ? -5.099  5.073   5.270   1.00 26.26 ? 114 LEU A CA  1 
ATOM   975  C  C   . LEU A 1 115 ? -5.761  4.824   6.632   1.00 25.86 ? 114 LEU A C   1 
ATOM   976  O  O   . LEU A 1 115 ? -6.876  5.298   6.868   1.00 25.26 ? 114 LEU A O   1 
ATOM   977  C  CB  . LEU A 1 115 ? -5.360  3.891   4.324   1.00 26.00 ? 114 LEU A CB  1 
ATOM   978  C  CG  . LEU A 1 115 ? -6.810  3.378   4.115   1.00 25.09 ? 114 LEU A CG  1 
ATOM   979  C  CD1 . LEU A 1 115 ? -7.780  4.467   3.733   1.00 20.04 ? 114 LEU A CD1 1 
ATOM   980  C  CD2 . LEU A 1 115 ? -6.884  2.218   3.062   1.00 23.94 ? 114 LEU A CD2 1 
ATOM   981  N  N   . THR A 1 116 ? -5.087  4.069   7.508   1.00 25.75 ? 115 THR A N   1 
ATOM   982  C  CA  . THR A 1 116 ? -5.594  3.808   8.858   1.00 24.64 ? 115 THR A CA  1 
ATOM   983  C  C   . THR A 1 116 ? -5.696  5.086   9.670   1.00 24.48 ? 115 THR A C   1 
ATOM   984  O  O   . THR A 1 116 ? -6.675  5.268   10.392  1.00 23.75 ? 115 THR A O   1 
ATOM   985  C  CB  . THR A 1 116 ? -4.740  2.792   9.629   1.00 25.27 ? 115 THR A CB  1 
ATOM   986  O  OG1 . THR A 1 116 ? -4.496  1.669   8.785   1.00 25.22 ? 115 THR A OG1 1 
ATOM   987  C  CG2 . THR A 1 116 ? -5.456  2.326   10.929  1.00 24.71 ? 115 THR A CG2 1 
ATOM   988  N  N   . LYS A 1 117 ? -4.677  5.950   9.561   1.00 24.00 ? 116 LYS A N   1 
ATOM   989  C  CA  . LYS A 1 117 ? -4.704  7.277   10.183  1.00 23.80 ? 116 LYS A CA  1 
ATOM   990  C  C   . LYS A 1 117 ? -5.881  8.118   9.690   1.00 23.11 ? 116 LYS A C   1 
ATOM   991  O  O   . LYS A 1 117 ? -6.577  8.733   10.489  1.00 23.18 ? 116 LYS A O   1 
ATOM   992  C  CB  . LYS A 1 117 ? -3.379  8.019   9.976   1.00 23.93 ? 116 LYS A CB  1 
ATOM   993  C  CG  . LYS A 1 117 ? -2.408  7.857   11.141  1.00 27.12 ? 116 LYS A CG  1 
ATOM   994  C  CD  . LYS A 1 117 ? -1.002  8.359   10.823  1.00 29.56 ? 116 LYS A CD  1 
ATOM   995  C  CE  . LYS A 1 117 ? -0.918  9.900   10.862  1.00 34.06 ? 116 LYS A CE  1 
ATOM   996  N  NZ  . LYS A 1 117 ? 0.407   10.419  10.381  1.00 35.28 ? 116 LYS A NZ  1 
ATOM   997  N  N   . ARG A 1 118 ? -6.131  8.123   8.381   1.00 22.66 ? 117 ARG A N   1 
ATOM   998  C  CA  . ARG A 1 118 ? -7.260  8.888   7.835   1.00 21.58 ? 117 ARG A CA  1 
ATOM   999  C  C   . ARG A 1 118 ? -8.587  8.415   8.379   1.00 22.28 ? 117 ARG A C   1 
ATOM   1000 O  O   . ARG A 1 118 ? -9.481  9.224   8.640   1.00 22.03 ? 117 ARG A O   1 
ATOM   1001 C  CB  . ARG A 1 118 ? -7.270  8.901   6.295   1.00 21.11 ? 117 ARG A CB  1 
ATOM   1002 C  CG  . ARG A 1 118 ? -6.045  9.513   5.679   1.00 21.33 ? 117 ARG A CG  1 
ATOM   1003 C  CD  . ARG A 1 118 ? -5.810  10.996  6.048   1.00 21.36 ? 117 ARG A CD  1 
ATOM   1004 N  NE  . ARG A 1 118 ? -5.039  11.194  7.291   1.00 22.22 ? 117 ARG A NE  1 
ATOM   1005 C  CZ  . ARG A 1 118 ? -3.728  10.941  7.453   1.00 22.35 ? 117 ARG A CZ  1 
ATOM   1006 N  NH1 . ARG A 1 118 ? -2.979  10.470  6.455   1.00 21.97 ? 117 ARG A NH1 1 
ATOM   1007 N  NH2 . ARG A 1 118 ? -3.150  11.159  8.630   1.00 20.06 ? 117 ARG A NH2 1 
ATOM   1008 N  N   . ARG A 1 119 ? -8.710  7.108   8.540   1.00 22.20 ? 118 ARG A N   1 
ATOM   1009 C  CA  . ARG A 1 119 ? -9.947  6.491   8.955   1.00 23.35 ? 118 ARG A CA  1 
ATOM   1010 C  C   . ARG A 1 119 ? -10.222 6.725   10.447  1.00 23.75 ? 118 ARG A C   1 
ATOM   1011 O  O   . ARG A 1 119 ? -11.362 6.942   10.842  1.00 23.81 ? 118 ARG A O   1 
ATOM   1012 C  CB  . ARG A 1 119 ? -9.927  4.999   8.590   1.00 23.36 ? 118 ARG A CB  1 
ATOM   1013 C  CG  . ARG A 1 119 ? -9.961  4.792   7.074   1.00 25.52 ? 118 ARG A CG  1 
ATOM   1014 C  CD  . ARG A 1 119 ? -10.829 3.631   6.647   1.00 29.11 ? 118 ARG A CD  1 
ATOM   1015 N  NE  . ARG A 1 119 ? -10.031 2.473   6.276   1.00 30.24 ? 118 ARG A NE  1 
ATOM   1016 C  CZ  . ARG A 1 119 ? -10.122 1.796   5.127   1.00 31.71 ? 118 ARG A CZ  1 
ATOM   1017 N  NH1 . ARG A 1 119 ? -10.995 2.145   4.191   1.00 30.47 ? 118 ARG A NH1 1 
ATOM   1018 N  NH2 . ARG A 1 119 ? -9.325  0.750   4.914   1.00 32.20 ? 118 ARG A NH2 1 
ATOM   1019 N  N   . LYS A 1 120 ? -9.156  6.647   11.258  1.00 24.05 ? 119 LYS A N   1 
ATOM   1020 C  CA  . LYS A 1 120 ? -9.160  7.008   12.680  1.00 24.01 ? 119 LYS A CA  1 
ATOM   1021 C  C   . LYS A 1 120 ? -9.633  8.457   12.867  1.00 24.03 ? 119 LYS A C   1 
ATOM   1022 O  O   . LYS A 1 120 ? -10.572 8.721   13.623  1.00 23.83 ? 119 LYS A O   1 
ATOM   1023 C  CB  . LYS A 1 120 ? -7.748  6.814   13.224  1.00 23.93 ? 119 LYS A CB  1 
ATOM   1024 C  CG  . LYS A 1 120 ? -7.563  6.965   14.708  1.00 24.63 ? 119 LYS A CG  1 
ATOM   1025 C  CD  . LYS A 1 120 ? -6.086  6.770   14.996  1.00 25.80 ? 119 LYS A CD  1 
ATOM   1026 C  CE  . LYS A 1 120 ? -5.582  7.793   16.014  1.00 28.10 ? 119 LYS A CE  1 
ATOM   1027 N  NZ  . LYS A 1 120 ? -5.941  7.448   17.439  1.00 26.25 ? 119 LYS A NZ  1 
ATOM   1028 N  N   . GLU A 1 121 ? -9.010  9.381   12.140  1.00 23.75 ? 120 GLU A N   1 
ATOM   1029 C  CA  . GLU A 1 121 ? -9.375  10.800  12.224  1.00 24.24 ? 120 GLU A CA  1 
ATOM   1030 C  C   . GLU A 1 121 ? -10.818 11.053  11.786  1.00 24.74 ? 120 GLU A C   1 
ATOM   1031 O  O   . GLU A 1 121 ? -11.547 11.762  12.460  1.00 24.66 ? 120 GLU A O   1 
ATOM   1032 C  CB  . GLU A 1 121 ? -8.446  11.676  11.383  1.00 24.31 ? 120 GLU A CB  1 
ATOM   1033 C  CG  . GLU A 1 121 ? -7.006  11.735  11.862  1.00 23.81 ? 120 GLU A CG  1 
ATOM   1034 C  CD  . GLU A 1 121 ? -5.995  11.865  10.727  1.00 25.23 ? 120 GLU A CD  1 
ATOM   1035 O  OE1 . GLU A 1 121 ? -6.377  12.126  9.547   1.00 24.67 ? 120 GLU A OE1 1 
ATOM   1036 O  OE2 . GLU A 1 121 ? -4.793  11.697  11.034  1.00 24.47 ? 120 GLU A OE2 1 
ATOM   1037 N  N   . GLU A 1 122 ? -11.216 10.477  10.659  1.00 25.00 ? 121 GLU A N   1 
ATOM   1038 C  CA  . GLU A 1 122 ? -12.573 10.644  10.167  1.00 25.81 ? 121 GLU A CA  1 
ATOM   1039 C  C   . GLU A 1 122 ? -13.561 10.121  11.216  1.00 25.91 ? 121 GLU A C   1 
ATOM   1040 O  O   . GLU A 1 122 ? -14.604 10.746  11.488  1.00 25.08 ? 121 GLU A O   1 
ATOM   1041 C  CB  . GLU A 1 122 ? -12.749 9.915   8.821   1.00 26.16 ? 121 GLU A CB  1 
ATOM   1042 C  CG  . GLU A 1 122 ? -14.138 10.113  8.147   1.00 28.50 ? 121 GLU A CG  1 
ATOM   1043 C  CD  . GLU A 1 122 ? -15.265 9.251   8.735   1.00 32.71 ? 121 GLU A CD  1 
ATOM   1044 O  OE1 . GLU A 1 122 ? -15.018 8.112   9.217   1.00 34.39 ? 121 GLU A OE1 1 
ATOM   1045 O  OE2 . GLU A 1 122 ? -16.429 9.732   8.711   1.00 37.48 ? 121 GLU A OE2 1 
ATOM   1046 N  N   . GLU A 1 123 ? -13.238 8.974   11.808  1.00 25.56 ? 122 GLU A N   1 
ATOM   1047 C  CA  . GLU A 1 123 ? -14.113 8.413   12.809  1.00 25.52 ? 122 GLU A CA  1 
ATOM   1048 C  C   . GLU A 1 123 ? -14.195 9.258   14.088  1.00 24.80 ? 122 GLU A C   1 
ATOM   1049 O  O   . GLU A 1 123 ? -15.259 9.356   14.689  1.00 25.17 ? 122 GLU A O   1 
ATOM   1050 C  CB  . GLU A 1 123 ? -13.714 6.980   13.138  1.00 26.05 ? 122 GLU A CB  1 
ATOM   1051 C  CG  . GLU A 1 123 ? -14.638 6.349   14.149  1.00 29.19 ? 122 GLU A CG  1 
ATOM   1052 C  CD  . GLU A 1 123 ? -15.994 5.959   13.550  1.00 32.12 ? 122 GLU A CD  1 
ATOM   1053 O  OE1 . GLU A 1 123 ? -16.661 5.119   14.171  1.00 33.69 ? 122 GLU A OE1 1 
ATOM   1054 O  OE2 . GLU A 1 123 ? -16.387 6.463   12.461  1.00 34.31 ? 122 GLU A OE2 1 
ATOM   1055 N  N   . LYS A 1 124 ? -13.085 9.844   14.521  1.00 24.32 ? 123 LYS A N   1 
ATOM   1056 C  CA  . LYS A 1 124 ? -13.136 10.805  15.623  1.00 23.54 ? 123 LYS A CA  1 
ATOM   1057 C  C   . LYS A 1 124 ? -14.147 11.939  15.330  1.00 23.18 ? 123 LYS A C   1 
ATOM   1058 O  O   . LYS A 1 124 ? -14.976 12.248  16.174  1.00 22.14 ? 123 LYS A O   1 
ATOM   1059 C  CB  . LYS A 1 124 ? -11.748 11.370  15.933  1.00 24.29 ? 123 LYS A CB  1 
ATOM   1060 C  CG  . LYS A 1 124 ? -11.661 12.257  17.208  1.00 24.26 ? 123 LYS A CG  1 
ATOM   1061 C  CD  . LYS A 1 124 ? -10.193 12.565  17.570  1.00 26.09 ? 123 LYS A CD  1 
ATOM   1062 C  CE  . LYS A 1 124 ? -9.536  11.411  18.348  1.00 26.69 ? 123 LYS A CE  1 
ATOM   1063 N  NZ  . LYS A 1 124 ? -8.147  11.092  17.891  1.00 28.07 ? 123 LYS A NZ  1 
ATOM   1064 N  N   . THR A 1 125 ? -14.080 12.533  14.134  1.00 23.07 ? 124 THR A N   1 
ATOM   1065 C  CA  . THR A 1 125 ? -15.035 13.577  13.731  1.00 23.60 ? 124 THR A CA  1 
ATOM   1066 C  C   . THR A 1 125 ? -16.475 13.071  13.603  1.00 23.70 ? 124 THR A C   1 
ATOM   1067 O  O   . THR A 1 125 ? -17.388 13.770  14.041  1.00 23.00 ? 124 THR A O   1 
ATOM   1068 C  CB  . THR A 1 125 ? -14.596 14.336  12.447  1.00 23.60 ? 124 THR A CB  1 
ATOM   1069 O  OG1 . THR A 1 125 ? -13.287 14.863  12.668  1.00 24.45 ? 124 THR A OG1 1 
ATOM   1070 C  CG2 . THR A 1 125 ? -15.598 15.516  12.090  1.00 22.45 ? 124 THR A CG2 1 
ATOM   1071 N  N   . ARG A 1 126 ? -16.664 11.874  13.034  1.00 23.37 ? 125 ARG A N   1 
ATOM   1072 C  CA  . ARG A 1 126 ? -17.988 11.277  12.932  1.00 24.98 ? 125 ARG A CA  1 
ATOM   1073 C  C   . ARG A 1 126 ? -18.597 11.115  14.350  1.00 24.97 ? 125 ARG A C   1 
ATOM   1074 O  O   . ARG A 1 126 ? -19.758 11.454  14.589  1.00 25.02 ? 125 ARG A O   1 
ATOM   1075 C  CB  . ARG A 1 126 ? -17.929 9.939   12.169  1.00 25.06 ? 125 ARG A CB  1 
ATOM   1076 C  CG  . ARG A 1 126 ? -19.294 9.407   11.695  1.00 27.81 ? 125 ARG A CG  1 
ATOM   1077 C  CD  . ARG A 1 126 ? -19.367 7.876   11.717  1.00 31.57 ? 125 ARG A CD  1 
ATOM   1078 N  NE  . ARG A 1 126 ? -19.016 7.340   13.042  1.00 33.95 ? 125 ARG A NE  1 
ATOM   1079 C  CZ  . ARG A 1 126 ? -19.843 7.270   14.086  1.00 33.94 ? 125 ARG A CZ  1 
ATOM   1080 N  NH1 . ARG A 1 126 ? -21.105 7.686   13.982  1.00 34.78 ? 125 ARG A NH1 1 
ATOM   1081 N  NH2 . ARG A 1 126 ? -19.404 6.792   15.244  1.00 32.56 ? 125 ARG A NH2 1 
ATOM   1082 N  N   . LEU A 1 127 ? -17.791 10.634  15.295  1.00 25.30 ? 126 LEU A N   1 
ATOM   1083 C  CA  . LEU A 1 127 ? -18.252 10.455  16.658  1.00 25.49 ? 126 LEU A CA  1 
ATOM   1084 C  C   . LEU A 1 127 ? -18.664 11.793  17.276  1.00 25.69 ? 126 LEU A C   1 
ATOM   1085 O  O   . LEU A 1 127 ? -19.661 11.865  18.019  1.00 25.39 ? 126 LEU A O   1 
ATOM   1086 C  CB  . LEU A 1 127 ? -17.196 9.766   17.522  1.00 25.35 ? 126 LEU A CB  1 
ATOM   1087 C  CG  . LEU A 1 127 ? -17.784 9.191   18.827  1.00 27.32 ? 126 LEU A CG  1 
ATOM   1088 C  CD1 . LEU A 1 127 ? -18.724 7.995   18.568  1.00 27.20 ? 126 LEU A CD1 1 
ATOM   1089 C  CD2 . LEU A 1 127 ? -16.696 8.808   19.818  1.00 26.15 ? 126 LEU A CD2 1 
ATOM   1090 N  N   . HIS A 1 128 ? -17.902 12.847  16.982  1.00 25.62 ? 127 HIS A N   1 
ATOM   1091 C  CA  . HIS A 1 128 ? -18.244 14.168  17.538  1.00 26.18 ? 127 HIS A CA  1 
ATOM   1092 C  C   . HIS A 1 128 ? -19.519 14.757  16.931  1.00 25.90 ? 127 HIS A C   1 
ATOM   1093 O  O   . HIS A 1 128 ? -20.213 15.518  17.603  1.00 26.76 ? 127 HIS A O   1 
ATOM   1094 C  CB  . HIS A 1 128 ? -17.098 15.180  17.442  1.00 25.98 ? 127 HIS A CB  1 
ATOM   1095 C  CG  . HIS A 1 128 ? -15.882 14.802  18.220  1.00 27.13 ? 127 HIS A CG  1 
ATOM   1096 N  ND1 . HIS A 1 128 ? -15.901 13.857  19.221  1.00 28.02 ? 127 HIS A ND1 1 
ATOM   1097 C  CD2 . HIS A 1 128 ? -14.603 15.247  18.145  1.00 28.20 ? 127 HIS A CD2 1 
ATOM   1098 C  CE1 . HIS A 1 128 ? -14.687 13.727  19.725  1.00 28.97 ? 127 HIS A CE1 1 
ATOM   1099 N  NE2 . HIS A 1 128 ? -13.881 14.559  19.090  1.00 29.57 ? 127 HIS A NE2 1 
ATOM   1100 N  N   . LYS A 1 129 ? -19.796 14.439  15.661  1.00 25.61 ? 128 LYS A N   1 
ATOM   1101 C  CA  . LYS A 1 129 ? -21.066 14.795  15.003  1.00 25.86 ? 128 LYS A CA  1 
ATOM   1102 C  C   . LYS A 1 129 ? -22.243 14.087  15.660  1.00 26.42 ? 128 LYS A C   1 
ATOM   1103 O  O   . LYS A 1 129 ? -23.322 14.667  15.866  1.00 25.84 ? 128 LYS A O   1 
ATOM   1104 C  CB  . LYS A 1 129 ? -21.026 14.438  13.517  1.00 25.20 ? 128 LYS A CB  1 
ATOM   1105 C  CG  . LYS A 1 129 ? -22.382 14.305  12.921  1.00 24.05 ? 128 LYS A CG  1 
ATOM   1106 C  CD  . LYS A 1 129 ? -22.382 14.783  11.523  1.00 22.65 ? 128 LYS A CD  1 
ATOM   1107 C  CE  . LYS A 1 129 ? -23.776 14.752  10.996  1.00 22.65 ? 128 LYS A CE  1 
ATOM   1108 N  NZ  . LYS A 1 129 ? -23.665 14.573  9.541   1.00 20.70 ? 128 LYS A NZ  1 
ATOM   1109 N  N   . GLU A 1 130 ? -22.027 12.812  15.964  1.00 26.33 ? 129 GLU A N   1 
ATOM   1110 C  CA  . GLU A 1 130 ? -23.001 12.034  16.659  1.00 27.03 ? 129 GLU A CA  1 
ATOM   1111 C  C   . GLU A 1 130 ? -23.301 12.650  18.022  1.00 26.89 ? 129 GLU A C   1 
ATOM   1112 O  O   . GLU A 1 130 ? -24.464 12.805  18.393  1.00 25.58 ? 129 GLU A O   1 
ATOM   1113 C  CB  . GLU A 1 130 ? -22.487 10.615  16.832  1.00 26.94 ? 129 GLU A CB  1 
ATOM   1114 C  CG  . GLU A 1 130 ? -23.563 9.626   17.058  1.00 29.83 ? 129 GLU A CG  1 
ATOM   1115 C  CD  . GLU A 1 130 ? -23.016 8.218   17.007  1.00 34.98 ? 129 GLU A CD  1 
ATOM   1116 O  OE1 . GLU A 1 130 ? -23.356 7.501   16.037  1.00 37.23 ? 129 GLU A OE1 1 
ATOM   1117 O  OE2 . GLU A 1 130 ? -22.226 7.847   17.916  1.00 34.81 ? 129 GLU A OE2 1 
ATOM   1118 N  N   . GLU A 1 131 ? -22.253 13.011  18.758  1.00 27.19 ? 130 GLU A N   1 
ATOM   1119 C  CA  . GLU A 1 131 ? -22.437 13.560  20.103  1.00 27.82 ? 130 GLU A CA  1 
ATOM   1120 C  C   . GLU A 1 131 ? -22.964 14.993  20.086  1.00 27.71 ? 130 GLU A C   1 
ATOM   1121 O  O   . GLU A 1 131 ? -23.690 15.376  20.994  1.00 28.45 ? 130 GLU A O   1 
ATOM   1122 C  CB  . GLU A 1 131 ? -21.162 13.472  20.926  1.00 28.09 ? 130 GLU A CB  1 
ATOM   1123 C  CG  . GLU A 1 131 ? -20.715 12.053  21.168  1.00 29.52 ? 130 GLU A CG  1 
ATOM   1124 C  CD  . GLU A 1 131 ? -19.288 11.985  21.619  1.00 34.16 ? 130 GLU A CD  1 
ATOM   1125 O  OE1 . GLU A 1 131 ? -18.570 12.999  21.432  1.00 35.27 ? 130 GLU A OE1 1 
ATOM   1126 O  OE2 . GLU A 1 131 ? -18.881 10.919  22.158  1.00 35.59 ? 130 GLU A OE2 1 
ATOM   1127 N  N   . TRP A 1 132 ? -22.615 15.773  19.062  1.00 27.56 ? 131 TRP A N   1 
ATOM   1128 C  CA  . TRP A 1 132 ? -23.204 17.113  18.890  1.00 26.82 ? 131 TRP A CA  1 
ATOM   1129 C  C   . TRP A 1 132 ? -24.709 16.981  18.647  1.00 26.59 ? 131 TRP A C   1 
ATOM   1130 O  O   . TRP A 1 132 ? -25.511 17.657  19.280  1.00 26.26 ? 131 TRP A O   1 
ATOM   1131 C  CB  . TRP A 1 132 ? -22.565 17.873  17.727  1.00 26.80 ? 131 TRP A CB  1 
ATOM   1132 C  CG  . TRP A 1 132 ? -23.416 19.048  17.294  1.00 26.79 ? 131 TRP A CG  1 
ATOM   1133 C  CD1 . TRP A 1 132 ? -23.374 20.322  17.794  1.00 24.58 ? 131 TRP A CD1 1 
ATOM   1134 C  CD2 . TRP A 1 132 ? -24.465 19.033  16.299  1.00 26.20 ? 131 TRP A CD2 1 
ATOM   1135 N  NE1 . TRP A 1 132 ? -24.332 21.093  17.188  1.00 25.17 ? 131 TRP A NE1 1 
ATOM   1136 C  CE2 . TRP A 1 132 ? -25.017 20.334  16.266  1.00 27.32 ? 131 TRP A CE2 1 
ATOM   1137 C  CE3 . TRP A 1 132 ? -24.989 18.038  15.437  1.00 27.60 ? 131 TRP A CE3 1 
ATOM   1138 C  CZ2 . TRP A 1 132 ? -26.056 20.689  15.384  1.00 28.26 ? 131 TRP A CZ2 1 
ATOM   1139 C  CZ3 . TRP A 1 132 ? -26.050 18.366  14.574  1.00 28.34 ? 131 TRP A CZ3 1 
ATOM   1140 C  CH2 . TRP A 1 132 ? -26.558 19.698  14.545  1.00 30.07 ? 131 TRP A CH2 1 
HETATM 1141 N  N   . MSE A 1 133 ? -25.068 16.082  17.734  1.00 26.06 ? 132 MSE A N   1 
HETATM 1142 C  CA  . MSE A 1 133 ? -26.445 15.905  17.299  1.00 26.46 ? 132 MSE A CA  1 
HETATM 1143 C  C   . MSE A 1 133 ? -27.339 15.418  18.457  1.00 25.38 ? 132 MSE A C   1 
HETATM 1144 O  O   . MSE A 1 133 ? -28.466 15.880  18.599  1.00 24.41 ? 132 MSE A O   1 
HETATM 1145 C  CB  . MSE A 1 133 ? -26.448 14.993  16.068  1.00 26.96 ? 132 MSE A CB  1 
HETATM 1146 C  CG  . MSE A 1 133 ? -27.753 14.417  15.612  1.00 32.28 ? 132 MSE A CG  1 
HETATM 1147 SE SE  . MSE A 1 133 ? -27.339 12.980  14.327  0.60 47.35 ? 132 MSE A SE  1 
HETATM 1148 C  CE  . MSE A 1 133 ? -26.863 11.473  15.550  1.00 41.47 ? 132 MSE A CE  1 
ATOM   1149 N  N   . LYS A 1 134 ? -26.810 14.533  19.303  1.00 24.33 ? 133 LYS A N   1 
ATOM   1150 C  CA  . LYS A 1 134 ? -27.492 14.120  20.536  1.00 24.51 ? 133 LYS A CA  1 
ATOM   1151 C  C   . LYS A 1 134 ? -27.776 15.310  21.466  1.00 24.28 ? 133 LYS A C   1 
ATOM   1152 O  O   . LYS A 1 134 ? -28.903 15.464  21.954  1.00 23.56 ? 133 LYS A O   1 
ATOM   1153 C  CB  . LYS A 1 134 ? -26.660 13.066  21.273  1.00 24.53 ? 133 LYS A CB  1 
ATOM   1154 C  CG  . LYS A 1 134 ? -27.254 12.445  22.556  1.00 24.81 ? 133 LYS A CG  1 
ATOM   1155 C  CD  . LYS A 1 134 ? -26.298 11.331  23.048  1.00 27.16 ? 133 LYS A CD  1 
ATOM   1156 C  CE  . LYS A 1 134 ? -26.813 10.574  24.273  1.00 28.28 ? 133 LYS A CE  1 
ATOM   1157 N  NZ  . LYS A 1 134 ? -25.770 9.632   24.819  1.00 28.44 ? 133 LYS A NZ  1 
ATOM   1158 N  N   . GLU A 1 135 ? -26.744 16.120  21.715  1.00 24.30 ? 134 GLU A N   1 
ATOM   1159 C  CA  . GLU A 1 135 ? -26.869 17.350  22.496  1.00 24.71 ? 134 GLU A CA  1 
ATOM   1160 C  C   . GLU A 1 135 ? -27.812 18.351  21.841  1.00 24.90 ? 134 GLU A C   1 
ATOM   1161 O  O   . GLU A 1 135 ? -28.581 19.017  22.538  1.00 25.46 ? 134 GLU A O   1 
ATOM   1162 C  CB  . GLU A 1 135 ? -25.512 18.024  22.747  1.00 24.50 ? 134 GLU A CB  1 
ATOM   1163 C  CG  . GLU A 1 135 ? -25.096 18.134  24.207  1.00 26.24 ? 134 GLU A CG  1 
ATOM   1164 C  CD  . GLU A 1 135 ? -26.278 18.373  25.145  1.00 28.85 ? 134 GLU A CD  1 
ATOM   1165 O  OE1 . GLU A 1 135 ? -26.969 17.390  25.469  1.00 32.51 ? 134 GLU A OE1 1 
ATOM   1166 O  OE2 . GLU A 1 135 ? -26.535 19.533  25.554  1.00 28.00 ? 134 GLU A OE2 1 
ATOM   1167 N  N   . ALA A 1 136 ? -27.763 18.466  20.513  1.00 24.71 ? 135 ALA A N   1 
ATOM   1168 C  CA  . ALA A 1 136 ? -28.678 19.403  19.813  1.00 24.34 ? 135 ALA A CA  1 
ATOM   1169 C  C   . ALA A 1 136 ? -30.110 19.002  20.103  1.00 24.28 ? 135 ALA A C   1 
ATOM   1170 O  O   . ALA A 1 136 ? -30.947 19.817  20.527  1.00 23.17 ? 135 ALA A O   1 
ATOM   1171 C  CB  . ALA A 1 136 ? -28.408 19.420  18.325  1.00 23.83 ? 135 ALA A CB  1 
ATOM   1172 N  N   . LEU A 1 137 ? -30.367 17.713  19.931  1.00 24.41 ? 136 LEU A N   1 
ATOM   1173 C  CA  . LEU A 1 137 ? -31.678 17.145  20.178  1.00 25.44 ? 136 LEU A CA  1 
ATOM   1174 C  C   . LEU A 1 137 ? -32.162 17.369  21.631  1.00 25.14 ? 136 LEU A C   1 
ATOM   1175 O  O   . LEU A 1 137 ? -33.303 17.786  21.843  1.00 25.50 ? 136 LEU A O   1 
ATOM   1176 C  CB  . LEU A 1 137 ? -31.697 15.654  19.774  1.00 25.45 ? 136 LEU A CB  1 
ATOM   1177 C  CG  . LEU A 1 137 ? -31.948 15.328  18.281  1.00 26.72 ? 136 LEU A CG  1 
ATOM   1178 C  CD1 . LEU A 1 137 ? -33.452 15.420  17.930  1.00 25.52 ? 136 LEU A CD1 1 
ATOM   1179 C  CD2 . LEU A 1 137 ? -31.087 16.176  17.276  1.00 26.40 ? 136 LEU A CD2 1 
ATOM   1180 N  N   . LYS A 1 138 ? -31.300 17.122  22.616  1.00 24.40 ? 137 LYS A N   1 
ATOM   1181 C  CA  . LYS A 1 138 ? -31.640 17.377  24.025  1.00 24.10 ? 137 LYS A CA  1 
ATOM   1182 C  C   . LYS A 1 138 ? -31.897 18.851  24.342  1.00 24.10 ? 137 LYS A C   1 
ATOM   1183 O  O   . LYS A 1 138 ? -32.800 19.177  25.106  1.00 24.58 ? 137 LYS A O   1 
ATOM   1184 C  CB  . LYS A 1 138 ? -30.558 16.827  24.940  1.00 23.59 ? 137 LYS A CB  1 
ATOM   1185 C  CG  . LYS A 1 138 ? -30.615 15.317  25.062  1.00 24.38 ? 137 LYS A CG  1 
ATOM   1186 C  CD  . LYS A 1 138 ? -29.456 14.741  25.869  1.00 23.67 ? 137 LYS A CD  1 
ATOM   1187 C  CE  . LYS A 1 138 ? -29.663 14.954  27.365  1.00 23.78 ? 137 LYS A CE  1 
ATOM   1188 N  NZ  . LYS A 1 138 ? -28.880 13.944  28.157  1.00 25.26 ? 137 LYS A NZ  1 
ATOM   1189 N  N   . GLU A 1 139 ? -31.099 19.726  23.745  1.00 23.54 ? 138 GLU A N   1 
ATOM   1190 C  CA  . GLU A 1 139 ? -31.230 21.162  23.904  1.00 23.80 ? 138 GLU A CA  1 
ATOM   1191 C  C   . GLU A 1 139 ? -32.572 21.639  23.341  1.00 23.97 ? 138 GLU A C   1 
ATOM   1192 O  O   . GLU A 1 139 ? -33.297 22.367  24.035  1.00 22.45 ? 138 GLU A O   1 
ATOM   1193 C  CB  . GLU A 1 139 ? -30.053 21.857  23.220  1.00 24.15 ? 138 GLU A CB  1 
ATOM   1194 C  CG  . GLU A 1 139 ? -30.043 23.399  23.296  1.00 28.61 ? 138 GLU A CG  1 
ATOM   1195 C  CD  . GLU A 1 139 ? -30.015 23.924  24.730  1.00 34.40 ? 138 GLU A CD  1 
ATOM   1196 O  OE1 . GLU A 1 139 ? -30.672 24.959  24.977  1.00 36.06 ? 138 GLU A OE1 1 
ATOM   1197 O  OE2 . GLU A 1 139 ? -29.357 23.304  25.612  1.00 35.30 ? 138 GLU A OE2 1 
ATOM   1198 N  N   . GLU A 1 140 ? -32.909 21.222  22.109  1.00 23.21 ? 139 GLU A N   1 
ATOM   1199 C  CA  . GLU A 1 140 ? -34.206 21.580  21.518  1.00 23.41 ? 139 GLU A CA  1 
ATOM   1200 C  C   . GLU A 1 140 ? -35.378 21.071  22.383  1.00 22.73 ? 139 GLU A C   1 
ATOM   1201 O  O   . GLU A 1 140 ? -36.352 21.799  22.593  1.00 22.19 ? 139 GLU A O   1 
ATOM   1202 C  CB  . GLU A 1 140 ? -34.371 21.082  20.070  1.00 23.78 ? 139 GLU A CB  1 
ATOM   1203 C  CG  . GLU A 1 140 ? -35.825 21.306  19.498  1.00 25.19 ? 139 GLU A CG  1 
ATOM   1204 C  CD  . GLU A 1 140 ? -36.201 22.809  19.452  1.00 28.63 ? 139 GLU A CD  1 
ATOM   1205 O  OE1 . GLU A 1 140 ? -35.256 23.644  19.499  1.00 29.09 ? 139 GLU A OE1 1 
ATOM   1206 O  OE2 . GLU A 1 140 ? -37.405 23.174  19.365  1.00 25.83 ? 139 GLU A OE2 1 
ATOM   1207 N  N   . ALA A 1 141 ? -35.257 19.857  22.908  1.00 20.97 ? 140 ALA A N   1 
ATOM   1208 C  CA  . ALA A 1 141 ? -36.271 19.313  23.823  1.00 21.01 ? 140 ALA A CA  1 
ATOM   1209 C  C   . ALA A 1 141 ? -36.436 20.133  25.141  1.00 21.14 ? 140 ALA A C   1 
ATOM   1210 O  O   . ALA A 1 141 ? -37.567 20.413  25.560  1.00 20.42 ? 140 ALA A O   1 
ATOM   1211 C  CB  . ALA A 1 141 ? -35.955 17.878  24.134  1.00 20.34 ? 140 ALA A CB  1 
ATOM   1212 N  N   . ARG A 1 142 ? -35.318 20.512  25.780  1.00 20.83 ? 141 ARG A N   1 
ATOM   1213 C  CA  . ARG A 1 142 ? -35.375 21.383  26.963  1.00 21.34 ? 141 ARG A CA  1 
ATOM   1214 C  C   . ARG A 1 142 ? -36.032 22.714  26.622  1.00 20.83 ? 141 ARG A C   1 
ATOM   1215 O  O   . ARG A 1 142 ? -36.788 23.255  27.433  1.00 20.71 ? 141 ARG A O   1 
ATOM   1216 C  CB  . ARG A 1 142 ? -33.984 21.687  27.536  1.00 21.35 ? 141 ARG A CB  1 
ATOM   1217 C  CG  . ARG A 1 142 ? -33.296 20.544  28.154  1.00 23.88 ? 141 ARG A CG  1 
ATOM   1218 C  CD  . ARG A 1 142 ? -31.942 20.952  28.677  1.00 26.74 ? 141 ARG A CD  1 
ATOM   1219 N  NE  . ARG A 1 142 ? -30.994 19.897  28.353  1.00 30.62 ? 141 ARG A NE  1 
ATOM   1220 C  CZ  . ARG A 1 142 ? -29.966 20.039  27.531  1.00 32.08 ? 141 ARG A CZ  1 
ATOM   1221 N  NH1 . ARG A 1 142 ? -29.728 21.214  26.979  1.00 33.70 ? 141 ARG A NH1 1 
ATOM   1222 N  NH2 . ARG A 1 142 ? -29.165 19.007  27.277  1.00 33.87 ? 141 ARG A NH2 1 
ATOM   1223 N  N   . GLN A 1 143 ? -35.703 23.270  25.459  1.00 19.96 ? 142 GLN A N   1 
ATOM   1224 C  CA  . GLN A 1 143 ? -36.315 24.547  25.054  1.00 20.54 ? 142 GLN A CA  1 
ATOM   1225 C  C   . GLN A 1 143 ? -37.810 24.372  24.875  1.00 19.15 ? 142 GLN A C   1 
ATOM   1226 O  O   . GLN A 1 143 ? -38.601 25.212  25.309  1.00 18.52 ? 142 GLN A O   1 
ATOM   1227 C  CB  . GLN A 1 143 ? -35.703 25.095  23.753  1.00 21.30 ? 142 GLN A CB  1 
ATOM   1228 C  CG  . GLN A 1 143 ? -34.219 25.494  23.868  1.00 26.10 ? 142 GLN A CG  1 
ATOM   1229 C  CD  . GLN A 1 143 ? -33.930 26.506  25.007  1.00 31.41 ? 142 GLN A CD  1 
ATOM   1230 O  OE1 . GLN A 1 143 ? -34.437 27.636  25.030  1.00 31.80 ? 142 GLN A OE1 1 
ATOM   1231 N  NE2 . GLN A 1 143 ? -33.096 26.085  25.947  1.00 32.16 ? 142 GLN A NE2 1 
ATOM   1232 N  N   . GLU A 1 144 ? -38.197 23.265  24.239  1.00 18.66 ? 143 GLU A N   1 
ATOM   1233 C  CA  . GLU A 1 144 ? -39.619 22.982  24.052  1.00 18.44 ? 143 GLU A CA  1 
ATOM   1234 C  C   . GLU A 1 144 ? -40.365 22.829  25.378  1.00 18.02 ? 143 GLU A C   1 
ATOM   1235 O  O   . GLU A 1 144 ? -41.466 23.377  25.537  1.00 16.81 ? 143 GLU A O   1 
ATOM   1236 C  CB  . GLU A 1 144 ? -39.824 21.793  23.110  1.00 18.14 ? 143 GLU A CB  1 
ATOM   1237 C  CG  . GLU A 1 144 ? -39.583 22.220  21.636  1.00 18.90 ? 143 GLU A CG  1 
ATOM   1238 C  CD  . GLU A 1 144 ? -39.498 21.041  20.686  1.00 19.24 ? 143 GLU A CD  1 
ATOM   1239 O  OE1 . GLU A 1 144 ? -39.866 19.925  21.123  1.00 17.88 ? 143 GLU A OE1 1 
ATOM   1240 O  OE2 . GLU A 1 144 ? -39.089 21.228  19.501  1.00 14.56 ? 143 GLU A OE2 1 
ATOM   1241 N  N   . GLU A 1 145 ? -39.768 22.067  26.308  1.00 17.84 ? 144 GLU A N   1 
ATOM   1242 C  CA  . GLU A 1 145 ? -40.295 21.893  27.658  1.00 18.31 ? 144 GLU A CA  1 
ATOM   1243 C  C   . GLU A 1 145 ? -40.449 23.225  28.402  1.00 16.94 ? 144 GLU A C   1 
ATOM   1244 O  O   . GLU A 1 145 ? -41.472 23.472  29.034  1.00 15.99 ? 144 GLU A O   1 
ATOM   1245 C  CB  . GLU A 1 145 ? -39.424 20.910  28.487  1.00 17.78 ? 144 GLU A CB  1 
ATOM   1246 C  CG  . GLU A 1 145 ? -39.980 20.770  29.949  1.00 23.85 ? 144 GLU A CG  1 
ATOM   1247 C  CD  . GLU A 1 145 ? -39.317 19.699  30.852  1.00 28.57 ? 144 GLU A CD  1 
ATOM   1248 O  OE1 . GLU A 1 145 ? -39.163 18.517  30.441  1.00 30.25 ? 144 GLU A OE1 1 
ATOM   1249 O  OE2 . GLU A 1 145 ? -39.004 20.052  32.021  1.00 30.76 ? 144 GLU A OE2 1 
ATOM   1250 N  N   . LYS A 1 146 ? -39.413 24.071  28.355  1.00 16.65 ? 145 LYS A N   1 
ATOM   1251 C  CA  . LYS A 1 146 ? -39.487 25.408  29.012  1.00 16.78 ? 145 LYS A CA  1 
ATOM   1252 C  C   . LYS A 1 146 ? -40.627 26.249  28.418  1.00 16.11 ? 145 LYS A C   1 
ATOM   1253 O  O   . LYS A 1 146 ? -41.396 26.941  29.133  1.00 14.67 ? 145 LYS A O   1 
ATOM   1254 C  CB  . LYS A 1 146 ? -38.143 26.144  28.834  1.00 17.84 ? 145 LYS A CB  1 
ATOM   1255 C  CG  . LYS A 1 146 ? -38.206 27.648  29.004  1.00 18.67 ? 145 LYS A CG  1 
ATOM   1256 C  CD  . LYS A 1 146 ? -36.808 28.287  29.007  1.00 22.85 ? 145 LYS A CD  1 
ATOM   1257 C  CE  . LYS A 1 146 ? -36.355 28.683  27.617  1.00 27.26 ? 145 LYS A CE  1 
ATOM   1258 N  NZ  . LYS A 1 146 ? -37.492 29.261  26.825  1.00 33.11 ? 145 LYS A NZ  1 
ATOM   1259 N  N   . GLU A 1 147 ? -40.773 26.175  27.098  1.00 15.98 ? 146 GLU A N   1 
ATOM   1260 C  CA  . GLU A 1 147 ? -41.819 27.019  26.460  1.00 16.62 ? 146 GLU A CA  1 
ATOM   1261 C  C   . GLU A 1 147 ? -43.210 26.468  26.727  1.00 15.15 ? 146 GLU A C   1 
ATOM   1262 O  O   . GLU A 1 147 ? -44.159 27.222  26.903  1.00 14.30 ? 146 GLU A O   1 
ATOM   1263 C  CB  . GLU A 1 147 ? -41.561 27.209  24.965  1.00 15.40 ? 146 GLU A CB  1 
ATOM   1264 C  CG  . GLU A 1 147 ? -40.406 28.150  24.689  1.00 21.17 ? 146 GLU A CG  1 
ATOM   1265 C  CD  . GLU A 1 147 ? -40.626 29.567  25.232  1.00 23.87 ? 146 GLU A CD  1 
ATOM   1266 O  OE1 . GLU A 1 147 ? -41.784 30.015  25.328  1.00 25.40 ? 146 GLU A OE1 1 
ATOM   1267 O  OE2 . GLU A 1 147 ? -39.628 30.247  25.527  1.00 28.71 ? 146 GLU A OE2 1 
ATOM   1268 N  N   . GLN A 1 148 ? -43.340 25.151  26.758  1.00 15.13 ? 147 GLN A N   1 
ATOM   1269 C  CA  . GLN A 1 148 ? -44.616 24.542  27.197  1.00 15.64 ? 147 GLN A CA  1 
ATOM   1270 C  C   . GLN A 1 148 ? -45.014 25.015  28.620  1.00 15.89 ? 147 GLN A C   1 
ATOM   1271 O  O   . GLN A 1 148 ? -46.188 25.315  28.888  1.00 15.81 ? 147 GLN A O   1 
ATOM   1272 C  CB  . GLN A 1 148 ? -44.558 22.995  27.098  1.00 15.46 ? 147 GLN A CB  1 
ATOM   1273 C  CG  . GLN A 1 148 ? -44.618 22.382  25.691  1.00 15.89 ? 147 GLN A CG  1 
ATOM   1274 C  CD  . GLN A 1 148 ? -44.147 20.925  25.665  1.00 23.03 ? 147 GLN A CD  1 
ATOM   1275 O  OE1 . GLN A 1 148 ? -43.099 20.605  26.230  1.00 26.84 ? 147 GLN A OE1 1 
ATOM   1276 N  NE2 . GLN A 1 148 ? -44.941 20.024  25.059  1.00 23.45 ? 147 GLN A NE2 1 
ATOM   1277 N  N   . ASP A 1 149 ? -44.043 25.112  29.532  1.00 17.09 ? 148 ASP A N   1 
ATOM   1278 C  CA  . ASP A 1 149 ? -44.316 25.638  30.909  1.00 18.06 ? 148 ASP A CA  1 
ATOM   1279 C  C   . ASP A 1 149 ? -44.791 27.055  30.799  1.00 17.34 ? 148 ASP A C   1 
ATOM   1280 O  O   . ASP A 1 149 ? -45.762 27.438  31.396  1.00 18.48 ? 148 ASP A O   1 
ATOM   1281 C  CB  . ASP A 1 149 ? -43.059 25.633  31.792  1.00 17.52 ? 148 ASP A CB  1 
ATOM   1282 C  CG  . ASP A 1 149 ? -42.766 24.266  32.383  1.00 22.14 ? 148 ASP A CG  1 
ATOM   1283 O  OD1 . ASP A 1 149 ? -41.566 23.969  32.696  1.00 23.45 ? 148 ASP A OD1 1 
ATOM   1284 O  OD2 . ASP A 1 149 ? -43.727 23.478  32.525  1.00 22.45 ? 148 ASP A OD2 1 
ATOM   1285 N  N   . GLU A 1 150 ? -44.070 27.849  30.033  1.00 18.37 ? 149 GLU A N   1 
ATOM   1286 C  CA  . GLU A 1 150 ? -44.404 29.267  29.954  1.00 19.10 ? 149 GLU A CA  1 
ATOM   1287 C  C   . GLU A 1 150 ? -45.749 29.509  29.284  1.00 17.80 ? 149 GLU A C   1 
ATOM   1288 O  O   . GLU A 1 150 ? -46.522 30.289  29.781  1.00 16.57 ? 149 GLU A O   1 
ATOM   1289 C  CB  . GLU A 1 150 ? -43.300 30.050  29.245  1.00 19.77 ? 149 GLU A CB  1 
ATOM   1290 C  CG  . GLU A 1 150 ? -41.974 30.031  30.039  1.00 22.61 ? 149 GLU A CG  1 
ATOM   1291 C  CD  . GLU A 1 150 ? -40.931 30.985  29.456  1.00 29.43 ? 149 GLU A CD  1 
ATOM   1292 O  OE1 . GLU A 1 150 ? -41.371 31.930  28.750  1.00 30.94 ? 149 GLU A OE1 1 
ATOM   1293 O  OE2 . GLU A 1 150 ? -39.700 30.775  29.679  1.00 32.79 ? 149 GLU A OE2 1 
HETATM 1294 N  N   . MSE A 1 151 ? -46.027 28.841  28.164  1.00 17.55 ? 150 MSE A N   1 
HETATM 1295 C  CA  . MSE A 1 151 ? -47.304 29.048  27.473  1.00 17.38 ? 150 MSE A CA  1 
HETATM 1296 C  C   . MSE A 1 151 ? -48.452 28.568  28.390  1.00 16.89 ? 150 MSE A C   1 
HETATM 1297 O  O   . MSE A 1 151 ? -49.530 29.164  28.433  1.00 16.07 ? 150 MSE A O   1 
HETATM 1298 C  CB  . MSE A 1 151 ? -47.338 28.242  26.167  1.00 18.38 ? 150 MSE A CB  1 
HETATM 1299 C  CG  . MSE A 1 151 ? -46.489 28.779  25.025  1.00 19.59 ? 150 MSE A CG  1 
HETATM 1300 SE SE  . MSE A 1 151 ? -46.725 30.680  24.765  0.60 21.21 ? 150 MSE A SE  1 
HETATM 1301 C  CE  . MSE A 1 151 ? -45.327 31.349  25.890  1.00 20.42 ? 150 MSE A CE  1 
ATOM   1302 N  N   . GLY A 1 152 ? -48.206 27.450  29.081  1.00 17.19 ? 151 GLY A N   1 
ATOM   1303 C  CA  . GLY A 1 152 ? -49.177 26.838  30.004  1.00 18.09 ? 151 GLY A CA  1 
ATOM   1304 C  C   . GLY A 1 152 ? -49.569 27.818  31.088  1.00 18.77 ? 151 GLY A C   1 
ATOM   1305 O  O   . GLY A 1 152 ? -50.756 27.995  31.398  1.00 18.13 ? 151 GLY A O   1 
ATOM   1306 N  N   . GLN A 1 153 ? -48.569 28.497  31.637  1.00 19.59 ? 152 GLN A N   1 
ATOM   1307 C  CA  . GLN A 1 153 ? -48.829 29.579  32.592  1.00 20.12 ? 152 GLN A CA  1 
ATOM   1308 C  C   . GLN A 1 153 ? -49.582 30.742  31.981  1.00 19.37 ? 152 GLN A C   1 
ATOM   1309 O  O   . GLN A 1 153 ? -50.486 31.289  32.626  1.00 18.63 ? 152 GLN A O   1 
ATOM   1310 C  CB  . GLN A 1 153 ? -47.538 30.122  33.221  1.00 21.01 ? 152 GLN A CB  1 
ATOM   1311 C  CG  . GLN A 1 153 ? -47.020 29.315  34.397  1.00 24.68 ? 152 GLN A CG  1 
ATOM   1312 C  CD  . GLN A 1 153 ? -48.121 28.823  35.334  1.00 29.00 ? 152 GLN A CD  1 
ATOM   1313 O  OE1 . GLN A 1 153 ? -48.768 29.607  36.034  1.00 30.28 ? 152 GLN A OE1 1 
ATOM   1314 N  NE2 . GLN A 1 153 ? -48.337 27.505  35.351  1.00 30.90 ? 152 GLN A NE2 1 
ATOM   1315 N  N   . LEU A 1 154 ? -49.197 31.169  30.776  1.00 18.29 ? 153 LEU A N   1 
ATOM   1316 C  CA  . LEU A 1 154 ? -49.886 32.332  30.200  1.00 17.92 ? 153 LEU A CA  1 
ATOM   1317 C  C   . LEU A 1 154 ? -51.340 31.965  30.075  1.00 16.78 ? 153 LEU A C   1 
ATOM   1318 O  O   . LEU A 1 154 ? -52.206 32.751  30.435  1.00 14.58 ? 153 LEU A O   1 
ATOM   1319 C  CB  . LEU A 1 154 ? -49.355 32.710  28.821  1.00 17.33 ? 153 LEU A CB  1 
ATOM   1320 C  CG  . LEU A 1 154 ? -48.153 33.657  28.699  1.00 19.16 ? 153 LEU A CG  1 
ATOM   1321 C  CD1 . LEU A 1 154 ? -47.728 33.798  27.256  1.00 15.36 ? 153 LEU A CD1 1 
ATOM   1322 C  CD2 . LEU A 1 154 ? -48.530 35.049  29.274  1.00 18.23 ? 153 LEU A CD2 1 
ATOM   1323 N  N   . LEU A 1 155 ? -51.624 30.775  29.521  1.00 17.23 ? 154 LEU A N   1 
ATOM   1324 C  CA  . LEU A 1 155 ? -53.023 30.364  29.369  1.00 18.15 ? 154 LEU A CA  1 
ATOM   1325 C  C   . LEU A 1 155 ? -53.788 30.379  30.688  1.00 18.98 ? 154 LEU A C   1 
ATOM   1326 O  O   . LEU A 1 155 ? -54.950 30.833  30.756  1.00 17.31 ? 154 LEU A O   1 
ATOM   1327 C  CB  . LEU A 1 155 ? -53.133 28.970  28.751  1.00 18.84 ? 154 LEU A CB  1 
ATOM   1328 C  CG  . LEU A 1 155 ? -52.999 28.982  27.250  1.00 17.69 ? 154 LEU A CG  1 
ATOM   1329 C  CD1 . LEU A 1 155 ? -52.914 27.520  26.824  1.00 19.68 ? 154 LEU A CD1 1 
ATOM   1330 C  CD2 . LEU A 1 155 ? -54.147 29.717  26.568  1.00 17.24 ? 154 LEU A CD2 1 
ATOM   1331 N  N   . HIS A 1 156 ? -53.145 29.867  31.736  1.00 20.20 ? 155 HIS A N   1 
ATOM   1332 C  CA  . HIS A 1 156 ? -53.816 29.763  33.029  1.00 21.77 ? 155 HIS A CA  1 
ATOM   1333 C  C   . HIS A 1 156 ? -53.961 31.127  33.710  1.00 22.76 ? 155 HIS A C   1 
ATOM   1334 O  O   . HIS A 1 156 ? -54.968 31.382  34.359  1.00 23.53 ? 155 HIS A O   1 
ATOM   1335 C  CB  . HIS A 1 156 ? -53.115 28.762  33.938  1.00 20.75 ? 155 HIS A CB  1 
ATOM   1336 C  CG  . HIS A 1 156 ? -53.881 28.457  35.190  1.00 22.08 ? 155 HIS A CG  1 
ATOM   1337 N  ND1 . HIS A 1 156 ? -55.104 27.824  35.176  1.00 20.03 ? 155 HIS A ND1 1 
ATOM   1338 C  CD2 . HIS A 1 156 ? -53.610 28.725  36.492  1.00 21.00 ? 155 HIS A CD2 1 
ATOM   1339 C  CE1 . HIS A 1 156 ? -55.554 27.706  36.413  1.00 21.84 ? 155 HIS A CE1 1 
ATOM   1340 N  NE2 . HIS A 1 156 ? -54.667 28.249  37.229  1.00 24.36 ? 155 HIS A NE2 1 
ATOM   1341 N  N   . GLN A 1 157 ? -52.974 32.003  33.553  1.00 23.68 ? 156 GLN A N   1 
ATOM   1342 C  CA  . GLN A 1 157 ? -53.111 33.378  34.042  1.00 25.74 ? 156 GLN A CA  1 
ATOM   1343 C  C   . GLN A 1 157 ? -54.235 34.138  33.306  1.00 26.58 ? 156 GLN A C   1 
ATOM   1344 O  O   . GLN A 1 157 ? -54.846 35.042  33.878  1.00 25.86 ? 156 GLN A O   1 
ATOM   1345 C  CB  . GLN A 1 157 ? -51.788 34.131  33.949  1.00 25.83 ? 156 GLN A CB  1 
ATOM   1346 C  CG  . GLN A 1 157 ? -50.731 33.578  34.912  1.00 29.46 ? 156 GLN A CG  1 
ATOM   1347 C  CD  . GLN A 1 157 ? -49.295 33.577  34.338  1.00 34.36 ? 156 GLN A CD  1 
ATOM   1348 O  OE1 . GLN A 1 157 ? -49.039 34.106  33.232  1.00 36.70 ? 156 GLN A OE1 1 
ATOM   1349 N  NE2 . GLN A 1 157 ? -48.344 32.982  35.109  1.00 33.22 ? 156 GLN A NE2 1 
ATOM   1350 N  N   . LEU A 1 158 ? -54.516 33.748  32.061  1.00 27.71 ? 157 LEU A N   1 
ATOM   1351 C  CA  . LEU A 1 158 ? -55.646 34.322  31.302  1.00 30.47 ? 157 LEU A CA  1 
ATOM   1352 C  C   . LEU A 1 158 ? -57.007 33.898  31.819  1.00 32.26 ? 157 LEU A C   1 
ATOM   1353 O  O   . LEU A 1 158 ? -57.964 34.690  31.791  1.00 33.01 ? 157 LEU A O   1 
ATOM   1354 C  CB  . LEU A 1 158 ? -55.547 33.991  29.814  1.00 29.95 ? 157 LEU A CB  1 
ATOM   1355 C  CG  . LEU A 1 158 ? -54.535 34.863  29.083  1.00 29.92 ? 157 LEU A CG  1 
ATOM   1356 C  CD1 . LEU A 1 158 ? -54.064 34.149  27.846  1.00 31.28 ? 157 LEU A CD1 1 
ATOM   1357 C  CD2 . LEU A 1 158 ? -55.137 36.197  28.740  1.00 30.19 ? 157 LEU A CD2 1 
ATOM   1358 N  N   . HIS A 1 159 ? -57.084 32.650  32.280  1.00 34.16 ? 158 HIS A N   1 
ATOM   1359 C  CA  . HIS A 1 159 ? -58.308 32.077  32.858  1.00 36.55 ? 158 HIS A CA  1 
ATOM   1360 C  C   . HIS A 1 159 ? -58.557 32.556  34.305  1.00 37.70 ? 158 HIS A C   1 
ATOM   1361 O  O   . HIS A 1 159 ? -59.694 32.556  34.773  1.00 38.30 ? 158 HIS A O   1 
ATOM   1362 C  CB  . HIS A 1 159 ? -58.264 30.538  32.811  1.00 36.29 ? 158 HIS A CB  1 
ATOM   1363 C  CG  . HIS A 1 159 ? -58.611 29.950  31.474  1.00 37.77 ? 158 HIS A CG  1 
ATOM   1364 N  ND1 . HIS A 1 159 ? -57.658 29.460  30.602  1.00 38.28 ? 158 HIS A ND1 1 
ATOM   1365 C  CD2 . HIS A 1 159 ? -59.812 29.746  30.872  1.00 38.43 ? 158 HIS A CD2 1 
ATOM   1366 C  CE1 . HIS A 1 159 ? -58.256 28.992  29.516  1.00 38.31 ? 158 HIS A CE1 1 
ATOM   1367 N  NE2 . HIS A 1 159 ? -59.562 29.162  29.653  1.00 37.96 ? 158 HIS A NE2 1 
ATOM   1368 N  N   . LYS A 1 160 ? -57.494 32.933  35.016  1.00 39.12 ? 159 LYS A N   1 
ATOM   1369 C  CA  . LYS A 1 160 ? -57.630 33.557  36.328  1.00 40.82 ? 159 LYS A CA  1 
ATOM   1370 C  C   . LYS A 1 160 ? -58.204 34.952  36.144  1.00 42.04 ? 159 LYS A C   1 
ATOM   1371 O  O   . LYS A 1 160 ? -59.119 35.357  36.864  1.00 42.28 ? 159 LYS A O   1 
ATOM   1372 C  CB  . LYS A 1 160 ? -56.287 33.637  37.049  1.00 40.44 ? 159 LYS A CB  1 
ATOM   1373 C  CG  . LYS A 1 160 ? -55.787 32.307  37.590  1.00 41.45 ? 159 LYS A CG  1 
ATOM   1374 C  CD  . LYS A 1 160 ? -54.263 32.301  37.766  1.00 42.53 ? 159 LYS A CD  1 
ATOM   1375 C  CE  . LYS A 1 160 ? -53.796 33.273  38.842  1.00 43.23 ? 159 LYS A CE  1 
ATOM   1376 N  NZ  . LYS A 1 160 ? -54.301 32.896  40.191  1.00 43.11 ? 159 LYS A NZ  1 
ATOM   1377 N  N   . GLN A 1 161 ? -57.665 35.669  35.160  1.00 43.71 ? 160 GLN A N   1 
ATOM   1378 C  CA  . GLN A 1 161 ? -58.141 36.999  34.782  1.00 45.48 ? 160 GLN A CA  1 
ATOM   1379 C  C   . GLN A 1 161 ? -59.583 36.987  34.232  1.00 46.35 ? 160 GLN A C   1 
ATOM   1380 O  O   . GLN A 1 161 ? -60.074 38.015  33.745  1.00 46.91 ? 160 GLN A O   1 
ATOM   1381 C  CB  . GLN A 1 161 ? -57.182 37.614  33.765  1.00 45.39 ? 160 GLN A CB  1 
ATOM   1382 C  CG  . GLN A 1 161 ? -57.332 39.119  33.580  1.00 46.98 ? 160 GLN A CG  1 
ATOM   1383 C  CD  . GLN A 1 161 ? -56.197 39.732  32.751  1.00 48.98 ? 160 GLN A CD  1 
ATOM   1384 O  OE1 . GLN A 1 161 ? -55.347 39.017  32.190  1.00 48.84 ? 160 GLN A OE1 1 
ATOM   1385 N  NE2 . GLN A 1 161 ? -56.177 41.064  32.676  1.00 48.55 ? 160 GLN A NE2 1 
ATOM   1386 N  N   . LYS A 1 162 ? -60.257 35.833  34.325  1.00 47.03 ? 161 LYS A N   1 
ATOM   1387 C  CA  . LYS A 1 162 ? -61.680 35.702  33.969  1.00 47.44 ? 161 LYS A CA  1 
ATOM   1388 C  C   . LYS A 1 162 ? -62.619 36.525  34.870  1.00 47.81 ? 161 LYS A C   1 
ATOM   1389 O  O   . LYS A 1 162 ? -63.760 36.788  34.481  1.00 47.88 ? 161 LYS A O   1 
ATOM   1390 C  CB  . LYS A 1 162 ? -62.107 34.229  33.977  1.00 47.47 ? 161 LYS A CB  1 
ATOM   1391 C  CG  . LYS A 1 162 ? -61.805 33.457  32.689  1.00 47.08 ? 161 LYS A CG  1 
ATOM   1392 C  CD  . LYS A 1 162 ? -63.075 33.065  31.933  1.00 46.32 ? 161 LYS A CD  1 
ATOM   1393 C  CE  . LYS A 1 162 ? -63.581 34.181  31.034  1.00 46.09 ? 161 LYS A CE  1 
ATOM   1394 N  NZ  . LYS A 1 162 ? -62.705 34.335  29.842  1.00 45.65 ? 161 LYS A NZ  1 
ATOM   1395 N  N   . GLN A 1 163 ? -62.140 36.896  36.064  1.00 48.13 ? 162 GLN A N   1 
ATOM   1396 C  CA  . GLN A 1 163 ? -62.844 37.802  36.997  1.00 48.37 ? 162 GLN A CA  1 
ATOM   1397 C  C   . GLN A 1 163 ? -61.876 38.420  38.015  1.00 48.37 ? 162 GLN A C   1 
ATOM   1398 O  O   . GLN A 1 163 ? -61.538 39.604  37.937  1.00 48.47 ? 162 GLN A O   1 
ATOM   1399 C  CB  . GLN A 1 163 ? -63.993 37.084  37.726  1.00 48.47 ? 162 GLN A CB  1 
ATOM   1400 C  CG  . GLN A 1 163 ? -63.557 36.160  38.870  1.00 48.65 ? 162 GLN A CG  1 
ATOM   1401 C  CD  . GLN A 1 163 ? -62.502 35.138  38.457  1.00 49.46 ? 162 GLN A CD  1 
ATOM   1402 O  OE1 . GLN A 1 163 ? -62.787 34.174  37.740  1.00 50.03 ? 162 GLN A OE1 1 
ATOM   1403 N  NE2 . GLN A 1 163 ? -61.273 35.350  38.910  1.00 49.27 ? 162 GLN A NE2 1 
HETATM 1404 O  O   . HOH B 2 .   ? 20.015  -13.292 -20.432 1.00 19.12 ? 169 HOH A O   1 
HETATM 1405 O  O   . HOH B 2 .   ? 25.305  -5.951  -13.651 1.00 18.16 ? 170 HOH A O   1 
HETATM 1406 O  O   . HOH B 2 .   ? -20.561 25.021  9.265   1.00 22.15 ? 171 HOH A O   1 
HETATM 1407 O  O   . HOH B 2 .   ? -15.903 20.560  3.281   1.00 12.30 ? 172 HOH A O   1 
HETATM 1408 O  O   . HOH B 2 .   ? -5.269  4.120   -7.366  1.00 24.42 ? 173 HOH A O   1 
HETATM 1409 O  O   . HOH B 2 .   ? 38.663  -16.668 -20.340 0.50 20.68 ? 174 HOH A O   1 
HETATM 1410 O  O   . HOH B 2 .   ? -3.472  10.252  3.701   1.00 22.25 ? 175 HOH A O   1 
HETATM 1411 O  O   . HOH B 2 .   ? 41.763  -21.642 -20.234 1.00 16.03 ? 176 HOH A O   1 
HETATM 1412 O  O   . HOH B 2 .   ? 33.204  -23.928 -22.604 1.00 17.79 ? 177 HOH A O   1 
HETATM 1413 O  O   . HOH B 2 .   ? 32.297  -26.364 -22.245 1.00 19.71 ? 178 HOH A O   1 
HETATM 1414 O  O   . HOH B 2 .   ? 4.564   1.046   -3.916  1.00 17.75 ? 179 HOH A O   1 
HETATM 1415 O  O   . HOH B 2 .   ? 18.365  -4.197  -12.311 1.00 14.54 ? 180 HOH A O   1 
HETATM 1416 O  O   . HOH B 2 .   ? -8.262  13.659  8.245   1.00 26.66 ? 181 HOH A O   1 
HETATM 1417 O  O   . HOH B 2 .   ? 43.419  -24.461 -26.319 1.00 10.97 ? 182 HOH A O   1 
HETATM 1418 O  O   . HOH B 2 .   ? -5.405  14.248  1.784   1.00 26.29 ? 183 HOH A O   1 
HETATM 1419 O  O   . HOH B 2 .   ? 6.186   2.668   -4.822  1.00 18.20 ? 184 HOH A O   1 
HETATM 1420 O  O   . HOH B 2 .   ? 32.147  -11.955 -19.536 1.00 19.88 ? 185 HOH A O   1 
HETATM 1421 O  O   . HOH B 2 .   ? 3.725   5.641   0.431   1.00 27.98 ? 186 HOH A O   1 
HETATM 1422 O  O   . HOH B 2 .   ? 19.145  -9.676  -14.901 1.00 18.93 ? 187 HOH A O   1 
HETATM 1423 O  O   . HOH B 2 .   ? 5.704   5.268   -4.640  1.00 23.71 ? 188 HOH A O   1 
HETATM 1424 O  O   . HOH B 2 .   ? 14.486  -4.470  -15.164 1.00 24.86 ? 189 HOH A O   1 
HETATM 1425 O  O   . HOH B 2 .   ? 33.839  -20.485 -13.665 1.00 25.70 ? 190 HOH A O   1 
HETATM 1426 O  O   . HOH B 2 .   ? 35.368  -15.744 -14.415 1.00 21.50 ? 191 HOH A O   1 
HETATM 1427 O  O   . HOH B 2 .   ? 29.636  -16.173 -11.824 1.00 19.91 ? 192 HOH A O   1 
HETATM 1428 O  O   . HOH B 2 .   ? -9.465  18.336  8.314   1.00 27.80 ? 193 HOH A O   1 
HETATM 1429 O  O   . HOH B 2 .   ? 4.267   -3.945  1.272   1.00 28.49 ? 194 HOH A O   1 
HETATM 1430 O  O   . HOH B 2 .   ? -2.864  5.850   1.677   1.00 23.05 ? 195 HOH A O   1 
HETATM 1431 O  O   . HOH B 2 .   ? -9.602  11.464  7.170   1.00 17.76 ? 196 HOH A O   1 
HETATM 1432 O  O   . HOH B 2 .   ? 30.647  -38.620 -20.859 1.00 21.95 ? 197 HOH A O   1 
HETATM 1433 O  O   . HOH B 2 .   ? -10.910 7.155   15.743  1.00 28.67 ? 198 HOH A O   1 
HETATM 1434 O  O   . HOH B 2 .   ? -4.141  10.159  0.163   1.00 30.38 ? 199 HOH A O   1 
HETATM 1435 O  O   . HOH B 2 .   ? 19.505  -8.801  -18.317 1.00 26.55 ? 200 HOH A O   1 
HETATM 1436 O  O   . HOH B 2 .   ? -2.310  8.539   1.686   1.00 25.36 ? 201 HOH A O   1 
HETATM 1437 O  O   . HOH B 2 .   ? 15.477  -0.149  -1.502  1.00 18.05 ? 202 HOH A O   1 
HETATM 1438 O  O   . HOH B 2 .   ? 30.392  -9.097  -11.976 1.00 33.62 ? 203 HOH A O   1 
HETATM 1439 O  O   . HOH B 2 .   ? 47.682  -27.295 -23.338 1.00 27.88 ? 204 HOH A O   1 
HETATM 1440 O  O   . HOH B 2 .   ? -5.679  11.012  2.272   1.00 26.38 ? 205 HOH A O   1 
HETATM 1441 O  O   . HOH B 2 .   ? -3.931  3.098   -9.309  1.00 21.34 ? 206 HOH A O   1 
HETATM 1442 O  O   . HOH B 2 .   ? 40.233  -22.688 -13.155 1.00 39.13 ? 207 HOH A O   1 
HETATM 1443 O  O   . HOH B 2 .   ? 3.011   6.037   6.805   1.00 25.08 ? 208 HOH A O   1 
HETATM 1444 O  O   . HOH B 2 .   ? 24.739  -13.096 -21.621 1.00 36.40 ? 209 HOH A O   1 
HETATM 1445 O  O   . HOH B 2 .   ? -10.627 9.066   -8.788  1.00 19.02 ? 210 HOH A O   1 
HETATM 1446 O  O   . HOH B 2 .   ? 32.463  -12.768 -11.823 1.00 25.99 ? 211 HOH A O   1 
HETATM 1447 O  O   . HOH B 2 .   ? 37.714  -20.385 -25.408 1.00 28.63 ? 212 HOH A O   1 
HETATM 1448 O  O   . HOH B 2 .   ? 34.038  -14.716 -12.286 1.00 31.54 ? 213 HOH A O   1 
HETATM 1449 O  O   . HOH B 2 .   ? -23.707 14.415  23.349  1.00 23.60 ? 214 HOH A O   1 
HETATM 1450 O  O   . HOH B 2 .   ? 6.996   0.880   -9.556  1.00 19.70 ? 215 HOH A O   1 
HETATM 1451 O  O   . HOH B 2 .   ? 15.435  -22.109 -15.942 1.00 32.24 ? 216 HOH A O   1 
HETATM 1452 O  O   . HOH B 2 .   ? -44.565 17.008  24.347  1.00 25.07 ? 217 HOH A O   1 
HETATM 1453 O  O   . HOH B 2 .   ? 40.541  -20.529 -17.983 1.00 35.54 ? 218 HOH A O   1 
HETATM 1454 O  O   . HOH B 2 .   ? 17.247  -4.387  -1.257  1.00 27.41 ? 219 HOH A O   1 
# 
